data_8YI1
#
_entry.id   8YI1
#
_cell.length_a   57.274
_cell.length_b   89.635
_cell.length_c   99.062
_cell.angle_alpha   70.87
_cell.angle_beta   89.61
_cell.angle_gamma   89.69
#
_symmetry.space_group_name_H-M   'P 1'
#
loop_
_entity.id
_entity.type
_entity.pdbx_description
1 polymer 'BAHD acyltransferase Ep07g04462'
2 water water
#
_entity_poly.entity_id   1
_entity_poly.type   'polypeptide(L)'
_entity_poly.pdbx_seq_one_letter_code
;MEEINTRLTFTVRRCAPELIVPAEPTPRELKPLSDIDDQEILRCHQKAIQFFRADPKMRHKNPASVIREALAKLLVFYYP
FAGRIKESPVGKLMVDCTGEGVLFIEAEADVTLSQFGDPLQPPFPCIDELLYDVPGSSAILDAPIILYQVTRLSCGGFIL
AVRYNHAMTDAAGLLQFMSALGEIAGGATSPSIMPVWKRELLCSSDRPPIPITHDQIAAAKNETTQKSFFLTTTEISAFR
RYVPTHLQSCTTFELLTACIWRCHTIALQPDPEEEMNMIWPVNVRNKFKFDPPLPAGYYGNLLAFSVAMSSARDLCSKPL
GYALELVMKANHDVTKKKIGSVSDLLKPIKGPLPVRHDIVSDLIHGGHYSMEFGWGKATYTGPATGGIENNPGLTTYYVP
YTNNKGESGVVVPLLLRSAVMTRFVNEINNMLAQVQNNEAIQEHKSPASSKL
;
_entity_poly.pdbx_strand_id   A,B,C,D
#
# COMPACT_ATOMS: atom_id res chain seq x y z
N MET A 1 34.84 0.90 1.06
CA MET A 1 34.03 0.96 -0.15
C MET A 1 32.58 1.14 0.20
N GLU A 2 32.00 2.27 -0.16
CA GLU A 2 30.73 2.64 0.44
C GLU A 2 29.62 1.82 -0.21
N GLU A 3 28.74 1.22 0.60
CA GLU A 3 27.52 0.68 0.02
C GLU A 3 26.48 1.80 -0.09
N ILE A 4 25.85 1.91 -1.26
CA ILE A 4 24.75 2.84 -1.48
C ILE A 4 23.44 2.06 -1.36
N ASN A 5 22.51 2.60 -0.57
CA ASN A 5 21.22 1.95 -0.31
C ASN A 5 20.08 2.89 -0.64
N THR A 6 19.06 2.34 -1.27
CA THR A 6 17.86 3.09 -1.58
C THR A 6 16.85 2.80 -0.47
N ARG A 7 16.69 3.76 0.44
CA ARG A 7 15.71 3.61 1.51
C ARG A 7 14.28 3.90 1.05
N LEU A 8 14.07 4.22 -0.23
CA LEU A 8 12.75 4.53 -0.75
C LEU A 8 12.04 3.25 -1.18
N THR A 9 10.79 3.12 -0.80
CA THR A 9 9.94 2.10 -1.40
C THR A 9 8.54 2.66 -1.57
N PHE A 10 7.78 1.98 -2.42
CA PHE A 10 6.45 2.45 -2.79
C PHE A 10 5.72 1.28 -3.38
N THR A 11 4.42 1.43 -3.53
CA THR A 11 3.58 0.38 -4.07
C THR A 11 3.32 0.70 -5.53
N VAL A 12 3.48 -0.31 -6.37
CA VAL A 12 3.22 -0.22 -7.81
C VAL A 12 2.00 -1.10 -8.04
N ARG A 13 1.19 -0.72 -9.01
CA ARG A 13 0.13 -1.61 -9.48
C ARG A 13 0.07 -1.50 -10.98
N ARG A 14 0.09 -2.65 -11.66
CA ARG A 14 0.11 -2.66 -13.10
C ARG A 14 -1.10 -3.42 -13.65
N CYS A 15 -1.61 -2.94 -14.78
CA CYS A 15 -2.62 -3.67 -15.52
C CYS A 15 -2.03 -5.00 -15.97
N ALA A 16 -2.86 -5.85 -16.56
CA ALA A 16 -2.27 -7.09 -17.06
C ALA A 16 -1.55 -6.83 -18.38
N PRO A 17 -0.40 -7.49 -18.61
CA PRO A 17 0.40 -7.19 -19.81
C PRO A 17 -0.35 -7.46 -21.10
N GLU A 18 -0.07 -6.64 -22.10
CA GLU A 18 -0.74 -6.65 -23.40
C GLU A 18 0.29 -6.83 -24.51
N LEU A 19 -0.21 -7.14 -25.70
CA LEU A 19 0.64 -7.33 -26.89
C LEU A 19 0.35 -6.20 -27.87
N ILE A 20 1.39 -5.55 -28.37
CA ILE A 20 1.27 -4.41 -29.27
C ILE A 20 1.77 -4.85 -30.63
N VAL A 21 0.88 -4.88 -31.62
CA VAL A 21 1.22 -5.36 -32.96
C VAL A 21 1.38 -4.15 -33.86
N PRO A 22 2.03 -4.26 -35.02
CA PRO A 22 2.17 -3.09 -35.88
C PRO A 22 0.81 -2.68 -36.43
N ALA A 23 0.61 -1.37 -36.57
CA ALA A 23 -0.71 -0.83 -36.83
C ALA A 23 -1.17 -1.07 -38.27
N GLU A 24 -0.31 -1.62 -39.11
CA GLU A 24 -0.52 -1.72 -40.54
C GLU A 24 0.11 -3.03 -41.00
N PRO A 25 -0.39 -3.64 -42.07
CA PRO A 25 0.25 -4.86 -42.56
C PRO A 25 1.76 -4.67 -42.77
N THR A 26 2.54 -5.62 -42.26
CA THR A 26 3.99 -5.58 -42.37
C THR A 26 4.49 -6.88 -43.00
N PRO A 27 5.67 -6.85 -43.63
CA PRO A 27 6.22 -8.09 -44.21
C PRO A 27 6.21 -9.23 -43.21
N ARG A 28 5.71 -10.37 -43.66
CA ARG A 28 5.82 -11.62 -42.90
C ARG A 28 6.91 -12.43 -43.59
N GLU A 29 8.11 -12.40 -43.00
CA GLU A 29 9.26 -13.09 -43.55
C GLU A 29 10.17 -13.59 -42.44
N LEU A 30 11.15 -14.37 -42.86
CA LEU A 30 12.20 -14.88 -41.98
C LEU A 30 13.44 -14.02 -42.23
N LYS A 31 13.87 -13.30 -41.21
CA LYS A 31 15.01 -12.43 -41.42
C LYS A 31 16.21 -12.96 -40.65
N PRO A 32 17.36 -13.10 -41.31
CA PRO A 32 18.54 -13.66 -40.64
C PRO A 32 19.11 -12.70 -39.61
N LEU A 33 19.40 -13.22 -38.42
CA LEU A 33 20.23 -12.49 -37.47
C LEU A 33 21.70 -12.78 -37.77
N SER A 34 22.53 -11.79 -37.50
CA SER A 34 23.93 -11.82 -37.90
C SER A 34 24.76 -12.70 -36.96
N ASP A 35 25.97 -13.04 -37.41
CA ASP A 35 26.88 -13.82 -36.57
C ASP A 35 27.25 -13.06 -35.30
N ILE A 36 27.16 -11.73 -35.32
CA ILE A 36 27.39 -10.95 -34.10
C ILE A 36 26.19 -11.06 -33.18
N ASP A 37 24.97 -10.89 -33.72
CA ASP A 37 23.78 -10.93 -32.88
C ASP A 37 23.53 -12.29 -32.22
N ASP A 38 23.94 -13.40 -32.84
CA ASP A 38 23.49 -14.69 -32.36
C ASP A 38 24.58 -15.46 -31.61
N GLN A 39 25.68 -14.83 -31.25
CA GLN A 39 26.65 -15.54 -30.44
C GLN A 39 26.09 -15.80 -29.05
N GLU A 40 26.79 -16.66 -28.32
CA GLU A 40 26.24 -17.15 -27.06
C GLU A 40 26.08 -16.02 -26.05
N ILE A 41 27.07 -15.12 -25.97
CA ILE A 41 27.03 -14.12 -24.93
C ILE A 41 25.91 -13.10 -25.13
N LEU A 42 25.32 -13.06 -26.29
CA LEU A 42 24.21 -12.17 -26.48
C LEU A 42 22.84 -12.79 -26.28
N ARG A 43 22.77 -14.07 -25.97
CA ARG A 43 21.48 -14.72 -25.81
C ARG A 43 21.02 -14.44 -24.42
N CYS A 44 20.80 -13.19 -24.15
CA CYS A 44 20.39 -12.72 -22.86
C CYS A 44 19.45 -11.54 -23.08
N HIS A 45 18.88 -11.05 -22.00
CA HIS A 45 18.13 -9.80 -22.07
C HIS A 45 18.92 -8.70 -21.39
N GLN A 46 18.50 -7.48 -21.63
CA GLN A 46 19.08 -6.33 -20.95
C GLN A 46 17.97 -5.35 -20.62
N LYS A 47 18.21 -4.52 -19.60
CA LYS A 47 17.20 -3.63 -19.07
C LYS A 47 17.66 -2.17 -19.15
N ALA A 48 16.82 -1.30 -19.72
CA ALA A 48 17.06 0.14 -19.70
C ALA A 48 15.89 0.86 -19.04
N ILE A 49 16.12 2.11 -18.67
CA ILE A 49 15.09 2.88 -17.98
C ILE A 49 15.29 4.36 -18.29
N GLN A 50 14.17 5.08 -18.44
CA GLN A 50 14.17 6.54 -18.51
C GLN A 50 13.09 7.09 -17.59
N PHE A 51 13.41 8.24 -16.99
CA PHE A 51 12.49 8.99 -16.15
C PHE A 51 12.06 10.23 -16.89
N PHE A 52 10.77 10.54 -16.88
CA PHE A 52 10.27 11.75 -17.51
C PHE A 52 9.47 12.58 -16.52
N ARG A 53 9.78 13.88 -16.46
CA ARG A 53 9.06 14.81 -15.60
C ARG A 53 7.76 15.25 -16.26
N ALA A 54 6.81 15.65 -15.42
CA ALA A 54 5.54 16.19 -15.87
C ALA A 54 5.76 17.32 -16.87
N ASP A 55 4.86 17.44 -17.83
CA ASP A 55 4.86 18.60 -18.73
C ASP A 55 3.48 19.25 -18.71
N PRO A 56 3.37 20.48 -18.19
CA PRO A 56 2.04 21.07 -17.96
C PRO A 56 1.14 21.14 -19.19
N LYS A 57 1.72 21.37 -20.38
CA LYS A 57 0.85 21.44 -21.56
C LYS A 57 0.41 20.07 -22.03
N MET A 58 1.05 19.00 -21.55
CA MET A 58 0.63 17.65 -21.91
C MET A 58 -0.52 17.13 -21.07
N ARG A 59 -1.13 17.98 -20.24
CA ARG A 59 -2.36 17.63 -19.54
C ARG A 59 -3.37 17.04 -20.53
N HIS A 60 -4.25 16.17 -20.01
CA HIS A 60 -5.19 15.39 -20.80
C HIS A 60 -4.51 14.33 -21.66
N LYS A 61 -3.22 14.08 -21.47
CA LYS A 61 -2.51 13.07 -22.24
C LYS A 61 -1.86 12.08 -21.28
N ASN A 62 -2.45 10.90 -21.18
CA ASN A 62 -1.83 9.84 -20.41
C ASN A 62 -0.61 9.29 -21.16
N PRO A 63 0.55 9.24 -20.51
CA PRO A 63 1.77 8.84 -21.25
C PRO A 63 1.72 7.42 -21.79
N ALA A 64 1.11 6.48 -21.05
CA ALA A 64 1.03 5.10 -21.53
C ALA A 64 0.31 5.01 -22.88
N SER A 65 -0.77 5.78 -23.05
CA SER A 65 -1.54 5.75 -24.29
C SER A 65 -0.73 6.32 -25.45
N VAL A 66 -0.08 7.45 -25.22
CA VAL A 66 0.75 8.06 -26.26
C VAL A 66 1.81 7.08 -26.71
N ILE A 67 2.50 6.50 -25.74
CA ILE A 67 3.59 5.58 -26.07
C ILE A 67 3.05 4.37 -26.81
N ARG A 68 1.90 3.81 -26.39
CA ARG A 68 1.48 2.55 -27.02
C ARG A 68 0.91 2.76 -28.43
N GLU A 69 0.30 3.93 -28.69
CA GLU A 69 -0.06 4.28 -30.06
C GLU A 69 1.18 4.47 -30.93
N ALA A 70 2.19 5.18 -30.38
CA ALA A 70 3.44 5.36 -31.13
C ALA A 70 4.19 4.05 -31.32
N LEU A 71 4.11 3.12 -30.38
CA LEU A 71 4.72 1.81 -30.58
C LEU A 71 4.09 1.14 -31.78
N ALA A 72 2.74 1.08 -31.80
CA ALA A 72 2.03 0.48 -32.93
C ALA A 72 2.44 1.12 -34.25
N LYS A 73 2.58 2.44 -34.27
CA LYS A 73 2.90 3.11 -35.54
C LYS A 73 4.36 2.90 -35.93
N LEU A 74 5.26 2.88 -34.94
CA LEU A 74 6.67 2.69 -35.22
C LEU A 74 7.01 1.25 -35.58
N LEU A 75 6.25 0.29 -35.07
CA LEU A 75 6.51 -1.11 -35.41
C LEU A 75 6.19 -1.41 -36.87
N VAL A 76 5.54 -0.50 -37.60
CA VAL A 76 5.38 -0.68 -39.03
C VAL A 76 6.73 -0.64 -39.73
N PHE A 77 7.63 0.23 -39.25
CA PHE A 77 8.98 0.32 -39.78
C PHE A 77 9.92 -0.69 -39.14
N TYR A 78 9.91 -0.79 -37.81
CA TYR A 78 10.72 -1.77 -37.10
C TYR A 78 9.98 -3.09 -36.91
N TYR A 79 9.28 -3.58 -37.93
CA TYR A 79 8.37 -4.71 -37.74
C TYR A 79 9.04 -5.98 -37.21
N PRO A 80 10.32 -6.29 -37.49
CA PRO A 80 10.91 -7.48 -36.86
C PRO A 80 10.80 -7.45 -35.33
N PHE A 81 10.81 -6.27 -34.72
CA PHE A 81 10.72 -6.21 -33.26
C PHE A 81 9.42 -6.81 -32.74
N ALA A 82 8.40 -6.86 -33.59
CA ALA A 82 7.15 -7.51 -33.26
C ALA A 82 7.18 -8.99 -33.57
N GLY A 83 8.31 -9.51 -34.04
CA GLY A 83 8.42 -10.89 -34.43
C GLY A 83 8.79 -11.78 -33.26
N ARG A 84 9.20 -13.00 -33.60
CA ARG A 84 9.57 -14.03 -32.65
C ARG A 84 10.84 -14.68 -33.15
N ILE A 85 11.85 -14.83 -32.29
CA ILE A 85 13.11 -15.39 -32.76
C ILE A 85 13.04 -16.91 -32.68
N LYS A 86 13.57 -17.57 -33.70
CA LYS A 86 13.56 -19.03 -33.80
C LYS A 86 14.95 -19.54 -34.19
N GLU A 87 15.20 -20.81 -33.90
CA GLU A 87 16.50 -21.41 -34.17
C GLU A 87 16.37 -22.44 -35.29
N SER A 88 17.19 -22.28 -36.32
CA SER A 88 17.29 -23.19 -37.46
C SER A 88 18.30 -24.30 -37.19
N PRO A 89 18.55 -25.21 -38.14
CA PRO A 89 19.72 -26.08 -38.01
C PRO A 89 21.00 -25.28 -37.91
N VAL A 90 22.06 -25.96 -37.43
CA VAL A 90 23.36 -25.39 -37.10
C VAL A 90 23.26 -23.98 -36.51
N GLY A 91 22.42 -23.83 -35.49
CA GLY A 91 22.49 -22.73 -34.54
C GLY A 91 22.33 -21.30 -35.02
N LYS A 92 21.88 -21.11 -36.27
CA LYS A 92 21.61 -19.76 -36.73
C LYS A 92 20.27 -19.27 -36.21
N LEU A 93 20.23 -18.04 -35.72
CA LEU A 93 18.98 -17.48 -35.24
C LEU A 93 18.31 -16.69 -36.36
N MET A 94 16.98 -16.72 -36.36
CA MET A 94 16.15 -16.02 -37.32
C MET A 94 15.07 -15.25 -36.57
N VAL A 95 14.61 -14.15 -37.15
CA VAL A 95 13.41 -13.47 -36.68
C VAL A 95 12.28 -13.88 -37.60
N ASP A 96 11.32 -14.64 -37.08
CA ASP A 96 10.06 -14.90 -37.77
C ASP A 96 9.20 -13.66 -37.57
N CYS A 97 9.13 -12.82 -38.60
CA CYS A 97 8.36 -11.58 -38.56
C CYS A 97 6.88 -11.93 -38.65
N THR A 98 6.31 -12.29 -37.50
CA THR A 98 4.91 -12.72 -37.44
C THR A 98 3.95 -11.62 -37.02
N GLY A 99 4.45 -10.45 -36.61
CA GLY A 99 3.58 -9.42 -36.09
C GLY A 99 2.87 -9.77 -34.80
N GLU A 100 3.37 -10.74 -34.02
CA GLU A 100 2.68 -11.09 -32.78
C GLU A 100 2.82 -9.98 -31.74
N GLY A 101 3.78 -9.09 -31.89
CA GLY A 101 3.77 -7.86 -31.13
C GLY A 101 4.73 -7.90 -29.95
N VAL A 102 5.08 -6.70 -29.50
CA VAL A 102 5.93 -6.47 -28.34
C VAL A 102 5.07 -6.41 -27.08
N LEU A 103 5.64 -6.78 -25.94
CA LEU A 103 4.90 -6.76 -24.68
C LEU A 103 4.82 -5.34 -24.13
N PHE A 104 3.71 -5.04 -23.47
CA PHE A 104 3.47 -3.71 -22.93
C PHE A 104 2.75 -3.79 -21.59
N ILE A 105 3.11 -2.91 -20.67
CA ILE A 105 2.52 -2.87 -19.33
C ILE A 105 2.30 -1.42 -18.94
N GLU A 106 1.04 -1.06 -18.71
CA GLU A 106 0.68 0.23 -18.14
C GLU A 106 0.51 0.09 -16.63
N ALA A 107 1.17 0.96 -15.86
CA ALA A 107 1.14 0.86 -14.40
C ALA A 107 1.04 2.25 -13.78
N GLU A 108 0.79 2.26 -12.48
CA GLU A 108 0.79 3.46 -11.66
C GLU A 108 1.60 3.21 -10.38
N ALA A 109 2.23 4.27 -9.87
CA ALA A 109 2.99 4.17 -8.62
C ALA A 109 2.68 5.31 -7.66
N ASP A 110 2.51 4.95 -6.39
CA ASP A 110 2.27 5.91 -5.30
C ASP A 110 3.58 6.56 -4.88
N VAL A 111 4.20 7.24 -5.84
CA VAL A 111 5.49 7.86 -5.64
C VAL A 111 5.63 9.01 -6.62
N THR A 112 6.52 9.94 -6.28
CA THR A 112 6.76 11.12 -7.09
C THR A 112 8.16 11.06 -7.69
N LEU A 113 8.32 11.65 -8.87
CA LEU A 113 9.62 11.65 -9.53
C LEU A 113 10.70 12.25 -8.64
N SER A 114 10.41 13.38 -7.99
CA SER A 114 11.41 14.03 -7.15
C SER A 114 11.84 13.15 -5.97
N GLN A 115 11.02 12.18 -5.58
CA GLN A 115 11.46 11.32 -4.50
C GLN A 115 12.57 10.35 -4.90
N PHE A 116 12.93 10.26 -6.18
CA PHE A 116 14.04 9.39 -6.58
C PHE A 116 15.39 10.07 -6.41
N GLY A 117 15.40 11.35 -6.06
CA GLY A 117 16.62 12.06 -5.74
C GLY A 117 16.86 13.21 -6.70
N ASP A 118 17.80 14.06 -6.29
CA ASP A 118 18.28 15.13 -7.15
C ASP A 118 19.71 15.43 -6.77
N PRO A 119 20.69 15.01 -7.59
CA PRO A 119 20.49 14.37 -8.89
C PRO A 119 19.92 12.98 -8.75
N LEU A 120 19.21 12.43 -9.73
CA LEU A 120 18.76 11.06 -9.62
C LEU A 120 19.70 10.14 -10.39
N GLN A 121 20.15 9.10 -9.70
CA GLN A 121 21.19 8.19 -10.12
C GLN A 121 20.78 6.83 -9.59
N PRO A 122 21.34 5.74 -10.08
CA PRO A 122 21.14 4.43 -9.43
C PRO A 122 21.66 4.41 -8.00
N PRO A 123 21.35 3.36 -7.22
CA PRO A 123 20.43 2.28 -7.56
C PRO A 123 18.99 2.79 -7.62
N PHE A 124 18.13 2.08 -8.34
CA PHE A 124 16.75 2.50 -8.26
C PHE A 124 15.96 1.47 -7.49
N PRO A 125 15.04 1.91 -6.64
CA PRO A 125 14.21 0.98 -5.88
C PRO A 125 13.08 0.41 -6.72
N CYS A 126 12.56 -0.71 -6.23
CA CYS A 126 11.35 -1.35 -6.77
C CYS A 126 11.44 -1.60 -8.27
N ILE A 127 12.65 -1.79 -8.78
CA ILE A 127 12.82 -1.92 -10.22
C ILE A 127 12.18 -3.21 -10.75
N ASP A 128 12.14 -4.28 -9.96
CA ASP A 128 11.44 -5.50 -10.37
C ASP A 128 9.95 -5.26 -10.57
N GLU A 129 9.39 -4.25 -9.91
CA GLU A 129 8.00 -3.87 -10.10
C GLU A 129 7.82 -2.80 -11.16
N LEU A 130 8.86 -2.04 -11.45
CA LEU A 130 8.78 -1.03 -12.50
C LEU A 130 9.06 -1.60 -13.88
N LEU A 131 9.60 -2.85 -13.97
CA LEU A 131 9.82 -3.58 -15.24
C LEU A 131 9.50 -5.05 -14.95
N TYR A 132 8.21 -5.36 -14.91
CA TYR A 132 7.76 -6.68 -14.44
C TYR A 132 8.17 -7.77 -15.43
N ASP A 133 8.73 -8.85 -14.88
CA ASP A 133 9.16 -10.03 -15.63
C ASP A 133 7.96 -10.95 -15.81
N VAL A 134 7.23 -10.76 -16.92
CA VAL A 134 6.06 -11.59 -17.20
C VAL A 134 6.52 -13.02 -17.45
N PRO A 135 5.82 -14.02 -16.93
CA PRO A 135 6.31 -15.41 -17.03
C PRO A 135 6.48 -15.88 -18.47
N GLY A 136 7.55 -16.64 -18.71
CA GLY A 136 7.87 -17.17 -20.03
C GLY A 136 8.47 -16.19 -21.00
N SER A 137 8.51 -14.89 -20.66
CA SER A 137 9.06 -13.88 -21.56
C SER A 137 10.56 -13.77 -21.43
N SER A 138 11.12 -14.30 -20.36
CA SER A 138 12.57 -14.40 -20.17
C SER A 138 13.19 -15.34 -21.20
N ALA A 139 12.39 -15.86 -22.12
CA ALA A 139 12.90 -16.80 -23.10
C ALA A 139 13.49 -16.05 -24.29
N ILE A 140 14.53 -16.64 -24.88
CA ILE A 140 15.16 -16.08 -26.09
C ILE A 140 14.32 -16.40 -27.33
N LEU A 141 13.84 -17.63 -27.43
CA LEU A 141 13.12 -18.13 -28.60
C LEU A 141 11.61 -18.14 -28.34
N ASP A 142 10.83 -17.78 -29.36
CA ASP A 142 9.37 -17.83 -29.32
C ASP A 142 8.77 -16.92 -28.25
N ALA A 143 9.48 -15.89 -27.80
CA ALA A 143 8.94 -14.98 -26.81
C ALA A 143 8.97 -13.57 -27.37
N PRO A 144 8.08 -12.70 -26.91
CA PRO A 144 8.11 -11.30 -27.39
C PRO A 144 9.49 -10.70 -27.17
N ILE A 145 9.98 -10.02 -28.20
CA ILE A 145 11.38 -9.63 -28.25
C ILE A 145 11.67 -8.46 -27.33
N ILE A 146 10.69 -7.60 -27.08
CA ILE A 146 10.92 -6.43 -26.26
C ILE A 146 9.68 -6.21 -25.40
N LEU A 147 9.91 -5.59 -24.23
CA LEU A 147 8.89 -5.38 -23.23
C LEU A 147 9.00 -3.95 -22.70
N TYR A 148 7.88 -3.22 -22.70
CA TYR A 148 7.83 -1.88 -22.14
C TYR A 148 6.95 -1.85 -20.90
N GLN A 149 7.37 -1.10 -19.89
CA GLN A 149 6.49 -0.71 -18.79
C GLN A 149 6.52 0.80 -18.63
N VAL A 150 5.34 1.41 -18.80
CA VAL A 150 5.12 2.84 -18.55
C VAL A 150 4.44 2.94 -17.21
N THR A 151 5.18 3.37 -16.20
CA THR A 151 4.61 3.59 -14.88
C THR A 151 4.36 5.07 -14.68
N ARG A 152 3.10 5.45 -14.46
CA ARG A 152 2.76 6.84 -14.20
C ARG A 152 3.05 7.22 -12.77
N LEU A 153 3.62 8.40 -12.57
CA LEU A 153 4.00 8.87 -11.25
C LEU A 153 3.01 9.91 -10.73
N SER A 154 2.92 10.01 -9.40
CA SER A 154 1.91 10.86 -8.76
C SER A 154 2.07 12.32 -9.15
N CYS A 155 3.29 12.73 -9.51
CA CYS A 155 3.50 14.10 -9.96
C CYS A 155 3.05 14.31 -11.40
N GLY A 156 2.47 13.29 -12.05
CA GLY A 156 2.22 13.34 -13.47
C GLY A 156 3.39 12.94 -14.35
N GLY A 157 4.60 12.79 -13.80
CA GLY A 157 5.73 12.28 -14.56
C GLY A 157 5.52 10.79 -14.81
N PHE A 158 6.51 10.11 -15.42
CA PHE A 158 6.34 8.69 -15.67
C PHE A 158 7.69 8.02 -15.93
N ILE A 159 7.66 6.70 -15.91
CA ILE A 159 8.84 5.87 -16.04
C ILE A 159 8.66 4.98 -17.26
N LEU A 160 9.68 4.91 -18.09
CA LEU A 160 9.67 4.11 -19.31
C LEU A 160 10.79 3.09 -19.14
N ALA A 161 10.41 1.87 -18.80
CA ALA A 161 11.35 0.77 -18.54
C ALA A 161 11.27 -0.22 -19.70
N VAL A 162 12.41 -0.71 -20.15
CA VAL A 162 12.43 -1.62 -21.30
C VAL A 162 13.30 -2.82 -21.01
N ARG A 163 12.79 -4.02 -21.29
CA ARG A 163 13.65 -5.19 -21.36
C ARG A 163 13.64 -5.72 -22.79
N TYR A 164 14.84 -5.88 -23.37
CA TYR A 164 14.91 -6.37 -24.75
C TYR A 164 15.88 -7.54 -24.89
N ASN A 165 15.61 -8.33 -25.93
CA ASN A 165 16.37 -9.53 -26.27
C ASN A 165 17.66 -9.07 -26.96
N HIS A 166 18.80 -9.27 -26.28
CA HIS A 166 20.05 -8.67 -26.75
C HIS A 166 20.51 -9.29 -28.07
N ALA A 167 19.95 -10.43 -28.45
CA ALA A 167 20.19 -10.92 -29.79
C ALA A 167 19.62 -9.97 -30.85
N MET A 168 18.58 -9.21 -30.50
CA MET A 168 17.93 -8.41 -31.53
C MET A 168 18.71 -7.13 -31.82
N THR A 169 19.13 -6.43 -30.77
CA THR A 169 19.78 -5.13 -30.93
C THR A 169 20.77 -4.97 -29.79
N ASP A 170 21.67 -3.99 -29.90
CA ASP A 170 22.47 -3.55 -28.76
C ASP A 170 21.90 -2.23 -28.21
N ALA A 171 22.53 -1.72 -27.15
CA ALA A 171 22.13 -0.41 -26.60
C ALA A 171 22.04 0.66 -27.68
N ALA A 172 22.96 0.66 -28.63
CA ALA A 172 22.95 1.69 -29.67
C ALA A 172 21.76 1.53 -30.59
N GLY A 173 21.46 0.30 -30.98
CA GLY A 173 20.32 0.06 -31.85
C GLY A 173 19.02 0.45 -31.18
N LEU A 174 18.85 0.03 -29.92
CA LEU A 174 17.68 0.42 -29.16
C LEU A 174 17.59 1.93 -29.02
N LEU A 175 18.72 2.64 -28.99
CA LEU A 175 18.65 4.10 -28.91
C LEU A 175 18.13 4.70 -30.21
N GLN A 176 18.62 4.20 -31.35
CA GLN A 176 18.05 4.63 -32.62
C GLN A 176 16.55 4.35 -32.66
N PHE A 177 16.14 3.19 -32.17
CA PHE A 177 14.73 2.83 -32.12
C PHE A 177 13.92 3.72 -31.15
N MET A 178 14.43 3.97 -29.94
CA MET A 178 13.70 4.79 -28.99
C MET A 178 13.62 6.24 -29.46
N SER A 179 14.62 6.70 -30.21
CA SER A 179 14.56 8.01 -30.81
C SER A 179 13.55 8.05 -31.95
N ALA A 180 13.39 6.94 -32.67
CA ALA A 180 12.31 6.87 -33.65
C ALA A 180 10.95 6.87 -32.96
N LEU A 181 10.84 6.18 -31.82
CA LEU A 181 9.62 6.24 -31.02
C LEU A 181 9.32 7.67 -30.57
N GLY A 182 10.35 8.38 -30.09
CA GLY A 182 10.16 9.76 -29.68
C GLY A 182 9.68 10.63 -30.82
N GLU A 183 10.26 10.45 -32.01
CA GLU A 183 9.84 11.19 -33.20
C GLU A 183 8.39 10.93 -33.55
N ILE A 184 7.99 9.65 -33.58
CA ILE A 184 6.62 9.32 -33.96
C ILE A 184 5.64 9.88 -32.93
N ALA A 185 5.92 9.72 -31.64
CA ALA A 185 5.06 10.34 -30.64
C ALA A 185 5.09 11.86 -30.74
N GLY A 186 6.19 12.42 -31.26
CA GLY A 186 6.24 13.83 -31.59
C GLY A 186 5.34 14.23 -32.73
N GLY A 187 4.80 13.27 -33.49
CA GLY A 187 3.94 13.54 -34.61
C GLY A 187 4.55 13.25 -35.97
N ALA A 188 5.77 12.74 -36.01
CA ALA A 188 6.45 12.51 -37.28
C ALA A 188 5.71 11.49 -38.14
N THR A 189 5.88 11.62 -39.46
CA THR A 189 5.29 10.66 -40.39
C THR A 189 6.01 9.33 -40.31
N SER A 190 7.32 9.38 -40.23
CA SER A 190 8.19 8.23 -40.29
C SER A 190 9.48 8.58 -39.57
N PRO A 191 10.36 7.62 -39.34
CA PRO A 191 11.65 7.95 -38.71
C PRO A 191 12.53 8.78 -39.64
N SER A 192 13.39 9.61 -39.04
CA SER A 192 14.37 10.36 -39.82
C SER A 192 15.40 9.41 -40.42
N ILE A 193 15.98 8.54 -39.58
CA ILE A 193 16.81 7.45 -40.05
C ILE A 193 15.87 6.30 -40.39
N MET A 194 15.77 5.96 -41.66
CA MET A 194 14.91 4.85 -42.03
C MET A 194 15.66 3.56 -41.75
N PRO A 195 15.19 2.72 -40.83
CA PRO A 195 15.96 1.53 -40.47
C PRO A 195 16.09 0.59 -41.65
N VAL A 196 17.14 -0.23 -41.60
CA VAL A 196 17.32 -1.32 -42.55
C VAL A 196 17.70 -2.57 -41.74
N TRP A 197 17.73 -3.70 -42.44
CA TRP A 197 18.16 -4.96 -41.86
C TRP A 197 19.61 -5.19 -42.27
N LYS A 198 19.82 -5.78 -43.45
CA LYS A 198 21.15 -5.97 -44.01
C LYS A 198 22.06 -6.80 -43.10
N ARG A 199 21.49 -7.56 -42.17
CA ARG A 199 22.33 -8.29 -41.25
C ARG A 199 23.09 -9.42 -41.95
N GLU A 200 22.74 -9.71 -43.21
CA GLU A 200 23.55 -10.64 -44.00
C GLU A 200 24.98 -10.17 -44.12
N LEU A 201 25.23 -8.86 -43.95
CA LEU A 201 26.59 -8.36 -44.02
C LEU A 201 27.47 -8.97 -42.93
N LEU A 202 26.89 -9.31 -41.77
CA LEU A 202 27.64 -9.94 -40.69
C LEU A 202 27.39 -11.44 -40.60
N CYS A 203 26.75 -12.03 -41.60
CA CYS A 203 26.69 -13.47 -41.74
C CYS A 203 27.85 -13.92 -42.60
N SER A 204 28.49 -15.03 -42.21
CA SER A 204 29.64 -15.58 -42.91
C SER A 204 29.29 -16.99 -43.39
N SER A 205 28.84 -17.09 -44.64
CA SER A 205 28.41 -18.36 -45.20
C SER A 205 29.61 -19.13 -45.76
N GLU A 223 19.62 -17.33 -1.74
CA GLU A 223 20.98 -17.24 -1.22
C GLU A 223 21.66 -15.99 -1.79
N THR A 224 21.18 -15.57 -2.96
CA THR A 224 21.78 -14.48 -3.71
C THR A 224 21.44 -13.13 -3.08
N THR A 225 22.20 -12.10 -3.48
CA THR A 225 22.02 -10.78 -2.89
C THR A 225 22.44 -9.69 -3.88
N GLN A 226 21.60 -8.66 -3.99
CA GLN A 226 21.83 -7.43 -4.73
C GLN A 226 22.49 -6.42 -3.80
N LYS A 227 23.19 -5.44 -4.38
CA LYS A 227 23.92 -4.42 -3.64
C LYS A 227 24.51 -3.47 -4.66
N SER A 228 24.72 -2.21 -4.27
CA SER A 228 25.42 -1.28 -5.14
C SER A 228 26.52 -0.62 -4.33
N PHE A 229 27.73 -0.53 -4.89
CA PHE A 229 28.82 0.07 -4.13
C PHE A 229 29.47 1.24 -4.86
N PHE A 230 30.01 2.16 -4.09
CA PHE A 230 30.54 3.43 -4.57
C PHE A 230 32.02 3.50 -4.25
N LEU A 231 32.81 3.72 -5.32
CA LEU A 231 34.22 4.06 -5.24
C LEU A 231 34.40 5.46 -5.81
N THR A 232 35.05 6.32 -5.05
CA THR A 232 35.29 7.68 -5.51
C THR A 232 36.51 7.72 -6.41
N THR A 233 36.54 8.76 -7.26
CA THR A 233 37.62 8.92 -8.22
C THR A 233 38.98 8.95 -7.54
N THR A 234 39.05 9.51 -6.33
CA THR A 234 40.32 9.54 -5.63
C THR A 234 40.81 8.11 -5.34
N GLU A 235 39.91 7.21 -4.93
CA GLU A 235 40.31 5.83 -4.66
C GLU A 235 40.82 5.14 -5.92
N ILE A 236 40.13 5.37 -7.05
CA ILE A 236 40.52 4.79 -8.34
C ILE A 236 41.92 5.27 -8.74
N SER A 237 42.14 6.58 -8.70
CA SER A 237 43.44 7.10 -9.10
C SER A 237 44.53 6.66 -8.12
N ALA A 238 44.18 6.55 -6.84
CA ALA A 238 45.10 6.02 -5.84
C ALA A 238 45.59 4.64 -6.25
N PHE A 239 44.66 3.77 -6.64
CA PHE A 239 45.04 2.51 -7.28
C PHE A 239 46.08 2.75 -8.37
N ARG A 240 45.74 3.60 -9.35
CA ARG A 240 46.64 3.87 -10.48
C ARG A 240 48.06 4.22 -10.02
N ARG A 241 48.21 4.72 -8.80
CA ARG A 241 49.56 5.00 -8.31
C ARG A 241 50.32 3.73 -7.91
N TYR A 242 49.63 2.69 -7.46
CA TYR A 242 50.36 1.53 -6.96
C TYR A 242 50.21 0.35 -7.90
N VAL A 243 50.38 0.65 -9.17
CA VAL A 243 50.53 -0.34 -10.22
C VAL A 243 51.84 0.06 -10.87
N PRO A 244 52.56 -0.87 -11.50
CA PRO A 244 53.85 -0.49 -12.09
C PRO A 244 53.70 0.68 -13.05
N THR A 245 54.74 1.51 -13.09
CA THR A 245 54.71 2.68 -13.95
C THR A 245 54.40 2.31 -15.39
N HIS A 246 54.86 1.15 -15.84
CA HIS A 246 54.63 0.76 -17.23
C HIS A 246 53.19 0.40 -17.50
N LEU A 247 52.35 0.30 -16.46
CA LEU A 247 50.92 0.09 -16.61
C LEU A 247 50.09 1.33 -16.25
N GLN A 248 50.73 2.47 -15.95
CA GLN A 248 50.00 3.63 -15.46
C GLN A 248 49.17 4.32 -16.53
N SER A 249 49.39 4.04 -17.82
CA SER A 249 48.51 4.53 -18.88
C SER A 249 47.12 3.91 -18.82
N CYS A 250 46.81 3.11 -17.80
CA CYS A 250 45.55 2.36 -17.76
C CYS A 250 44.36 3.30 -17.63
N THR A 251 43.27 2.89 -18.24
CA THR A 251 41.99 3.57 -18.10
C THR A 251 41.41 3.32 -16.71
N THR A 252 40.64 4.28 -16.21
CA THR A 252 39.78 4.02 -15.07
C THR A 252 39.02 2.72 -15.24
N PHE A 253 38.51 2.50 -16.45
CA PHE A 253 37.73 1.29 -16.71
C PHE A 253 38.58 0.05 -16.54
N GLU A 254 39.79 0.07 -17.13
CA GLU A 254 40.73 -1.02 -17.04
C GLU A 254 41.14 -1.32 -15.59
N LEU A 255 41.48 -0.28 -14.83
CA LEU A 255 41.88 -0.45 -13.44
C LEU A 255 40.72 -1.00 -12.60
N LEU A 256 39.52 -0.48 -12.82
CA LEU A 256 38.36 -0.98 -12.09
C LEU A 256 38.08 -2.44 -12.43
N THR A 257 38.26 -2.80 -13.70
CA THR A 257 37.95 -4.15 -14.16
C THR A 257 38.99 -5.16 -13.67
N ALA A 258 40.26 -4.77 -13.65
CA ALA A 258 41.29 -5.62 -13.08
C ALA A 258 41.08 -5.81 -11.56
N CYS A 259 40.74 -4.73 -10.86
CA CYS A 259 40.35 -4.87 -9.45
C CYS A 259 39.21 -5.86 -9.29
N ILE A 260 38.09 -5.63 -9.99
CA ILE A 260 36.92 -6.47 -9.80
C ILE A 260 37.24 -7.91 -10.10
N TRP A 261 37.93 -8.16 -11.23
CA TRP A 261 38.23 -9.52 -11.66
C TRP A 261 39.07 -10.27 -10.63
N ARG A 262 40.13 -9.62 -10.17
CA ARG A 262 41.00 -10.24 -9.20
C ARG A 262 40.32 -10.44 -7.85
N CYS A 263 39.59 -9.42 -7.36
CA CYS A 263 38.86 -9.57 -6.09
C CYS A 263 37.78 -10.63 -6.18
N HIS A 264 37.03 -10.67 -7.28
CA HIS A 264 35.99 -11.67 -7.41
C HIS A 264 36.58 -13.07 -7.43
N THR A 265 37.68 -13.26 -8.20
CA THR A 265 38.33 -14.57 -8.25
C THR A 265 38.82 -15.01 -6.88
N ILE A 266 39.48 -14.11 -6.14
CA ILE A 266 39.91 -14.42 -4.78
C ILE A 266 38.71 -14.75 -3.91
N ALA A 267 37.56 -14.12 -4.17
CA ALA A 267 36.37 -14.45 -3.41
C ALA A 267 35.82 -15.81 -3.80
N LEU A 268 35.88 -16.14 -5.08
CA LEU A 268 35.29 -17.40 -5.53
C LEU A 268 36.09 -18.58 -5.05
N GLN A 269 37.39 -18.37 -4.90
CA GLN A 269 38.42 -19.36 -4.63
C GLN A 269 38.23 -20.60 -5.50
N PRO A 270 38.39 -20.50 -6.80
CA PRO A 270 38.15 -21.64 -7.68
C PRO A 270 39.31 -22.64 -7.63
N ASP A 271 39.15 -23.74 -8.35
CA ASP A 271 40.26 -24.67 -8.47
C ASP A 271 41.44 -23.94 -9.12
N PRO A 272 42.66 -24.20 -8.65
CA PRO A 272 43.81 -23.34 -9.06
C PRO A 272 43.99 -23.27 -10.58
N GLU A 273 43.63 -24.31 -11.30
CA GLU A 273 43.90 -24.37 -12.73
C GLU A 273 42.70 -23.97 -13.57
N GLU A 274 41.60 -23.53 -12.97
CA GLU A 274 40.45 -23.16 -13.78
C GLU A 274 40.70 -21.84 -14.49
N GLU A 275 40.13 -21.72 -15.69
CA GLU A 275 40.38 -20.59 -16.56
C GLU A 275 39.35 -19.51 -16.31
N MET A 276 39.83 -18.42 -15.73
CA MET A 276 39.03 -17.27 -15.32
C MET A 276 39.01 -16.25 -16.44
N ASN A 277 37.81 -15.88 -16.87
CA ASN A 277 37.66 -14.95 -17.98
C ASN A 277 36.95 -13.68 -17.52
N MET A 278 37.47 -12.56 -17.98
CA MET A 278 36.85 -11.25 -17.83
C MET A 278 36.59 -10.69 -19.22
N ILE A 279 35.33 -10.36 -19.49
CA ILE A 279 34.84 -10.08 -20.83
C ILE A 279 34.10 -8.76 -20.82
N TRP A 280 34.30 -7.93 -21.86
CA TRP A 280 33.54 -6.69 -21.93
C TRP A 280 33.36 -6.24 -23.38
N PRO A 281 32.23 -5.61 -23.69
CA PRO A 281 31.97 -5.12 -25.05
C PRO A 281 32.65 -3.80 -25.35
N VAL A 282 32.79 -3.55 -26.66
CA VAL A 282 33.41 -2.36 -27.23
C VAL A 282 32.52 -1.89 -28.37
N ASN A 283 32.01 -0.67 -28.27
CA ASN A 283 31.30 -0.04 -29.37
C ASN A 283 32.33 0.34 -30.43
N VAL A 284 32.16 -0.18 -31.66
CA VAL A 284 33.15 0.01 -32.72
C VAL A 284 32.81 1.16 -33.67
N ARG A 285 31.64 1.79 -33.51
CA ARG A 285 31.20 2.83 -34.45
C ARG A 285 32.20 3.98 -34.51
N ASN A 286 32.66 4.44 -33.35
CA ASN A 286 33.67 5.48 -33.24
C ASN A 286 35.04 5.04 -33.73
N LYS A 287 35.31 3.74 -33.75
CA LYS A 287 36.67 3.24 -33.79
C LYS A 287 37.12 2.90 -35.21
N PHE A 288 36.45 1.95 -35.86
CA PHE A 288 36.92 1.47 -37.14
C PHE A 288 36.40 2.37 -38.25
N LYS A 289 36.93 2.18 -39.46
CA LYS A 289 36.42 2.88 -40.64
C LYS A 289 36.12 1.80 -41.68
N PHE A 290 34.89 1.28 -41.64
CA PHE A 290 34.51 0.15 -42.47
C PHE A 290 34.57 0.52 -43.95
N ASP A 291 35.34 -0.26 -44.73
CA ASP A 291 35.61 0.14 -46.10
C ASP A 291 34.37 0.05 -46.99
N PRO A 292 33.60 -1.04 -46.99
CA PRO A 292 32.17 -0.90 -47.27
C PRO A 292 31.45 -0.41 -46.01
N PRO A 293 31.18 0.89 -45.91
CA PRO A 293 30.61 1.44 -44.68
C PRO A 293 29.26 0.81 -44.36
N LEU A 294 28.84 0.97 -43.11
CA LEU A 294 27.61 0.36 -42.65
C LEU A 294 26.40 1.06 -43.25
N PRO A 295 25.30 0.34 -43.43
CA PRO A 295 24.06 0.97 -43.89
C PRO A 295 23.56 2.02 -42.90
N ALA A 296 22.83 3.01 -43.44
CA ALA A 296 22.48 4.20 -42.67
C ALA A 296 21.61 3.88 -41.46
N GLY A 297 20.75 2.88 -41.56
CA GLY A 297 19.84 2.61 -40.45
C GLY A 297 20.06 1.28 -39.75
N TYR A 298 21.27 0.72 -39.86
CA TYR A 298 21.55 -0.58 -39.24
C TYR A 298 21.23 -0.55 -37.76
N TYR A 299 20.68 -1.64 -37.26
CA TYR A 299 20.39 -1.63 -35.83
C TYR A 299 20.60 -2.98 -35.16
N GLY A 300 21.31 -3.89 -35.78
CA GLY A 300 21.70 -5.08 -35.07
C GLY A 300 22.91 -4.81 -34.22
N ASN A 301 23.42 -5.88 -33.67
CA ASN A 301 24.56 -5.75 -32.78
C ASN A 301 25.79 -5.37 -33.58
N LEU A 302 26.53 -4.39 -33.05
CA LEU A 302 27.83 -4.03 -33.58
C LEU A 302 28.84 -3.93 -32.45
N LEU A 303 28.79 -4.88 -31.52
CA LEU A 303 29.70 -4.90 -30.38
C LEU A 303 30.86 -5.85 -30.67
N ALA A 304 32.07 -5.36 -30.48
CA ALA A 304 33.17 -6.31 -30.36
C ALA A 304 33.30 -6.71 -28.90
N PHE A 305 33.95 -7.83 -28.63
CA PHE A 305 34.12 -8.25 -27.25
C PHE A 305 35.58 -8.55 -26.99
N SER A 306 36.12 -7.95 -25.94
CA SER A 306 37.49 -8.33 -25.60
C SER A 306 37.46 -9.25 -24.38
N VAL A 307 38.39 -10.21 -24.39
CA VAL A 307 38.42 -11.31 -23.45
C VAL A 307 39.80 -11.36 -22.82
N ALA A 308 39.85 -11.27 -21.49
CA ALA A 308 41.07 -11.46 -20.72
C ALA A 308 40.95 -12.75 -19.89
N MET A 309 41.96 -13.60 -19.93
CA MET A 309 41.85 -14.94 -19.36
C MET A 309 43.12 -15.30 -18.60
N SER A 310 42.95 -15.95 -17.45
CA SER A 310 44.08 -16.38 -16.62
C SER A 310 43.67 -17.58 -15.81
N SER A 311 44.66 -18.39 -15.42
CA SER A 311 44.42 -19.38 -14.39
C SER A 311 43.98 -18.70 -13.09
N ALA A 312 43.14 -19.39 -12.31
CA ALA A 312 42.78 -18.86 -10.99
C ALA A 312 44.02 -18.64 -10.15
N ARG A 313 45.02 -19.54 -10.28
CA ARG A 313 46.19 -19.48 -9.41
C ARG A 313 47.07 -18.28 -9.72
N ASP A 314 47.21 -17.91 -11.00
CA ASP A 314 48.00 -16.74 -11.34
C ASP A 314 47.27 -15.46 -10.96
N LEU A 315 45.95 -15.38 -11.17
CA LEU A 315 45.21 -14.21 -10.75
C LEU A 315 45.35 -13.96 -9.25
N CYS A 316 45.18 -15.02 -8.43
CA CYS A 316 45.20 -14.80 -6.98
C CYS A 316 46.62 -14.72 -6.43
N SER A 317 47.61 -15.27 -7.14
CA SER A 317 49.00 -15.35 -6.68
C SER A 317 49.81 -14.11 -6.99
N LYS A 318 49.47 -13.39 -8.03
CA LYS A 318 50.30 -12.29 -8.45
C LYS A 318 49.64 -10.95 -8.14
N PRO A 319 50.41 -9.88 -8.05
CA PRO A 319 49.83 -8.57 -7.70
C PRO A 319 48.84 -8.06 -8.74
N LEU A 320 48.21 -6.92 -8.43
CA LEU A 320 47.21 -6.32 -9.30
C LEU A 320 47.75 -5.99 -10.69
N GLY A 321 49.06 -5.70 -10.78
CA GLY A 321 49.65 -5.40 -12.07
C GLY A 321 49.51 -6.55 -13.07
N TYR A 322 49.55 -7.79 -12.60
CA TYR A 322 49.34 -8.94 -13.48
C TYR A 322 47.98 -8.86 -14.19
N ALA A 323 46.89 -8.81 -13.38
CA ALA A 323 45.54 -8.69 -13.90
C ALA A 323 45.37 -7.45 -14.77
N LEU A 324 46.00 -6.35 -14.36
CA LEU A 324 45.80 -5.11 -15.08
C LEU A 324 46.41 -5.19 -16.46
N GLU A 325 47.63 -5.76 -16.56
CA GLU A 325 48.24 -5.91 -17.87
C GLU A 325 47.37 -6.78 -18.75
N LEU A 326 46.80 -7.85 -18.18
CA LEU A 326 45.95 -8.71 -19.00
C LEU A 326 44.72 -7.96 -19.51
N VAL A 327 44.16 -7.08 -18.70
CA VAL A 327 42.95 -6.36 -19.07
C VAL A 327 43.25 -5.33 -20.16
N MET A 328 44.29 -4.55 -19.94
CA MET A 328 44.71 -3.54 -20.90
C MET A 328 45.10 -4.16 -22.25
N LYS A 329 45.85 -5.27 -22.26
CA LYS A 329 46.22 -5.86 -23.55
C LYS A 329 45.01 -6.49 -24.24
N ALA A 330 44.10 -7.09 -23.48
CA ALA A 330 42.86 -7.56 -24.09
C ALA A 330 42.06 -6.40 -24.67
N ASN A 331 42.17 -5.22 -24.08
CA ASN A 331 41.43 -4.07 -24.58
C ASN A 331 41.95 -3.56 -25.91
N HIS A 332 43.10 -4.04 -26.37
CA HIS A 332 43.63 -3.69 -27.68
C HIS A 332 43.72 -4.85 -28.65
N ASP A 333 43.43 -6.08 -28.22
CA ASP A 333 43.29 -7.14 -29.22
C ASP A 333 42.21 -6.78 -30.25
N VAL A 334 41.10 -6.17 -29.80
CA VAL A 334 39.97 -5.91 -30.70
C VAL A 334 40.08 -4.59 -31.45
N THR A 335 40.88 -3.63 -30.95
CA THR A 335 41.06 -2.29 -31.51
C THR A 335 42.19 -2.19 -32.54
N LYS A 336 42.98 -3.26 -32.74
CA LYS A 336 44.28 -3.14 -33.39
C LYS A 336 44.22 -3.18 -34.92
N LYS A 337 43.15 -3.74 -35.49
CA LYS A 337 42.96 -3.76 -36.93
C LYS A 337 41.79 -2.83 -37.26
N LYS A 338 42.07 -1.76 -38.02
CA LYS A 338 41.19 -0.60 -38.03
C LYS A 338 40.41 -0.36 -39.32
N ILE A 339 40.88 -0.80 -40.50
CA ILE A 339 40.16 -0.49 -41.73
C ILE A 339 39.92 -1.77 -42.52
N GLY A 340 38.77 -1.83 -43.18
CA GLY A 340 38.33 -3.00 -43.91
C GLY A 340 36.83 -3.19 -43.73
N SER A 341 36.36 -4.38 -44.10
CA SER A 341 34.94 -4.65 -44.03
C SER A 341 34.47 -4.85 -42.59
N VAL A 342 33.15 -4.79 -42.42
CA VAL A 342 32.54 -5.15 -41.14
C VAL A 342 32.81 -6.61 -40.82
N SER A 343 32.62 -7.49 -41.79
CA SER A 343 32.97 -8.90 -41.61
C SER A 343 34.45 -9.11 -41.36
N ASP A 344 35.28 -8.14 -41.75
CA ASP A 344 36.71 -8.22 -41.46
C ASP A 344 36.99 -7.86 -40.01
N LEU A 345 36.43 -6.74 -39.55
CA LEU A 345 36.81 -6.18 -38.27
C LEU A 345 35.91 -6.63 -37.12
N LEU A 346 34.72 -7.14 -37.40
CA LEU A 346 33.73 -7.48 -36.37
C LEU A 346 33.50 -8.99 -36.38
N LYS A 347 33.92 -9.65 -35.32
CA LYS A 347 33.77 -11.09 -35.22
C LYS A 347 33.07 -11.44 -33.92
N PRO A 348 32.33 -12.55 -33.88
CA PRO A 348 31.82 -13.05 -32.61
C PRO A 348 32.97 -13.56 -31.75
N ILE A 349 32.69 -13.77 -30.46
CA ILE A 349 33.64 -14.46 -29.62
C ILE A 349 33.83 -15.85 -30.20
N LYS A 350 35.05 -16.38 -30.07
CA LYS A 350 35.51 -17.56 -30.79
C LYS A 350 34.72 -18.82 -30.47
N GLY A 351 34.72 -19.28 -29.23
CA GLY A 351 34.15 -20.57 -28.94
C GLY A 351 32.87 -20.47 -28.14
N PRO A 352 32.46 -21.59 -27.54
CA PRO A 352 31.48 -21.50 -26.47
C PRO A 352 32.08 -20.69 -25.34
N LEU A 353 31.21 -19.99 -24.63
CA LEU A 353 31.67 -19.21 -23.51
C LEU A 353 32.32 -20.13 -22.49
N PRO A 354 33.42 -19.72 -21.87
CA PRO A 354 34.00 -20.52 -20.79
C PRO A 354 33.02 -20.71 -19.65
N VAL A 355 33.18 -21.84 -18.97
CA VAL A 355 32.58 -22.11 -17.66
C VAL A 355 32.63 -20.87 -16.78
N ARG A 356 33.80 -20.25 -16.73
CA ARG A 356 34.16 -19.21 -15.77
C ARG A 356 34.32 -17.90 -16.54
N HIS A 357 33.30 -17.06 -16.55
CA HIS A 357 33.45 -15.77 -17.20
C HIS A 357 32.68 -14.67 -16.48
N ASP A 358 33.31 -13.53 -16.28
CA ASP A 358 32.65 -12.38 -15.73
C ASP A 358 32.43 -11.39 -16.85
N ILE A 359 31.38 -10.57 -16.75
CA ILE A 359 31.08 -9.61 -17.78
C ILE A 359 30.93 -8.24 -17.13
N VAL A 360 31.71 -7.29 -17.62
CA VAL A 360 31.61 -5.92 -17.18
C VAL A 360 31.30 -5.03 -18.40
N SER A 361 30.62 -3.93 -18.14
CA SER A 361 30.22 -3.01 -19.19
C SER A 361 30.51 -1.59 -18.78
N ASP A 362 30.99 -0.79 -19.72
CA ASP A 362 31.33 0.60 -19.45
C ASP A 362 30.14 1.48 -19.80
N LEU A 363 29.51 2.08 -18.79
CA LEU A 363 28.37 2.97 -18.97
C LEU A 363 28.62 4.39 -18.50
N ILE A 364 29.84 4.66 -18.10
CA ILE A 364 30.19 5.95 -17.55
C ILE A 364 29.84 7.06 -18.53
N HIS A 365 29.34 6.69 -19.69
CA HIS A 365 28.95 7.64 -20.72
C HIS A 365 27.44 7.84 -20.76
N GLY A 367 24.95 10.65 -21.41
CA GLY A 367 23.84 11.30 -22.07
C GLY A 367 22.61 10.48 -22.41
N HIS A 368 22.58 9.89 -23.60
CA HIS A 368 21.44 9.11 -24.08
C HIS A 368 20.32 10.13 -24.08
N TYR A 369 20.60 11.19 -24.82
CA TYR A 369 19.82 12.40 -24.94
C TYR A 369 18.98 12.30 -26.20
N SER A 370 18.25 13.39 -26.47
CA SER A 370 17.53 13.62 -27.72
C SER A 370 16.39 12.63 -27.95
N MET A 371 15.87 12.00 -26.89
CA MET A 371 14.58 11.35 -26.93
C MET A 371 13.55 12.26 -26.30
N GLU A 372 12.56 12.67 -27.08
CA GLU A 372 11.51 13.55 -26.61
C GLU A 372 10.17 12.98 -27.02
N PHE A 373 9.28 12.75 -26.05
CA PHE A 373 7.96 12.19 -26.29
C PHE A 373 6.85 13.20 -26.05
N GLY A 374 7.19 14.49 -25.98
CA GLY A 374 6.25 15.52 -25.61
C GLY A 374 6.46 16.08 -24.22
N TRP A 375 7.16 15.35 -23.37
CA TRP A 375 7.42 15.76 -21.99
C TRP A 375 8.84 16.28 -21.79
N GLY A 376 9.59 16.48 -22.88
CA GLY A 376 10.98 16.86 -22.81
C GLY A 376 11.89 15.66 -22.99
N LYS A 377 13.17 15.92 -22.83
CA LYS A 377 14.16 14.85 -22.82
C LYS A 377 14.28 14.29 -21.41
N ALA A 378 14.60 13.00 -21.31
CA ALA A 378 14.56 12.31 -20.04
C ALA A 378 15.42 12.98 -18.98
N THR A 379 14.97 12.95 -17.74
CA THR A 379 15.82 13.41 -16.64
C THR A 379 16.86 12.36 -16.26
N TYR A 380 16.64 11.09 -16.60
CA TYR A 380 17.67 10.07 -16.49
C TYR A 380 17.37 8.99 -17.52
N THR A 381 18.42 8.55 -18.23
CA THR A 381 18.40 7.41 -19.14
C THR A 381 19.61 6.55 -18.82
N GLY A 382 19.40 5.25 -18.67
CA GLY A 382 20.48 4.41 -18.21
C GLY A 382 20.06 2.97 -18.04
N PRO A 383 20.97 2.17 -17.51
CA PRO A 383 20.66 0.77 -17.23
C PRO A 383 19.85 0.62 -15.94
N ALA A 384 19.30 -0.57 -15.78
CA ALA A 384 18.41 -0.93 -14.69
C ALA A 384 18.81 -2.29 -14.12
N THR A 385 18.50 -2.48 -12.84
CA THR A 385 18.92 -3.64 -12.06
C THR A 385 20.41 -3.94 -12.27
N ASN A 390 21.46 -14.56 -16.25
CA ASN A 390 21.78 -15.96 -16.51
C ASN A 390 23.13 -16.35 -15.94
N ASN A 391 24.17 -15.70 -16.47
CA ASN A 391 25.56 -16.04 -16.18
C ASN A 391 25.77 -16.24 -14.68
N PRO A 392 26.31 -17.38 -14.25
CA PRO A 392 26.63 -17.59 -12.83
C PRO A 392 27.95 -16.96 -12.38
N GLY A 393 28.65 -16.26 -13.26
CA GLY A 393 29.80 -15.47 -12.86
C GLY A 393 29.36 -14.14 -12.27
N LEU A 394 30.09 -13.07 -12.57
CA LEU A 394 29.77 -11.74 -12.09
C LEU A 394 29.47 -10.87 -13.30
N THR A 395 28.32 -10.22 -13.29
CA THR A 395 27.91 -9.41 -14.43
C THR A 395 27.54 -8.04 -13.91
N THR A 396 28.27 -7.01 -14.32
CA THR A 396 28.01 -5.71 -13.75
C THR A 396 28.38 -4.61 -14.74
N TYR A 397 28.05 -3.37 -14.36
CA TYR A 397 28.38 -2.21 -15.17
C TYR A 397 28.76 -1.06 -14.25
N TYR A 398 29.44 -0.08 -14.82
CA TYR A 398 29.93 1.07 -14.07
C TYR A 398 29.03 2.27 -14.37
N VAL A 399 28.50 2.90 -13.33
CA VAL A 399 27.70 4.10 -13.57
C VAL A 399 28.34 5.29 -12.86
N PRO A 400 28.24 6.50 -13.41
CA PRO A 400 28.72 7.66 -12.68
C PRO A 400 27.83 7.95 -11.47
N TYR A 401 28.45 8.56 -10.46
CA TYR A 401 27.72 8.78 -9.22
C TYR A 401 28.41 9.90 -8.47
N THR A 402 27.62 10.80 -7.91
CA THR A 402 28.12 11.89 -7.10
C THR A 402 27.30 11.85 -5.82
N ASN A 403 27.96 11.87 -4.67
CA ASN A 403 27.23 11.73 -3.44
C ASN A 403 26.90 13.12 -2.88
N ASN A 404 26.36 13.17 -1.67
CA ASN A 404 25.84 14.40 -1.08
C ASN A 404 26.93 15.44 -0.80
N LYS A 405 28.19 15.01 -0.62
CA LYS A 405 29.29 15.94 -0.38
C LYS A 405 29.94 16.45 -1.66
N GLY A 406 29.56 15.93 -2.81
CA GLY A 406 30.14 16.36 -4.07
C GLY A 406 31.12 15.40 -4.70
N GLU A 407 31.48 14.29 -4.05
CA GLU A 407 32.49 13.38 -4.60
C GLU A 407 31.94 12.60 -5.78
N SER A 408 32.54 12.81 -6.95
CA SER A 408 32.26 12.03 -8.13
C SER A 408 33.02 10.72 -8.11
N GLY A 409 32.42 9.69 -8.69
CA GLY A 409 33.02 8.38 -8.72
C GLY A 409 32.14 7.43 -9.51
N VAL A 410 32.31 6.13 -9.24
CA VAL A 410 31.63 5.07 -9.97
C VAL A 410 30.85 4.20 -8.99
N VAL A 411 29.65 3.81 -9.39
CA VAL A 411 28.83 2.86 -8.66
C VAL A 411 28.77 1.56 -9.45
N VAL A 412 29.10 0.45 -8.78
CA VAL A 412 29.12 -0.92 -9.32
C VAL A 412 28.02 -1.76 -8.67
N PRO A 413 26.93 -2.07 -9.41
CA PRO A 413 25.87 -2.91 -8.85
C PRO A 413 26.26 -4.38 -8.95
N LEU A 414 26.24 -5.06 -7.82
CA LEU A 414 26.72 -6.43 -7.74
C LEU A 414 25.59 -7.31 -7.26
N LEU A 415 25.56 -8.51 -7.82
CA LEU A 415 24.57 -9.50 -7.44
C LEU A 415 25.36 -10.81 -7.32
N LEU A 416 25.64 -11.20 -6.08
CA LEU A 416 26.45 -12.37 -5.76
C LEU A 416 25.77 -13.11 -4.60
N ARG A 417 26.01 -14.42 -4.53
CA ARG A 417 25.78 -15.15 -3.28
C ARG A 417 26.43 -14.39 -2.13
N SER A 418 25.72 -14.33 -1.00
CA SER A 418 26.10 -13.41 0.08
C SER A 418 27.53 -13.65 0.56
N ALA A 419 27.93 -14.92 0.71
CA ALA A 419 29.31 -15.18 1.11
C ALA A 419 30.31 -14.67 0.08
N VAL A 420 30.02 -14.85 -1.20
CA VAL A 420 30.95 -14.40 -2.24
C VAL A 420 31.01 -12.88 -2.25
N MET A 421 29.86 -12.25 -1.99
CA MET A 421 29.76 -10.81 -1.85
C MET A 421 30.64 -10.29 -0.72
N THR A 422 30.54 -10.86 0.48
CA THR A 422 31.32 -10.26 1.55
C THR A 422 32.80 -10.55 1.39
N ARG A 423 33.16 -11.73 0.86
CA ARG A 423 34.57 -11.95 0.54
C ARG A 423 35.03 -10.96 -0.52
N PHE A 424 34.22 -10.73 -1.56
CA PHE A 424 34.57 -9.71 -2.56
C PHE A 424 34.77 -8.33 -1.93
N VAL A 425 33.78 -7.85 -1.16
CA VAL A 425 33.86 -6.52 -0.54
C VAL A 425 35.09 -6.42 0.34
N ASN A 426 35.31 -7.41 1.20
CA ASN A 426 36.47 -7.40 2.07
C ASN A 426 37.75 -7.34 1.27
N GLU A 427 37.81 -8.03 0.12
CA GLU A 427 39.04 -8.03 -0.64
C GLU A 427 39.29 -6.67 -1.31
N ILE A 428 38.25 -6.06 -1.87
CA ILE A 428 38.52 -4.72 -2.38
C ILE A 428 38.82 -3.75 -1.22
N ASN A 429 38.26 -3.98 -0.02
CA ASN A 429 38.59 -3.09 1.11
C ASN A 429 40.04 -3.28 1.55
N ASN A 430 40.54 -4.51 1.52
CA ASN A 430 41.97 -4.74 1.74
C ASN A 430 42.81 -3.98 0.73
N MET A 431 42.35 -3.93 -0.53
CA MET A 431 43.12 -3.18 -1.52
C MET A 431 43.10 -1.69 -1.23
N LEU A 432 41.96 -1.16 -0.78
CA LEU A 432 41.92 0.24 -0.35
C LEU A 432 42.85 0.50 0.84
N ALA A 433 42.82 -0.40 1.83
CA ALA A 433 43.74 -0.31 2.97
C ALA A 433 45.20 -0.26 2.51
N GLN A 434 45.58 -1.14 1.58
CA GLN A 434 46.93 -1.14 1.06
C GLN A 434 47.26 0.16 0.34
N VAL A 435 46.39 0.59 -0.57
CA VAL A 435 46.64 1.80 -1.35
C VAL A 435 46.83 2.99 -0.43
N GLN A 436 46.12 3.02 0.71
CA GLN A 436 46.25 4.16 1.62
C GLN A 436 47.45 4.03 2.54
N ASN A 437 47.81 2.81 2.95
CA ASN A 437 49.02 2.63 3.74
C ASN A 437 50.25 3.08 2.96
N ASN A 438 50.25 2.86 1.65
CA ASN A 438 51.39 3.18 0.80
C ASN A 438 51.40 4.65 0.40
N MET B 1 7.67 -2.93 49.11
CA MET B 1 6.99 -2.69 47.83
C MET B 1 5.48 -2.52 48.01
N GLU B 2 4.99 -1.32 47.65
CA GLU B 2 3.63 -0.94 47.99
C GLU B 2 2.60 -1.77 47.23
N GLU B 3 1.57 -2.23 47.93
CA GLU B 3 0.40 -2.86 47.32
C GLU B 3 -0.74 -1.86 47.23
N ILE B 4 -1.45 -1.87 46.12
CA ILE B 4 -2.51 -0.94 45.81
C ILE B 4 -3.83 -1.70 45.88
N ASN B 5 -4.63 -1.41 46.91
CA ASN B 5 -5.93 -2.01 47.09
C ASN B 5 -7.00 -0.99 46.75
N THR B 6 -8.08 -1.49 46.17
CA THR B 6 -9.20 -0.68 45.69
C THR B 6 -10.41 -0.96 46.58
N ARG B 7 -10.60 -0.11 47.59
CA ARG B 7 -11.81 -0.14 48.41
C ARG B 7 -12.96 0.48 47.62
N LEU B 8 -13.68 -0.36 46.88
CA LEU B 8 -14.87 0.08 46.14
C LEU B 8 -15.61 -1.11 45.54
N THR B 9 -16.93 -1.14 45.70
CA THR B 9 -17.73 -2.22 45.12
C THR B 9 -19.11 -1.68 44.83
N PHE B 10 -19.70 -2.16 43.74
CA PHE B 10 -21.00 -1.64 43.33
C PHE B 10 -21.78 -2.75 42.66
N THR B 11 -23.08 -2.53 42.53
CA THR B 11 -23.96 -3.51 41.92
C THR B 11 -24.11 -3.17 40.44
N VAL B 12 -23.99 -4.20 39.59
CA VAL B 12 -24.07 -4.03 38.15
C VAL B 12 -25.17 -4.95 37.64
N ARG B 13 -26.05 -4.42 36.80
CA ARG B 13 -27.07 -5.27 36.19
C ARG B 13 -26.97 -5.16 34.68
N ARG B 14 -26.95 -6.32 34.03
CA ARG B 14 -26.77 -6.43 32.58
C ARG B 14 -28.04 -6.94 31.91
N CYS B 15 -28.36 -6.35 30.76
CA CYS B 15 -29.28 -7.02 29.85
C CYS B 15 -28.64 -8.33 29.34
N ALA B 16 -29.44 -9.12 28.68
CA ALA B 16 -28.85 -10.35 28.16
C ALA B 16 -27.97 -10.03 26.96
N PRO B 17 -26.82 -10.68 26.85
CA PRO B 17 -25.96 -10.45 25.68
C PRO B 17 -26.76 -10.53 24.38
N GLU B 18 -26.43 -9.69 23.43
CA GLU B 18 -27.05 -9.74 22.11
C GLU B 18 -25.97 -9.89 21.05
N LEU B 19 -26.42 -10.09 19.81
CA LEU B 19 -25.53 -10.26 18.67
C LEU B 19 -25.70 -9.07 17.74
N ILE B 20 -24.59 -8.46 17.34
CA ILE B 20 -24.63 -7.37 16.38
C ILE B 20 -24.07 -7.91 15.08
N VAL B 21 -24.93 -7.95 14.06
CA VAL B 21 -24.57 -8.43 12.74
C VAL B 21 -24.39 -7.20 11.86
N PRO B 22 -23.69 -7.32 10.72
CA PRO B 22 -23.55 -6.17 9.83
C PRO B 22 -24.91 -5.64 9.37
N ALA B 23 -25.03 -4.34 9.30
CA ALA B 23 -26.25 -3.69 8.92
C ALA B 23 -26.70 -4.04 7.53
N GLU B 24 -25.78 -4.43 6.69
CA GLU B 24 -26.09 -4.77 5.33
C GLU B 24 -25.43 -6.08 4.96
N PRO B 25 -25.90 -6.78 3.93
CA PRO B 25 -25.26 -8.05 3.55
C PRO B 25 -23.78 -7.91 3.24
N THR B 26 -23.01 -8.87 3.72
CA THR B 26 -21.56 -8.85 3.60
C THR B 26 -21.05 -10.14 2.97
N PRO B 27 -19.86 -10.13 2.36
CA PRO B 27 -19.37 -11.34 1.70
C PRO B 27 -19.22 -12.49 2.67
N ARG B 28 -19.75 -13.64 2.27
CA ARG B 28 -19.53 -14.90 2.99
C ARG B 28 -18.30 -15.54 2.37
N GLU B 29 -17.19 -15.46 3.09
CA GLU B 29 -15.90 -15.98 2.64
C GLU B 29 -15.22 -16.73 3.77
N LEU B 30 -14.26 -17.54 3.38
CA LEU B 30 -13.28 -18.13 4.28
C LEU B 30 -11.98 -17.38 4.04
N LYS B 31 -11.59 -16.48 4.98
CA LYS B 31 -10.42 -15.63 4.82
C LYS B 31 -9.29 -16.12 5.71
N PRO B 32 -8.08 -16.31 5.20
CA PRO B 32 -7.02 -16.90 6.03
C PRO B 32 -6.45 -15.90 7.04
N LEU B 33 -6.30 -16.35 8.28
CA LEU B 33 -5.50 -15.61 9.25
C LEU B 33 -4.01 -15.82 8.94
N SER B 34 -3.19 -14.87 9.37
CA SER B 34 -1.76 -14.90 9.04
C SER B 34 -0.99 -15.81 9.99
N ASP B 35 0.27 -16.10 9.61
CA ASP B 35 1.17 -16.83 10.49
C ASP B 35 1.40 -16.09 11.81
N ILE B 36 1.44 -14.76 11.76
CA ILE B 36 1.57 -13.99 12.99
C ILE B 36 0.35 -14.20 13.89
N ASP B 37 -0.85 -14.14 13.35
CA ASP B 37 -1.92 -14.10 14.34
C ASP B 37 -2.48 -15.46 14.72
N ASP B 38 -2.08 -16.55 14.08
CA ASP B 38 -2.54 -17.84 14.58
C ASP B 38 -1.45 -18.59 15.33
N GLN B 39 -0.40 -17.91 15.78
CA GLN B 39 0.57 -18.60 16.60
C GLN B 39 -0.03 -18.86 17.97
N GLU B 40 0.55 -19.84 18.67
CA GLU B 40 -0.07 -20.38 19.88
C GLU B 40 -0.26 -19.30 20.93
N ILE B 41 0.71 -18.41 21.07
CA ILE B 41 0.63 -17.42 22.14
C ILE B 41 -0.51 -16.41 21.96
N LEU B 42 -1.02 -16.22 20.74
CA LEU B 42 -2.16 -15.34 20.51
C LEU B 42 -3.49 -16.08 20.55
N ARG B 43 -3.48 -17.34 20.98
CA ARG B 43 -4.71 -18.10 21.13
C ARG B 43 -5.34 -17.76 22.48
N CYS B 44 -5.64 -16.49 22.70
CA CYS B 44 -6.13 -15.99 23.98
C CYS B 44 -7.00 -14.76 23.72
N HIS B 45 -7.65 -14.28 24.77
CA HIS B 45 -8.44 -13.07 24.71
C HIS B 45 -7.77 -11.95 25.49
N GLN B 46 -7.90 -10.72 25.00
CA GLN B 46 -7.34 -9.56 25.69
C GLN B 46 -8.46 -8.58 25.99
N LYS B 47 -8.36 -7.89 27.13
CA LYS B 47 -9.43 -7.06 27.66
C LYS B 47 -8.97 -5.61 27.76
N ALA B 48 -9.79 -4.69 27.23
CA ALA B 48 -9.54 -3.25 27.28
C ALA B 48 -10.76 -2.52 27.82
N ILE B 49 -10.54 -1.28 28.27
CA ILE B 49 -11.59 -0.52 28.94
C ILE B 49 -11.39 0.97 28.69
N GLN B 50 -12.50 1.70 28.59
CA GLN B 50 -12.58 3.16 28.46
C GLN B 50 -13.66 3.74 29.36
N PHE B 51 -13.35 4.87 30.00
CA PHE B 51 -14.33 5.61 30.79
C PHE B 51 -14.73 6.90 30.08
N PHE B 52 -16.01 7.22 30.07
CA PHE B 52 -16.48 8.45 29.45
C PHE B 52 -17.32 9.24 30.45
N ARG B 53 -17.08 10.55 30.53
CA ARG B 53 -17.79 11.38 31.49
C ARG B 53 -19.07 11.92 30.91
N ALA B 54 -20.00 12.27 31.80
CA ALA B 54 -21.26 12.85 31.38
C ALA B 54 -21.05 13.98 30.40
N ASP B 55 -21.95 14.08 29.43
CA ASP B 55 -22.01 15.25 28.56
C ASP B 55 -23.43 15.75 28.63
N PRO B 56 -23.69 16.85 29.34
CA PRO B 56 -25.06 17.39 29.39
C PRO B 56 -25.69 17.54 28.02
N LYS B 57 -24.86 17.82 27.01
CA LYS B 57 -25.33 17.99 25.64
C LYS B 57 -26.04 16.74 25.12
N MET B 58 -25.62 15.55 25.56
CA MET B 58 -26.15 14.29 25.04
C MET B 58 -27.19 13.65 25.94
N ARG B 59 -28.00 14.46 26.64
CA ARG B 59 -28.81 13.96 27.75
C ARG B 59 -29.82 12.91 27.30
N HIS B 60 -30.42 13.09 26.12
CA HIS B 60 -31.41 12.13 25.64
C HIS B 60 -30.76 10.82 25.18
N LYS B 61 -29.73 10.92 24.35
CA LYS B 61 -29.16 9.74 23.71
C LYS B 61 -28.63 8.74 24.74
N ASN B 62 -28.65 7.46 24.37
CA ASN B 62 -28.15 6.37 25.21
C ASN B 62 -26.83 5.85 24.64
N PRO B 63 -25.74 5.88 25.41
CA PRO B 63 -24.44 5.42 24.85
C PRO B 63 -24.50 4.05 24.21
N ALA B 64 -25.16 3.10 24.88
CA ALA B 64 -25.32 1.75 24.34
C ALA B 64 -25.91 1.77 22.94
N SER B 65 -26.97 2.56 22.72
CA SER B 65 -27.63 2.58 21.42
C SER B 65 -26.73 3.18 20.36
N VAL B 66 -26.10 4.32 20.67
CA VAL B 66 -25.16 4.93 19.72
C VAL B 66 -24.09 3.94 19.32
N ILE B 67 -23.51 3.26 20.31
CA ILE B 67 -22.39 2.38 20.04
C ILE B 67 -22.85 1.14 19.28
N ARG B 68 -23.99 0.57 19.65
CA ARG B 68 -24.39 -0.68 19.00
C ARG B 68 -24.89 -0.45 17.57
N GLU B 69 -25.55 0.70 17.30
CA GLU B 69 -25.91 1.01 15.91
C GLU B 69 -24.67 1.34 15.07
N ALA B 70 -23.75 2.14 15.62
CA ALA B 70 -22.50 2.37 14.89
C ALA B 70 -21.74 1.06 14.67
N LEU B 71 -21.83 0.12 15.62
CA LEU B 71 -21.22 -1.19 15.48
C LEU B 71 -21.80 -1.93 14.29
N ALA B 72 -23.12 -1.97 14.17
CA ALA B 72 -23.74 -2.63 13.04
C ALA B 72 -23.30 -2.00 11.72
N LYS B 73 -23.18 -0.67 11.69
CA LYS B 73 -22.83 -0.03 10.42
C LYS B 73 -21.35 -0.20 10.10
N LEU B 74 -20.50 -0.23 11.13
CA LEU B 74 -19.07 -0.35 10.92
C LEU B 74 -18.68 -1.79 10.57
N LEU B 75 -19.43 -2.77 11.09
CA LEU B 75 -19.22 -4.15 10.71
C LEU B 75 -19.53 -4.43 9.24
N VAL B 76 -20.13 -3.50 8.49
CA VAL B 76 -20.20 -3.74 7.05
C VAL B 76 -18.80 -3.69 6.45
N PHE B 77 -18.00 -2.72 6.88
CA PHE B 77 -16.61 -2.60 6.46
C PHE B 77 -15.71 -3.66 7.10
N TYR B 78 -15.86 -3.88 8.41
CA TYR B 78 -15.05 -4.85 9.15
C TYR B 78 -15.77 -6.18 9.31
N TYR B 79 -16.39 -6.64 8.23
CA TYR B 79 -17.26 -7.81 8.33
C TYR B 79 -16.56 -9.06 8.85
N PRO B 80 -15.25 -9.28 8.66
CA PRO B 80 -14.65 -10.46 9.29
C PRO B 80 -14.81 -10.45 10.81
N PHE B 81 -14.88 -9.28 11.44
CA PHE B 81 -15.07 -9.26 12.89
C PHE B 81 -16.39 -9.88 13.31
N ALA B 82 -17.36 -9.90 12.40
CA ALA B 82 -18.65 -10.52 12.60
C ALA B 82 -18.65 -12.02 12.33
N GLY B 83 -17.51 -12.62 12.02
CA GLY B 83 -17.45 -14.03 11.66
C GLY B 83 -17.10 -14.96 12.81
N ARG B 84 -16.69 -16.17 12.44
CA ARG B 84 -16.27 -17.18 13.41
C ARG B 84 -14.97 -17.80 12.94
N ILE B 85 -14.05 -18.05 13.87
CA ILE B 85 -12.74 -18.62 13.50
C ILE B 85 -12.85 -20.13 13.50
N LYS B 86 -12.40 -20.74 12.40
CA LYS B 86 -12.37 -22.18 12.24
C LYS B 86 -10.93 -22.59 11.99
N GLU B 87 -10.64 -23.87 12.22
CA GLU B 87 -9.26 -24.35 12.09
C GLU B 87 -9.19 -25.51 11.12
N SER B 88 -8.16 -25.45 10.26
CA SER B 88 -7.85 -26.47 9.26
C SER B 88 -7.10 -27.63 9.92
N PRO B 89 -6.83 -28.72 9.18
CA PRO B 89 -6.08 -29.84 9.79
C PRO B 89 -4.65 -29.47 10.15
N VAL B 90 -4.05 -28.55 9.42
CA VAL B 90 -2.64 -28.22 9.59
C VAL B 90 -2.54 -27.11 10.63
N GLY B 91 -3.66 -26.80 11.28
CA GLY B 91 -3.65 -25.84 12.36
C GLY B 91 -3.65 -24.40 11.91
N LYS B 92 -4.09 -24.15 10.68
CA LYS B 92 -4.21 -22.80 10.17
C LYS B 92 -5.62 -22.31 10.48
N LEU B 93 -5.69 -21.12 11.05
CA LEU B 93 -6.97 -20.53 11.41
C LEU B 93 -7.46 -19.67 10.25
N MET B 94 -8.71 -19.90 9.84
CA MET B 94 -9.43 -19.03 8.92
C MET B 94 -10.57 -18.34 9.65
N VAL B 95 -10.93 -17.14 9.17
CA VAL B 95 -12.18 -16.50 9.58
C VAL B 95 -13.25 -16.85 8.56
N ASP B 96 -14.24 -17.63 8.98
CA ASP B 96 -15.44 -17.87 8.20
C ASP B 96 -16.34 -16.65 8.44
N CYS B 97 -16.39 -15.75 7.46
CA CYS B 97 -17.16 -14.53 7.58
C CYS B 97 -18.62 -14.90 7.39
N THR B 98 -19.24 -15.35 8.48
CA THR B 98 -20.60 -15.83 8.45
C THR B 98 -21.61 -14.74 8.78
N GLY B 99 -21.17 -13.52 9.05
CA GLY B 99 -22.08 -12.49 9.47
C GLY B 99 -22.80 -12.75 10.77
N GLU B 100 -22.45 -13.81 11.52
CA GLU B 100 -23.27 -14.12 12.69
C GLU B 100 -23.13 -13.12 13.84
N GLY B 101 -22.15 -12.22 13.81
CA GLY B 101 -22.17 -11.05 14.65
C GLY B 101 -21.34 -11.17 15.92
N VAL B 102 -21.00 -10.01 16.48
CA VAL B 102 -20.20 -9.87 17.69
C VAL B 102 -21.09 -9.77 18.92
N LEU B 103 -20.52 -10.05 20.09
CA LEU B 103 -21.27 -9.97 21.34
C LEU B 103 -21.37 -8.53 21.82
N PHE B 104 -22.56 -8.15 22.25
CA PHE B 104 -22.76 -6.83 22.82
C PHE B 104 -23.58 -6.98 24.10
N ILE B 105 -23.27 -6.19 25.11
CA ILE B 105 -24.01 -6.20 26.36
C ILE B 105 -24.30 -4.75 26.75
N GLU B 106 -25.57 -4.45 27.00
CA GLU B 106 -25.99 -3.17 27.58
C GLU B 106 -26.23 -3.35 29.08
N ALA B 107 -25.61 -2.50 29.91
CA ALA B 107 -25.64 -2.70 31.35
C ALA B 107 -25.72 -1.36 32.06
N GLU B 108 -25.89 -1.43 33.38
CA GLU B 108 -25.84 -0.22 34.21
C GLU B 108 -25.26 -0.58 35.57
N ALA B 109 -24.72 0.43 36.25
CA ALA B 109 -24.07 0.23 37.54
C ALA B 109 -24.33 1.40 38.48
N ASP B 110 -24.59 1.09 39.76
CA ASP B 110 -24.87 2.13 40.74
C ASP B 110 -23.56 2.61 41.35
N VAL B 111 -22.95 3.57 40.66
CA VAL B 111 -21.61 4.04 40.91
C VAL B 111 -21.43 5.22 39.97
N THR B 112 -20.58 6.18 40.34
CA THR B 112 -20.30 7.33 39.49
C THR B 112 -18.85 7.32 39.05
N LEU B 113 -18.60 7.90 37.89
CA LEU B 113 -17.23 8.06 37.39
C LEU B 113 -16.26 8.53 38.49
N SER B 114 -16.68 9.51 39.32
CA SER B 114 -15.75 10.10 40.27
C SER B 114 -15.40 9.16 41.43
N GLN B 115 -16.31 8.25 41.76
CA GLN B 115 -15.98 7.21 42.72
C GLN B 115 -14.81 6.35 42.25
N PHE B 116 -14.55 6.26 40.94
CA PHE B 116 -13.36 5.57 40.46
C PHE B 116 -12.09 6.36 40.72
N GLY B 117 -12.18 7.56 41.28
CA GLY B 117 -11.00 8.29 41.66
C GLY B 117 -10.52 9.28 40.59
N ASP B 118 -9.68 10.22 41.04
CA ASP B 118 -9.13 11.26 40.19
C ASP B 118 -7.71 11.58 40.69
N PRO B 119 -6.67 11.27 39.91
CA PRO B 119 -6.74 10.69 38.55
C PRO B 119 -7.20 9.23 38.57
N LEU B 120 -8.05 8.80 37.65
CA LEU B 120 -8.46 7.41 37.68
C LEU B 120 -7.40 6.56 36.97
N GLN B 121 -6.99 5.51 37.65
CA GLN B 121 -5.98 4.57 37.22
C GLN B 121 -6.41 3.20 37.72
N PRO B 122 -5.86 2.13 37.17
CA PRO B 122 -6.00 0.82 37.82
C PRO B 122 -5.35 0.82 39.20
N PRO B 123 -5.66 -0.18 40.04
CA PRO B 123 -6.61 -1.27 39.81
C PRO B 123 -8.05 -0.78 39.78
N PHE B 124 -8.88 -1.46 38.99
CA PHE B 124 -10.30 -1.19 38.93
C PHE B 124 -11.07 -2.31 39.60
N PRO B 125 -12.10 -1.97 40.36
CA PRO B 125 -12.94 -3.01 40.97
C PRO B 125 -14.03 -3.47 40.02
N CYS B 126 -14.40 -4.74 40.17
CA CYS B 126 -15.59 -5.30 39.55
C CYS B 126 -15.44 -5.39 38.02
N ILE B 127 -14.22 -5.63 37.54
CA ILE B 127 -14.03 -5.80 36.09
C ILE B 127 -14.80 -7.03 35.60
N ASP B 128 -14.91 -8.06 36.44
CA ASP B 128 -15.75 -9.21 36.10
C ASP B 128 -17.23 -8.85 35.90
N GLU B 129 -17.69 -7.69 36.38
CA GLU B 129 -19.05 -7.22 36.17
C GLU B 129 -19.19 -6.18 35.07
N LEU B 130 -18.11 -5.44 34.79
CA LEU B 130 -18.04 -4.47 33.72
C LEU B 130 -17.69 -5.09 32.37
N LEU B 131 -17.18 -6.34 32.36
CA LEU B 131 -16.84 -7.07 31.12
C LEU B 131 -17.10 -8.55 31.36
N TYR B 132 -18.36 -8.95 31.19
CA TYR B 132 -18.82 -10.25 31.67
C TYR B 132 -18.57 -11.35 30.65
N ASP B 133 -18.09 -12.48 31.16
CA ASP B 133 -17.76 -13.64 30.34
C ASP B 133 -19.02 -14.48 30.14
N VAL B 134 -19.68 -14.28 29.01
CA VAL B 134 -20.79 -15.16 28.63
C VAL B 134 -20.27 -16.57 28.40
N PRO B 135 -20.91 -17.60 28.96
CA PRO B 135 -20.45 -18.98 28.72
C PRO B 135 -20.49 -19.33 27.23
N GLY B 136 -19.48 -20.09 26.80
CA GLY B 136 -19.36 -20.48 25.41
C GLY B 136 -18.48 -19.57 24.59
N SER B 137 -18.54 -18.27 24.85
CA SER B 137 -17.51 -17.37 24.36
C SER B 137 -16.28 -17.50 25.25
N SER B 138 -15.20 -16.83 24.83
CA SER B 138 -13.85 -17.03 25.32
C SER B 138 -13.28 -18.32 24.71
N ALA B 139 -14.06 -19.04 23.91
CA ALA B 139 -13.50 -20.05 23.03
C ALA B 139 -12.80 -19.37 21.86
N ILE B 140 -11.73 -19.98 21.37
CA ILE B 140 -11.04 -19.41 20.22
C ILE B 140 -11.78 -19.74 18.94
N LEU B 141 -12.21 -21.00 18.80
CA LEU B 141 -12.93 -21.48 17.63
C LEU B 141 -14.44 -21.39 17.85
N ASP B 142 -15.17 -20.98 16.80
CA ASP B 142 -16.63 -21.02 16.77
C ASP B 142 -17.27 -20.11 17.81
N ALA B 143 -16.66 -18.96 18.08
CA ALA B 143 -17.20 -18.06 19.09
C ALA B 143 -17.15 -16.64 18.56
N PRO B 144 -18.03 -15.76 19.04
CA PRO B 144 -17.96 -14.35 18.66
C PRO B 144 -16.57 -13.78 18.92
N ILE B 145 -16.03 -13.12 17.89
CA ILE B 145 -14.63 -12.68 17.94
C ILE B 145 -14.43 -11.61 19.01
N ILE B 146 -15.46 -10.84 19.30
CA ILE B 146 -15.25 -9.70 20.17
C ILE B 146 -16.52 -9.47 20.98
N LEU B 147 -16.34 -8.98 22.18
CA LEU B 147 -17.43 -8.73 23.11
C LEU B 147 -17.30 -7.30 23.57
N TYR B 148 -18.39 -6.56 23.48
CA TYR B 148 -18.50 -5.20 24.00
C TYR B 148 -19.44 -5.19 25.19
N GLN B 149 -19.12 -4.38 26.16
CA GLN B 149 -20.11 -4.06 27.18
C GLN B 149 -20.10 -2.56 27.41
N VAL B 150 -21.28 -1.94 27.32
CA VAL B 150 -21.47 -0.53 27.61
C VAL B 150 -22.27 -0.46 28.90
N THR B 151 -21.60 -0.03 29.97
CA THR B 151 -22.19 0.08 31.30
C THR B 151 -22.47 1.55 31.60
N ARG B 152 -23.76 1.93 31.74
CA ARG B 152 -24.13 3.30 32.11
C ARG B 152 -23.95 3.57 33.60
N LEU B 153 -23.37 4.72 33.94
CA LEU B 153 -23.06 5.11 35.31
C LEU B 153 -24.05 6.16 35.82
N SER B 154 -24.22 6.21 37.16
CA SER B 154 -25.15 7.14 37.81
C SER B 154 -25.00 8.57 37.33
N CYS B 155 -23.76 9.03 37.18
CA CYS B 155 -23.53 10.41 36.80
C CYS B 155 -23.89 10.71 35.35
N GLY B 156 -24.16 9.69 34.53
CA GLY B 156 -24.35 9.87 33.11
C GLY B 156 -23.14 9.57 32.26
N GLY B 157 -22.00 9.25 32.87
CA GLY B 157 -20.90 8.68 32.13
C GLY B 157 -21.18 7.22 31.81
N PHE B 158 -20.25 6.61 31.08
CA PHE B 158 -20.42 5.20 30.76
C PHE B 158 -19.06 4.55 30.56
N ILE B 159 -19.07 3.23 30.71
CA ILE B 159 -17.87 2.41 30.59
C ILE B 159 -17.99 1.56 29.34
N LEU B 160 -16.98 1.64 28.48
CA LEU B 160 -16.88 0.83 27.28
C LEU B 160 -15.83 -0.25 27.54
N ALA B 161 -16.27 -1.49 27.71
CA ALA B 161 -15.35 -2.61 27.88
C ALA B 161 -15.33 -3.46 26.63
N VAL B 162 -14.18 -4.08 26.38
CA VAL B 162 -13.94 -4.80 25.13
C VAL B 162 -13.12 -6.03 25.46
N ARG B 163 -13.53 -7.18 24.96
CA ARG B 163 -12.74 -8.39 25.06
C ARG B 163 -12.62 -8.96 23.66
N TYR B 164 -11.41 -8.99 23.13
CA TYR B 164 -11.25 -9.44 21.76
C TYR B 164 -10.39 -10.69 21.66
N ASN B 165 -10.74 -11.53 20.67
CA ASN B 165 -9.95 -12.70 20.29
C ASN B 165 -8.63 -12.22 19.69
N HIS B 166 -7.52 -12.48 20.38
CA HIS B 166 -6.24 -11.93 19.97
C HIS B 166 -5.74 -12.52 18.65
N ALA B 167 -6.31 -13.63 18.18
CA ALA B 167 -5.93 -14.10 16.85
C ALA B 167 -6.45 -13.19 15.74
N MET B 168 -7.51 -12.42 16.01
CA MET B 168 -8.03 -11.56 14.96
C MET B 168 -7.18 -10.31 14.80
N THR B 169 -6.86 -9.64 15.90
CA THR B 169 -6.17 -8.37 15.81
C THR B 169 -5.35 -8.18 17.08
N ASP B 170 -4.43 -7.22 17.05
CA ASP B 170 -3.73 -6.75 18.24
C ASP B 170 -4.29 -5.38 18.63
N ALA B 171 -3.77 -4.87 19.76
CA ALA B 171 -4.24 -3.65 20.40
C ALA B 171 -4.32 -2.52 19.40
N ALA B 172 -3.38 -2.55 18.45
CA ALA B 172 -3.28 -1.49 17.46
C ALA B 172 -4.39 -1.62 16.43
N GLY B 173 -4.64 -2.86 15.98
CA GLY B 173 -5.79 -3.09 15.12
C GLY B 173 -7.08 -2.75 15.82
N LEU B 174 -7.27 -3.24 17.05
CA LEU B 174 -8.45 -2.88 17.82
C LEU B 174 -8.63 -1.37 17.86
N LEU B 175 -7.52 -0.62 18.02
CA LEU B 175 -7.55 0.84 18.05
C LEU B 175 -8.05 1.43 16.75
N GLN B 176 -7.50 0.97 15.62
CA GLN B 176 -7.97 1.42 14.30
C GLN B 176 -9.46 1.16 14.17
N PHE B 177 -9.89 -0.01 14.60
CA PHE B 177 -11.29 -0.38 14.56
C PHE B 177 -12.14 0.53 15.45
N MET B 178 -11.64 0.88 16.63
CA MET B 178 -12.43 1.70 17.55
C MET B 178 -12.46 3.16 17.13
N SER B 179 -11.40 3.65 16.51
CA SER B 179 -11.40 4.98 15.92
C SER B 179 -12.37 5.04 14.74
N ALA B 180 -12.45 3.96 13.97
CA ALA B 180 -13.50 3.86 12.95
C ALA B 180 -14.90 3.83 13.57
N LEU B 181 -15.09 3.09 14.67
CA LEU B 181 -16.34 3.14 15.39
C LEU B 181 -16.67 4.57 15.81
N GLY B 182 -15.67 5.30 16.29
CA GLY B 182 -15.92 6.69 16.68
C GLY B 182 -16.38 7.51 15.50
N GLU B 183 -15.68 7.39 14.36
CA GLU B 183 -16.02 8.16 13.17
C GLU B 183 -17.45 7.86 12.71
N ILE B 184 -17.81 6.59 12.62
CA ILE B 184 -19.17 6.25 12.20
C ILE B 184 -20.20 6.76 13.22
N ALA B 185 -19.94 6.55 14.53
CA ALA B 185 -20.90 7.04 15.53
C ALA B 185 -21.01 8.56 15.50
N GLY B 186 -19.93 9.25 15.15
CA GLY B 186 -19.99 10.69 15.02
C GLY B 186 -20.65 11.17 13.74
N GLY B 187 -21.11 10.24 12.90
CA GLY B 187 -21.89 10.58 11.72
C GLY B 187 -21.25 10.24 10.39
N ALA B 188 -20.00 9.77 10.36
CA ALA B 188 -19.42 9.38 9.10
C ALA B 188 -20.18 8.19 8.53
N THR B 189 -20.11 8.03 7.20
CA THR B 189 -20.76 6.89 6.56
C THR B 189 -19.79 5.79 6.18
N SER B 190 -18.49 6.02 6.34
CA SER B 190 -17.43 5.06 6.08
C SER B 190 -16.19 5.55 6.79
N PRO B 191 -15.29 4.66 7.22
CA PRO B 191 -14.11 5.09 7.98
C PRO B 191 -13.15 5.90 7.13
N SER B 192 -12.32 6.71 7.81
CA SER B 192 -11.25 7.41 7.12
C SER B 192 -10.24 6.43 6.53
N ILE B 193 -9.93 5.38 7.28
CA ILE B 193 -9.11 4.28 6.77
C ILE B 193 -10.06 3.16 6.34
N MET B 194 -10.07 2.85 5.06
CA MET B 194 -10.83 1.69 4.63
C MET B 194 -9.99 0.47 5.00
N PRO B 195 -10.55 -0.47 5.76
CA PRO B 195 -9.77 -1.64 6.16
C PRO B 195 -9.60 -2.58 4.98
N VAL B 196 -8.49 -3.34 5.01
CA VAL B 196 -8.22 -4.38 4.03
C VAL B 196 -7.84 -5.65 4.79
N TRP B 197 -7.86 -6.77 4.06
CA TRP B 197 -7.45 -8.04 4.67
C TRP B 197 -5.97 -8.30 4.43
N LYS B 198 -5.66 -8.92 3.29
CA LYS B 198 -4.30 -9.07 2.78
C LYS B 198 -3.38 -9.88 3.71
N ARG B 199 -3.95 -10.72 4.58
CA ARG B 199 -3.13 -11.48 5.51
C ARG B 199 -2.31 -12.55 4.82
N GLU B 200 -2.60 -12.86 3.56
CA GLU B 200 -1.74 -13.76 2.80
C GLU B 200 -0.29 -13.26 2.81
N LEU B 201 -0.10 -11.93 2.84
CA LEU B 201 1.24 -11.37 2.97
C LEU B 201 2.04 -12.01 4.10
N LEU B 202 1.39 -12.32 5.22
CA LEU B 202 2.07 -12.93 6.36
C LEU B 202 1.80 -14.44 6.47
N CYS B 203 1.42 -15.11 5.38
CA CYS B 203 1.31 -16.57 5.39
C CYS B 203 2.51 -17.17 4.65
N SER B 204 3.15 -18.15 5.27
CA SER B 204 4.33 -18.82 4.71
C SER B 204 3.90 -20.15 4.11
N SER B 205 4.26 -20.36 2.84
CA SER B 205 3.95 -21.61 2.17
C SER B 205 4.56 -22.81 2.88
N ASP B 206 5.69 -22.61 3.52
CA ASP B 206 6.37 -23.74 4.13
C ASP B 206 5.92 -24.10 5.53
N ARG B 207 5.96 -23.14 6.43
CA ARG B 207 5.55 -23.40 7.78
C ARG B 207 4.07 -23.69 7.85
N THR B 224 -5.38 -19.05 44.84
CA THR B 224 -5.06 -18.18 43.69
C THR B 224 -5.48 -16.73 43.88
N THR B 225 -4.61 -15.90 44.46
CA THR B 225 -4.95 -14.53 44.82
C THR B 225 -4.51 -13.52 43.77
N GLN B 226 -5.15 -12.35 43.83
CA GLN B 226 -4.89 -11.20 42.96
C GLN B 226 -4.30 -10.07 43.80
N LYS B 227 -3.45 -9.25 43.17
CA LYS B 227 -2.88 -8.11 43.87
C LYS B 227 -2.37 -7.16 42.81
N SER B 228 -2.20 -5.90 43.19
CA SER B 228 -1.50 -4.98 42.31
C SER B 228 -0.43 -4.30 43.15
N PHE B 229 0.80 -4.26 42.65
CA PHE B 229 1.89 -3.63 43.39
C PHE B 229 2.42 -2.42 42.68
N PHE B 230 2.80 -1.43 43.46
CA PHE B 230 3.32 -0.17 42.93
C PHE B 230 4.80 -0.09 43.26
N LEU B 231 5.61 0.08 42.22
CA LEU B 231 7.02 0.38 42.36
C LEU B 231 7.27 1.79 41.80
N THR B 232 7.86 2.64 42.63
CA THR B 232 8.11 4.03 42.27
C THR B 232 9.35 4.13 41.38
N THR B 233 9.45 5.25 40.68
CA THR B 233 10.56 5.50 39.77
C THR B 233 11.89 5.56 40.49
N THR B 234 11.90 6.06 41.73
CA THR B 234 13.15 6.07 42.48
C THR B 234 13.62 4.66 42.78
N GLU B 235 12.69 3.75 43.05
CA GLU B 235 13.06 2.36 43.30
C GLU B 235 13.69 1.72 42.06
N ILE B 236 13.09 1.96 40.89
CA ILE B 236 13.59 1.35 39.66
C ILE B 236 14.95 1.95 39.30
N SER B 237 15.09 3.26 39.47
CA SER B 237 16.37 3.91 39.23
C SER B 237 17.43 3.35 40.17
N ALA B 238 17.02 3.07 41.41
CA ALA B 238 17.91 2.46 42.38
C ALA B 238 18.41 1.10 41.90
N PHE B 239 17.50 0.27 41.39
CA PHE B 239 17.94 -0.97 40.75
C PHE B 239 18.97 -0.69 39.65
N ARG B 240 18.74 0.36 38.86
CA ARG B 240 19.68 0.65 37.77
C ARG B 240 21.06 1.00 38.31
N ARG B 241 21.13 1.56 39.51
CA ARG B 241 22.43 1.70 40.17
C ARG B 241 22.97 0.35 40.62
N TYR B 242 22.08 -0.59 40.94
CA TYR B 242 22.46 -1.89 41.53
C TYR B 242 23.24 -2.78 40.56
N VAL B 243 22.90 -2.71 39.27
CA VAL B 243 23.34 -3.59 38.18
C VAL B 243 24.72 -3.18 37.71
N PRO B 244 25.51 -4.05 37.06
CA PRO B 244 26.84 -3.64 36.60
C PRO B 244 26.80 -2.62 35.47
N THR B 245 27.90 -1.86 35.38
CA THR B 245 27.97 -0.72 34.47
C THR B 245 27.72 -1.12 33.03
N HIS B 246 28.14 -2.31 32.61
CA HIS B 246 27.91 -2.62 31.21
C HIS B 246 26.43 -2.88 30.93
N LEU B 247 25.59 -2.90 31.95
CA LEU B 247 24.15 -3.07 31.77
C LEU B 247 23.34 -1.86 32.22
N GLN B 248 23.98 -0.77 32.66
CA GLN B 248 23.21 0.40 33.07
C GLN B 248 22.42 1.05 31.95
N SER B 249 22.67 0.65 30.70
CA SER B 249 21.92 1.06 29.53
C SER B 249 20.50 0.52 29.53
N CYS B 250 20.12 -0.30 30.52
CA CYS B 250 18.85 -1.00 30.49
C CYS B 250 17.67 -0.05 30.60
N THR B 251 16.59 -0.41 29.93
CA THR B 251 15.31 0.26 30.06
C THR B 251 14.64 -0.11 31.39
N THR B 252 13.81 0.82 31.88
CA THR B 252 12.87 0.52 32.95
C THR B 252 12.16 -0.79 32.67
N PHE B 253 11.73 -0.96 31.44
CA PHE B 253 11.02 -2.18 31.07
C PHE B 253 11.91 -3.40 31.29
N GLU B 254 13.18 -3.32 30.83
CA GLU B 254 14.14 -4.40 30.96
C GLU B 254 14.45 -4.71 32.42
N LEU B 255 14.71 -3.67 33.21
CA LEU B 255 14.98 -3.87 34.63
C LEU B 255 13.80 -4.52 35.33
N LEU B 256 12.59 -3.99 35.12
CA LEU B 256 11.38 -4.59 35.69
C LEU B 256 11.19 -6.03 35.27
N THR B 257 11.40 -6.32 33.99
CA THR B 257 11.12 -7.65 33.49
C THR B 257 12.15 -8.65 34.02
N ALA B 258 13.40 -8.20 34.18
CA ALA B 258 14.41 -9.06 34.81
C ALA B 258 14.07 -9.29 36.30
N CYS B 259 13.71 -8.25 37.02
CA CYS B 259 13.40 -8.42 38.44
C CYS B 259 12.27 -9.42 38.59
N ILE B 260 11.20 -9.21 37.82
CA ILE B 260 10.04 -10.06 37.90
C ILE B 260 10.39 -11.48 37.54
N TRP B 261 11.09 -11.68 36.43
CA TRP B 261 11.40 -13.04 35.96
C TRP B 261 12.21 -13.81 37.01
N ARG B 262 13.26 -13.18 37.51
CA ARG B 262 14.12 -13.78 38.52
C ARG B 262 13.35 -14.08 39.81
N CYS B 263 12.63 -13.08 40.35
CA CYS B 263 11.86 -13.32 41.57
C CYS B 263 10.76 -14.34 41.35
N HIS B 264 10.07 -14.31 40.22
CA HIS B 264 9.03 -15.32 40.01
C HIS B 264 9.61 -16.72 39.97
N THR B 265 10.80 -16.88 39.35
CA THR B 265 11.44 -18.20 39.22
C THR B 265 11.89 -18.71 40.58
N ILE B 266 12.58 -17.86 41.34
CA ILE B 266 12.94 -18.22 42.72
C ILE B 266 11.67 -18.57 43.50
N ALA B 267 10.61 -17.79 43.32
CA ALA B 267 9.43 -18.04 44.14
C ALA B 267 8.82 -19.39 43.81
N LEU B 268 8.89 -19.80 42.54
CA LEU B 268 8.23 -20.99 42.01
C LEU B 268 8.98 -22.26 42.36
N GLN B 269 10.28 -22.15 42.51
CA GLN B 269 11.18 -23.25 42.80
C GLN B 269 11.11 -24.36 41.75
N PRO B 270 11.30 -24.07 40.47
CA PRO B 270 11.27 -25.14 39.47
C PRO B 270 12.42 -26.13 39.64
N ASP B 271 12.28 -27.29 39.03
CA ASP B 271 13.44 -28.17 38.92
C ASP B 271 14.61 -27.40 38.29
N PRO B 272 15.83 -27.61 38.75
CA PRO B 272 16.95 -26.75 38.30
C PRO B 272 17.16 -26.81 36.80
N GLU B 273 16.86 -27.95 36.19
CA GLU B 273 17.12 -28.13 34.77
C GLU B 273 16.06 -27.46 33.91
N GLU B 274 14.92 -27.11 34.51
CA GLU B 274 13.77 -26.63 33.74
C GLU B 274 14.06 -25.29 33.07
N GLU B 275 13.60 -25.17 31.83
CA GLU B 275 13.82 -23.96 31.02
C GLU B 275 12.73 -22.93 31.30
N MET B 276 13.15 -21.81 31.84
CA MET B 276 12.29 -20.70 32.22
C MET B 276 12.32 -19.64 31.12
N ASN B 277 11.13 -19.26 30.62
CA ASN B 277 11.03 -18.31 29.53
C ASN B 277 10.30 -17.05 29.96
N MET B 278 10.77 -15.92 29.45
CA MET B 278 10.12 -14.63 29.60
C MET B 278 9.84 -14.07 28.19
N ILE B 279 8.58 -13.78 27.93
CA ILE B 279 8.13 -13.43 26.59
C ILE B 279 7.43 -12.09 26.63
N TRP B 280 7.70 -11.26 25.63
CA TRP B 280 6.95 -10.02 25.56
C TRP B 280 6.80 -9.55 24.12
N PRO B 281 5.71 -8.86 23.83
CA PRO B 281 5.49 -8.38 22.46
C PRO B 281 6.22 -7.07 22.24
N VAL B 282 6.66 -6.88 21.00
CA VAL B 282 7.22 -5.63 20.52
C VAL B 282 6.33 -5.18 19.37
N ASN B 283 5.99 -3.91 19.37
CA ASN B 283 5.27 -3.32 18.25
C ASN B 283 6.32 -2.85 17.26
N VAL B 284 6.26 -3.36 16.03
CA VAL B 284 7.29 -3.14 15.04
C VAL B 284 6.93 -2.00 14.08
N ARG B 285 5.88 -1.23 14.38
CA ARG B 285 5.34 -0.36 13.34
C ARG B 285 6.28 0.80 13.05
N ASN B 286 6.89 1.39 14.07
CA ASN B 286 7.87 2.46 13.86
C ASN B 286 9.30 1.97 14.01
N LYS B 287 9.51 0.66 13.99
CA LYS B 287 10.87 0.13 14.01
C LYS B 287 11.30 -0.46 12.68
N PHE B 288 10.37 -1.03 11.93
CA PHE B 288 10.68 -1.63 10.64
C PHE B 288 10.10 -0.77 9.53
N LYS B 289 10.75 -0.80 8.38
CA LYS B 289 10.25 -0.11 7.20
C LYS B 289 10.03 -1.19 6.13
N PHE B 290 8.77 -1.44 5.82
CA PHE B 290 8.42 -2.59 4.99
C PHE B 290 8.61 -2.26 3.51
N ASP B 291 9.35 -3.10 2.81
CA ASP B 291 9.52 -3.01 1.37
C ASP B 291 9.13 -4.32 0.71
N PRO B 292 8.01 -4.39 -0.03
CA PRO B 292 7.07 -3.30 -0.32
C PRO B 292 6.25 -2.83 0.92
N PRO B 293 5.70 -1.63 0.85
CA PRO B 293 4.93 -1.11 2.00
C PRO B 293 3.81 -2.05 2.43
N LEU B 294 3.51 -2.03 3.71
CA LEU B 294 2.30 -2.68 4.20
C LEU B 294 1.06 -1.93 3.72
N PRO B 295 0.04 -2.64 3.25
CA PRO B 295 -1.21 -1.98 2.81
C PRO B 295 -1.94 -1.25 3.94
N ALA B 296 -2.69 -0.20 3.53
CA ALA B 296 -3.05 0.91 4.43
C ALA B 296 -4.12 0.55 5.46
N GLY B 297 -5.07 -0.31 5.10
CA GLY B 297 -6.06 -0.64 6.12
C GLY B 297 -5.78 -1.94 6.88
N TYR B 298 -4.54 -2.42 6.84
CA TYR B 298 -4.21 -3.70 7.45
C TYR B 298 -4.53 -3.67 8.94
N TYR B 299 -5.10 -4.76 9.45
CA TYR B 299 -5.35 -4.79 10.88
C TYR B 299 -5.16 -6.17 11.47
N GLY B 300 -4.36 -7.04 10.83
CA GLY B 300 -3.92 -8.25 11.48
C GLY B 300 -2.90 -7.95 12.56
N ASN B 301 -2.51 -8.99 13.29
CA ASN B 301 -1.49 -8.81 14.31
C ASN B 301 -0.18 -8.44 13.63
N LEU B 302 0.47 -7.39 14.12
CA LEU B 302 1.81 -7.03 13.68
C LEU B 302 2.80 -7.01 14.84
N LEU B 303 2.71 -7.99 15.74
CA LEU B 303 3.59 -8.06 16.90
C LEU B 303 4.77 -8.98 16.61
N ALA B 304 5.96 -8.57 17.03
CA ALA B 304 7.06 -9.49 17.22
C ALA B 304 7.08 -9.90 18.69
N PHE B 305 7.80 -10.97 19.00
CA PHE B 305 7.87 -11.45 20.38
C PHE B 305 9.31 -11.73 20.72
N SER B 306 9.82 -11.09 21.73
CA SER B 306 11.17 -11.48 22.10
C SER B 306 11.05 -12.44 23.28
N VAL B 307 12.03 -13.32 23.36
CA VAL B 307 11.99 -14.49 24.23
C VAL B 307 13.34 -14.59 24.92
N ALA B 308 13.35 -14.44 26.23
CA ALA B 308 14.52 -14.70 27.05
C ALA B 308 14.35 -16.05 27.73
N MET B 309 15.39 -16.89 27.71
CA MET B 309 15.31 -18.24 28.25
C MET B 309 16.56 -18.58 29.06
N SER B 310 16.37 -19.26 30.19
CA SER B 310 17.47 -19.72 31.03
C SER B 310 17.02 -20.97 31.77
N SER B 311 17.99 -21.80 32.16
CA SER B 311 17.69 -22.86 33.11
C SER B 311 17.17 -22.23 34.40
N ALA B 312 16.37 -22.98 35.16
CA ALA B 312 15.90 -22.41 36.42
C ALA B 312 17.07 -22.20 37.39
N ARG B 313 18.07 -23.11 37.35
CA ARG B 313 19.16 -23.04 38.31
C ARG B 313 20.05 -21.85 38.05
N ASP B 314 20.24 -21.49 36.78
CA ASP B 314 21.05 -20.31 36.46
C ASP B 314 20.36 -19.02 36.89
N LEU B 315 19.08 -18.87 36.53
CA LEU B 315 18.28 -17.74 37.02
C LEU B 315 18.39 -17.59 38.54
N CYS B 316 18.19 -18.68 39.29
CA CYS B 316 18.15 -18.48 40.74
C CYS B 316 19.51 -18.34 41.39
N SER B 317 20.57 -18.86 40.77
CA SER B 317 21.85 -18.85 41.46
C SER B 317 22.70 -17.65 41.07
N LYS B 318 22.30 -16.92 40.05
CA LYS B 318 23.11 -15.80 39.62
C LYS B 318 22.41 -14.46 39.90
N PRO B 319 23.20 -13.39 40.07
CA PRO B 319 22.61 -12.08 40.39
C PRO B 319 21.75 -11.51 39.28
N LEU B 320 21.15 -10.34 39.58
CA LEU B 320 20.20 -9.71 38.67
C LEU B 320 20.83 -9.41 37.32
N GLY B 321 22.12 -9.04 37.29
CA GLY B 321 22.80 -8.79 36.04
C GLY B 321 22.72 -9.93 35.04
N TYR B 322 22.66 -11.17 35.51
CA TYR B 322 22.49 -12.31 34.60
C TYR B 322 21.16 -12.22 33.88
N ALA B 323 20.07 -12.18 34.65
CA ALA B 323 18.75 -12.11 34.05
C ALA B 323 18.61 -10.89 33.18
N LEU B 324 19.13 -9.77 33.65
CA LEU B 324 18.95 -8.50 32.97
C LEU B 324 19.66 -8.49 31.63
N GLU B 325 20.89 -9.03 31.58
CA GLU B 325 21.57 -9.14 30.31
C GLU B 325 20.79 -10.03 29.34
N LEU B 326 20.22 -11.14 29.85
CA LEU B 326 19.42 -11.97 28.95
C LEU B 326 18.20 -11.23 28.41
N VAL B 327 17.56 -10.43 29.26
CA VAL B 327 16.35 -9.73 28.86
C VAL B 327 16.69 -8.66 27.83
N MET B 328 17.76 -7.92 28.09
CA MET B 328 18.22 -6.85 27.21
C MET B 328 18.62 -7.40 25.83
N LYS B 329 19.44 -8.45 25.79
CA LYS B 329 19.86 -8.94 24.50
C LYS B 329 18.70 -9.57 23.74
N ALA B 330 17.76 -10.22 24.45
CA ALA B 330 16.58 -10.72 23.75
C ALA B 330 15.77 -9.58 23.15
N ASN B 331 15.79 -8.41 23.80
CA ASN B 331 15.02 -7.30 23.27
C ASN B 331 15.54 -6.81 21.93
N HIS B 332 16.81 -7.07 21.62
CA HIS B 332 17.35 -6.71 20.33
C HIS B 332 17.43 -7.88 19.36
N ASP B 333 17.21 -9.11 19.83
CA ASP B 333 17.08 -10.20 18.86
C ASP B 333 16.03 -9.90 17.79
N VAL B 334 14.88 -9.33 18.18
CA VAL B 334 13.77 -9.13 17.23
C VAL B 334 13.92 -7.87 16.42
N THR B 335 14.67 -6.89 16.92
CA THR B 335 14.86 -5.60 16.28
C THR B 335 16.13 -5.55 15.42
N LYS B 336 16.76 -6.70 15.18
CA LYS B 336 18.08 -6.69 14.55
C LYS B 336 18.01 -6.40 13.05
N LYS B 337 16.91 -6.76 12.38
CA LYS B 337 16.73 -6.50 10.96
C LYS B 337 15.54 -5.60 10.74
N LYS B 338 15.73 -4.50 10.01
CA LYS B 338 14.79 -3.38 10.05
C LYS B 338 14.21 -2.96 8.70
N ILE B 339 14.55 -3.63 7.61
CA ILE B 339 14.05 -3.23 6.29
C ILE B 339 13.84 -4.48 5.44
N GLY B 340 12.73 -4.51 4.71
CA GLY B 340 12.42 -5.62 3.82
C GLY B 340 10.96 -6.00 3.89
N SER B 341 10.70 -7.23 3.44
CA SER B 341 9.36 -7.81 3.45
C SER B 341 8.77 -7.79 4.85
N VAL B 342 7.44 -7.73 4.93
CA VAL B 342 6.76 -8.12 6.16
C VAL B 342 7.15 -9.54 6.54
N SER B 343 7.04 -10.47 5.58
CA SER B 343 7.34 -11.85 5.87
C SER B 343 8.81 -12.07 6.19
N ASP B 344 9.69 -11.18 5.72
CA ASP B 344 11.10 -11.27 6.08
C ASP B 344 11.35 -10.76 7.50
N LEU B 345 10.67 -9.70 7.90
CA LEU B 345 10.94 -9.08 9.18
C LEU B 345 10.04 -9.57 10.32
N LEU B 346 8.89 -10.16 10.02
CA LEU B 346 7.89 -10.56 11.02
C LEU B 346 7.73 -12.07 11.01
N LYS B 347 8.09 -12.71 12.13
CA LYS B 347 7.91 -14.15 12.23
C LYS B 347 7.15 -14.49 13.50
N PRO B 348 6.41 -15.58 13.52
CA PRO B 348 5.86 -16.09 14.78
C PRO B 348 6.95 -16.70 15.64
N ILE B 349 6.62 -16.98 16.91
CA ILE B 349 7.54 -17.71 17.76
C ILE B 349 7.67 -19.14 17.24
N LYS B 350 8.91 -19.65 17.26
CA LYS B 350 9.23 -21.05 16.96
C LYS B 350 8.13 -22.05 17.33
N GLY B 351 7.69 -22.02 18.59
CA GLY B 351 6.61 -22.89 19.01
C GLY B 351 7.05 -24.34 19.00
N PRO B 352 6.37 -25.21 19.76
CA PRO B 352 5.31 -24.89 20.72
C PRO B 352 5.86 -24.10 21.87
N LEU B 353 4.98 -23.41 22.56
CA LEU B 353 5.42 -22.58 23.66
C LEU B 353 5.99 -23.47 24.76
N PRO B 354 7.09 -23.05 25.39
CA PRO B 354 7.63 -23.83 26.49
C PRO B 354 6.62 -23.96 27.61
N VAL B 355 6.78 -25.04 28.38
CA VAL B 355 5.88 -25.29 29.50
C VAL B 355 6.03 -24.22 30.58
N ARG B 356 7.24 -23.73 30.79
CA ARG B 356 7.50 -22.61 31.68
C ARG B 356 7.72 -21.37 30.81
N HIS B 357 6.71 -20.53 30.70
CA HIS B 357 6.90 -19.21 30.12
C HIS B 357 6.08 -18.18 30.88
N ASP B 358 6.73 -17.07 31.25
CA ASP B 358 6.05 -15.89 31.72
C ASP B 358 5.85 -14.90 30.55
N ILE B 359 4.74 -14.17 30.57
CA ILE B 359 4.43 -13.16 29.54
C ILE B 359 4.26 -11.80 30.21
N VAL B 360 5.01 -10.82 29.73
CA VAL B 360 4.93 -9.47 30.28
C VAL B 360 4.63 -8.49 29.14
N SER B 361 3.88 -7.44 29.43
CA SER B 361 3.52 -6.48 28.39
C SER B 361 3.78 -5.05 28.85
N ASP B 362 4.20 -4.20 27.93
CA ASP B 362 4.52 -2.81 28.25
C ASP B 362 3.37 -1.89 27.85
N LEU B 363 2.69 -1.32 28.85
CA LEU B 363 1.57 -0.41 28.64
C LEU B 363 1.83 0.98 29.20
N ILE B 364 3.09 1.29 29.55
CA ILE B 364 3.44 2.59 30.12
C ILE B 364 3.08 3.74 29.18
N HIS B 365 2.87 3.48 27.89
CA HIS B 365 2.51 4.55 26.95
C HIS B 365 1.15 5.15 27.32
N GLY B 367 -1.30 8.77 26.35
CA GLY B 367 -2.26 7.70 26.37
C GLY B 367 -2.89 7.31 25.06
N HIS B 368 -4.06 6.68 25.13
CA HIS B 368 -4.86 6.25 23.96
C HIS B 368 -6.01 7.19 23.66
N TYR B 369 -5.66 8.39 23.25
CA TYR B 369 -6.48 9.58 23.05
C TYR B 369 -7.66 9.88 22.09
N SER B 370 -7.57 9.53 20.82
CA SER B 370 -8.58 9.91 19.82
C SER B 370 -10.05 9.49 19.80
N MET B 371 -10.38 8.26 20.17
CA MET B 371 -11.74 7.76 20.06
C MET B 371 -12.71 8.72 20.74
N GLU B 372 -13.71 9.16 19.98
CA GLU B 372 -14.80 9.96 20.53
C GLU B 372 -16.12 9.40 20.02
N PHE B 373 -17.10 9.26 20.91
CA PHE B 373 -18.42 8.75 20.54
C PHE B 373 -19.52 9.77 20.87
N GLY B 374 -19.17 11.05 20.94
CA GLY B 374 -20.11 12.09 21.32
C GLY B 374 -19.98 12.58 22.75
N TRP B 375 -19.25 11.88 23.61
CA TRP B 375 -19.05 12.31 25.00
C TRP B 375 -17.64 12.83 25.24
N GLY B 376 -16.95 13.26 24.18
CA GLY B 376 -15.56 13.67 24.28
C GLY B 376 -14.57 12.51 24.27
N LYS B 377 -13.37 12.82 24.72
CA LYS B 377 -12.30 11.84 24.80
C LYS B 377 -12.36 11.10 26.14
N ALA B 378 -11.99 9.83 26.13
CA ALA B 378 -12.06 9.03 27.35
C ALA B 378 -11.13 9.58 28.42
N THR B 379 -11.60 9.56 29.66
CA THR B 379 -10.78 9.97 30.78
C THR B 379 -9.75 8.91 31.14
N TYR B 380 -9.97 7.65 30.73
CA TYR B 380 -8.94 6.62 30.82
C TYR B 380 -9.25 5.55 29.78
N THR B 381 -8.20 5.16 29.04
CA THR B 381 -8.23 4.06 28.07
C THR B 381 -7.06 3.13 28.35
N GLY B 382 -7.33 1.85 28.48
CA GLY B 382 -6.26 0.93 28.78
C GLY B 382 -6.67 -0.49 29.13
N PRO B 383 -5.70 -1.30 29.54
CA PRO B 383 -5.99 -2.72 29.79
C PRO B 383 -6.86 -2.90 31.02
N ALA B 384 -7.41 -4.11 31.13
CA ALA B 384 -8.23 -4.49 32.27
C ALA B 384 -7.79 -5.89 32.77
N THR B 385 -8.13 -6.18 34.02
CA THR B 385 -7.62 -7.36 34.77
C THR B 385 -6.14 -7.60 34.53
N ASN B 390 -4.99 -17.13 32.06
CA ASN B 390 -4.30 -17.36 30.79
C ASN B 390 -3.51 -18.65 30.88
N ASN B 391 -2.19 -18.52 30.98
CA ASN B 391 -1.32 -19.65 31.24
C ASN B 391 -0.93 -19.66 32.71
N PRO B 392 -0.58 -20.83 33.27
CA PRO B 392 -0.22 -20.89 34.69
C PRO B 392 1.03 -20.07 35.02
N GLY B 393 1.96 -19.93 34.07
CA GLY B 393 3.02 -18.97 34.23
C GLY B 393 2.47 -17.56 34.34
N LEU B 394 3.25 -16.69 34.96
CA LEU B 394 2.83 -15.34 35.30
C LEU B 394 2.59 -14.49 34.04
N THR B 395 1.37 -13.97 33.89
CA THR B 395 1.08 -13.01 32.83
C THR B 395 0.74 -11.68 33.50
N THR B 396 1.46 -10.62 33.12
CA THR B 396 1.23 -9.30 33.71
C THR B 396 1.62 -8.23 32.70
N TYR B 397 1.48 -6.98 33.13
CA TYR B 397 1.78 -5.81 32.32
C TYR B 397 1.97 -4.64 33.28
N TYR B 398 2.58 -3.59 32.77
CA TYR B 398 3.06 -2.45 33.55
C TYR B 398 2.24 -1.21 33.19
N VAL B 399 1.69 -0.53 34.19
CA VAL B 399 0.92 0.68 33.86
C VAL B 399 1.46 1.86 34.65
N PRO B 400 1.46 3.07 34.10
CA PRO B 400 1.90 4.22 34.89
C PRO B 400 0.99 4.42 36.09
N TYR B 401 1.55 5.05 37.12
CA TYR B 401 0.78 5.27 38.33
C TYR B 401 1.46 6.38 39.09
N THR B 402 0.70 7.36 39.50
CA THR B 402 1.20 8.37 40.39
C THR B 402 0.34 8.32 41.65
N ASN B 403 0.98 8.39 42.81
CA ASN B 403 0.29 8.22 44.07
C ASN B 403 -0.06 9.60 44.66
N ASN B 404 -0.63 9.58 45.88
CA ASN B 404 -1.15 10.80 46.49
C ASN B 404 -0.09 11.88 46.65
N LYS B 405 1.18 11.52 46.86
CA LYS B 405 2.25 12.48 47.11
C LYS B 405 2.96 12.95 45.85
N GLY B 406 2.55 12.46 44.69
CA GLY B 406 3.17 12.84 43.43
C GLY B 406 4.29 11.96 42.90
N GLU B 407 4.46 10.74 43.41
CA GLU B 407 5.54 9.87 42.93
C GLU B 407 5.07 9.04 41.75
N SER B 408 5.69 9.26 40.59
CA SER B 408 5.36 8.43 39.46
C SER B 408 6.05 7.08 39.58
N GLY B 409 5.50 6.11 38.87
CA GLY B 409 6.01 4.76 38.94
C GLY B 409 5.12 3.85 38.14
N VAL B 410 5.23 2.56 38.45
CA VAL B 410 4.65 1.49 37.64
C VAL B 410 3.85 0.59 38.56
N VAL B 411 2.68 0.19 38.10
CA VAL B 411 1.80 -0.74 38.80
C VAL B 411 1.78 -2.06 38.03
N VAL B 412 2.00 -3.14 38.75
CA VAL B 412 2.07 -4.49 38.21
C VAL B 412 1.02 -5.33 38.90
N PRO B 413 -0.07 -5.66 38.21
CA PRO B 413 -1.05 -6.59 38.77
C PRO B 413 -0.59 -8.02 38.59
N LEU B 414 -0.72 -8.81 39.64
CA LEU B 414 -0.26 -10.19 39.67
C LEU B 414 -1.38 -11.09 40.13
N LEU B 415 -1.49 -12.25 39.49
CA LEU B 415 -2.48 -13.24 39.83
C LEU B 415 -1.69 -14.53 40.06
N LEU B 416 -1.45 -14.87 41.33
CA LEU B 416 -0.57 -15.96 41.72
C LEU B 416 -1.18 -16.72 42.89
N ARG B 417 -0.96 -18.03 42.92
CA ARG B 417 -1.25 -18.80 44.12
C ARG B 417 -0.56 -18.15 45.32
N SER B 418 -1.27 -18.10 46.44
CA SER B 418 -0.88 -17.25 47.57
C SER B 418 0.56 -17.49 48.00
N ALA B 419 0.98 -18.75 48.15
CA ALA B 419 2.36 -19.00 48.60
C ALA B 419 3.39 -18.48 47.58
N VAL B 420 3.14 -18.76 46.29
CA VAL B 420 4.02 -18.27 45.23
C VAL B 420 4.08 -16.76 45.26
N MET B 421 2.93 -16.13 45.55
CA MET B 421 2.83 -14.69 45.62
C MET B 421 3.66 -14.14 46.79
N THR B 422 3.53 -14.74 47.99
CA THR B 422 4.30 -14.16 49.09
C THR B 422 5.77 -14.39 48.86
N ARG B 423 6.17 -15.57 48.41
CA ARG B 423 7.58 -15.75 48.08
C ARG B 423 8.06 -14.72 47.07
N PHE B 424 7.26 -14.45 46.04
CA PHE B 424 7.63 -13.48 45.01
C PHE B 424 7.81 -12.09 45.61
N VAL B 425 6.84 -11.65 46.42
CA VAL B 425 6.89 -10.31 47.02
C VAL B 425 8.08 -10.18 47.94
N ASN B 426 8.32 -11.22 48.75
CA ASN B 426 9.46 -11.26 49.66
C ASN B 426 10.76 -11.10 48.90
N GLU B 427 10.90 -11.83 47.78
CA GLU B 427 12.13 -11.74 47.01
C GLU B 427 12.32 -10.35 46.41
N ILE B 428 11.26 -9.74 45.90
CA ILE B 428 11.40 -8.37 45.41
C ILE B 428 11.81 -7.43 46.54
N ASN B 429 11.17 -7.58 47.71
CA ASN B 429 11.48 -6.72 48.85
C ASN B 429 12.90 -6.91 49.36
N ASN B 430 13.43 -8.11 49.22
CA ASN B 430 14.84 -8.35 49.49
C ASN B 430 15.73 -7.57 48.53
N MET B 431 15.36 -7.57 47.26
CA MET B 431 16.11 -6.77 46.30
C MET B 431 16.08 -5.30 46.66
N LEU B 432 14.92 -4.82 47.10
CA LEU B 432 14.83 -3.43 47.55
C LEU B 432 15.80 -3.18 48.68
N ALA B 433 15.85 -4.09 49.67
CA ALA B 433 16.79 -3.91 50.78
C ALA B 433 18.24 -3.90 50.29
N GLN B 434 18.62 -4.90 49.48
CA GLN B 434 19.93 -4.93 48.83
C GLN B 434 20.30 -3.58 48.22
N VAL B 435 19.37 -2.95 47.50
CA VAL B 435 19.67 -1.67 46.88
C VAL B 435 19.73 -0.57 47.93
N GLN B 436 18.65 -0.39 48.71
CA GLN B 436 18.48 0.78 49.56
C GLN B 436 19.53 0.84 50.66
N ASN B 437 20.17 -0.29 50.99
CA ASN B 437 21.29 -0.23 51.91
C ASN B 437 22.55 0.27 51.19
N ASN B 438 22.94 -0.44 50.13
CA ASN B 438 24.12 -0.10 49.36
C ASN B 438 23.93 1.14 48.49
N MET C 1 -64.73 -20.58 -13.91
CA MET C 1 -63.26 -20.67 -13.98
C MET C 1 -62.68 -20.95 -12.62
N GLU C 2 -62.07 -22.13 -12.47
CA GLU C 2 -61.73 -22.61 -11.15
C GLU C 2 -60.60 -21.77 -10.55
N GLU C 3 -60.71 -21.46 -9.26
CA GLU C 3 -59.60 -20.87 -8.52
C GLU C 3 -58.86 -21.99 -7.81
N ILE C 4 -57.53 -21.99 -7.93
CA ILE C 4 -56.69 -23.00 -7.32
C ILE C 4 -56.08 -22.38 -6.08
N ASN C 5 -56.59 -22.77 -4.93
CA ASN C 5 -56.05 -22.28 -3.68
C ASN C 5 -55.32 -23.40 -2.98
N THR C 6 -54.20 -23.05 -2.36
CA THR C 6 -53.43 -23.98 -1.55
C THR C 6 -53.74 -23.71 -0.08
N ARG C 7 -53.75 -24.77 0.71
CA ARG C 7 -53.93 -24.63 2.14
C ARG C 7 -52.64 -24.86 2.91
N LEU C 8 -51.55 -25.17 2.21
CA LEU C 8 -50.30 -25.45 2.88
C LEU C 8 -49.65 -24.14 3.27
N THR C 9 -49.30 -24.00 4.55
CA THR C 9 -48.43 -22.93 5.01
C THR C 9 -47.45 -23.53 6.00
N PHE C 10 -46.36 -22.81 6.22
CA PHE C 10 -45.27 -23.29 7.05
C PHE C 10 -44.34 -22.14 7.36
N THR C 11 -43.57 -22.30 8.41
CA THR C 11 -42.66 -21.26 8.88
C THR C 11 -41.32 -21.45 8.21
N VAL C 12 -40.84 -20.38 7.59
CA VAL C 12 -39.52 -20.34 6.96
C VAL C 12 -38.67 -19.38 7.76
N ARG C 13 -37.52 -19.84 8.24
CA ARG C 13 -36.57 -18.95 8.88
C ARG C 13 -35.30 -18.92 8.05
N ARG C 14 -34.87 -17.71 7.73
CA ARG C 14 -33.70 -17.49 6.90
C ARG C 14 -32.53 -16.98 7.76
N CYS C 15 -31.32 -17.31 7.32
CA CYS C 15 -30.16 -16.56 7.78
C CYS C 15 -30.24 -15.13 7.22
N ALA C 16 -29.33 -14.28 7.67
CA ALA C 16 -29.34 -12.98 7.03
C ALA C 16 -28.67 -13.09 5.67
N PRO C 17 -29.06 -12.26 4.71
CA PRO C 17 -28.50 -12.42 3.35
C PRO C 17 -27.01 -12.10 3.35
N GLU C 18 -26.28 -12.80 2.51
CA GLU C 18 -24.85 -12.63 2.34
C GLU C 18 -24.56 -12.30 0.89
N LEU C 19 -23.31 -11.92 0.63
CA LEU C 19 -22.83 -11.72 -0.73
C LEU C 19 -21.87 -12.82 -1.10
N ILE C 20 -21.87 -13.20 -2.38
CA ILE C 20 -20.94 -14.21 -2.90
C ILE C 20 -20.14 -13.54 -4.01
N VAL C 21 -18.84 -13.36 -3.78
CA VAL C 21 -17.97 -12.69 -4.74
C VAL C 21 -17.21 -13.78 -5.49
N PRO C 22 -16.53 -13.46 -6.60
CA PRO C 22 -15.79 -14.50 -7.32
C PRO C 22 -14.60 -14.99 -6.49
N ALA C 23 -14.39 -16.30 -6.54
CA ALA C 23 -13.49 -16.96 -5.60
C ALA C 23 -12.04 -16.47 -5.76
N GLU C 24 -11.69 -16.01 -6.97
CA GLU C 24 -10.41 -15.46 -7.37
C GLU C 24 -10.61 -14.07 -7.99
N PRO C 25 -9.62 -13.18 -7.93
CA PRO C 25 -9.80 -11.83 -8.48
C PRO C 25 -10.22 -11.85 -9.94
N THR C 26 -11.05 -10.89 -10.31
CA THR C 26 -11.65 -10.82 -11.64
C THR C 26 -11.43 -9.43 -12.20
N PRO C 27 -11.38 -9.25 -13.49
CA PRO C 27 -11.14 -7.92 -14.02
C PRO C 27 -12.22 -6.91 -13.72
N ARG C 28 -11.82 -5.67 -13.47
CA ARG C 28 -12.75 -4.60 -13.20
C ARG C 28 -12.96 -3.94 -14.53
N GLU C 29 -14.15 -4.10 -15.10
CA GLU C 29 -14.45 -3.58 -16.40
C GLU C 29 -15.81 -2.90 -16.44
N LEU C 30 -16.00 -2.00 -17.39
CA LEU C 30 -17.27 -1.30 -17.61
C LEU C 30 -17.90 -1.82 -18.91
N LYS C 31 -18.61 -2.96 -18.83
CA LYS C 31 -19.05 -3.62 -20.05
C LYS C 31 -20.42 -3.12 -20.49
N PRO C 32 -20.60 -2.84 -21.77
CA PRO C 32 -21.90 -2.28 -22.22
C PRO C 32 -22.98 -3.36 -22.28
N LEU C 33 -24.16 -3.02 -21.78
CA LEU C 33 -25.27 -3.91 -22.05
C LEU C 33 -25.81 -3.64 -23.45
N SER C 34 -26.55 -4.60 -23.98
CA SER C 34 -27.00 -4.47 -25.36
C SER C 34 -28.32 -3.70 -25.44
N ASP C 35 -28.69 -3.38 -26.69
CA ASP C 35 -29.96 -2.69 -26.95
C ASP C 35 -31.17 -3.57 -26.65
N ILE C 36 -31.03 -4.88 -26.81
CA ILE C 36 -32.07 -5.80 -26.34
C ILE C 36 -32.11 -5.82 -24.81
N ASP C 37 -30.94 -5.89 -24.16
CA ASP C 37 -30.93 -5.99 -22.70
C ASP C 37 -31.53 -4.77 -22.03
N ASP C 38 -31.33 -3.59 -22.59
CA ASP C 38 -31.58 -2.38 -21.83
C ASP C 38 -32.87 -1.69 -22.23
N GLN C 39 -33.77 -2.38 -22.91
CA GLN C 39 -35.03 -1.73 -23.24
C GLN C 39 -35.96 -1.71 -22.03
N GLU C 40 -36.91 -0.77 -22.03
CA GLU C 40 -37.71 -0.49 -20.83
C GLU C 40 -38.37 -1.75 -20.29
N ILE C 41 -38.86 -2.63 -21.17
CA ILE C 41 -39.60 -3.78 -20.71
C ILE C 41 -38.74 -4.78 -19.95
N LEU C 42 -37.42 -4.75 -20.11
CA LEU C 42 -36.58 -5.67 -19.36
C LEU C 42 -36.01 -5.07 -18.10
N ARG C 43 -36.47 -3.87 -17.70
CA ARG C 43 -36.06 -3.24 -16.45
C ARG C 43 -36.88 -3.78 -15.29
N CYS C 44 -36.71 -5.05 -15.02
CA CYS C 44 -37.52 -5.72 -14.03
C CYS C 44 -36.75 -6.96 -13.59
N HIS C 45 -37.28 -7.62 -12.58
CA HIS C 45 -36.72 -8.87 -12.10
C HIS C 45 -37.65 -10.01 -12.46
N GLN C 46 -37.08 -11.19 -12.55
CA GLN C 46 -37.84 -12.41 -12.82
C GLN C 46 -37.47 -13.44 -11.76
N LYS C 47 -38.46 -14.20 -11.30
CA LYS C 47 -38.28 -15.21 -10.27
C LYS C 47 -38.38 -16.59 -10.90
N ALA C 48 -37.59 -17.52 -10.37
CA ALA C 48 -37.58 -18.88 -10.89
C ALA C 48 -37.25 -19.80 -9.74
N ILE C 49 -37.70 -21.05 -9.83
CA ILE C 49 -37.65 -21.92 -8.67
C ILE C 49 -37.41 -23.35 -9.14
N GLN C 50 -36.73 -24.10 -8.27
CA GLN C 50 -36.42 -25.51 -8.46
C GLN C 50 -36.60 -26.25 -7.14
N PHE C 51 -37.17 -27.44 -7.21
CA PHE C 51 -37.31 -28.33 -6.06
C PHE C 51 -36.37 -29.52 -6.24
N PHE C 52 -35.70 -29.94 -5.17
CA PHE C 52 -34.73 -31.03 -5.21
C PHE C 52 -35.01 -32.01 -4.08
N ARG C 53 -35.27 -33.27 -4.42
CA ARG C 53 -35.63 -34.22 -3.36
C ARG C 53 -34.39 -34.78 -2.67
N ALA C 54 -34.58 -35.21 -1.42
CA ALA C 54 -33.45 -35.72 -0.64
C ALA C 54 -32.75 -36.83 -1.39
N ASP C 55 -31.43 -36.82 -1.35
CA ASP C 55 -30.63 -37.91 -1.88
C ASP C 55 -29.83 -38.50 -0.73
N PRO C 56 -30.24 -39.65 -0.19
CA PRO C 56 -29.55 -40.19 1.00
C PRO C 56 -28.05 -40.29 0.87
N LYS C 57 -27.51 -40.57 -0.33
CA LYS C 57 -26.05 -40.69 -0.44
C LYS C 57 -25.33 -39.34 -0.35
N MET C 58 -26.04 -38.22 -0.15
CA MET C 58 -25.42 -36.92 0.00
C MET C 58 -25.52 -36.36 1.42
N ARG C 59 -26.08 -37.11 2.37
CA ARG C 59 -26.10 -36.63 3.75
C ARG C 59 -24.67 -36.43 4.23
N HIS C 60 -24.49 -35.41 5.06
CA HIS C 60 -23.22 -34.78 5.51
C HIS C 60 -22.84 -33.62 4.58
N LYS C 61 -23.57 -33.39 3.50
CA LYS C 61 -23.34 -32.26 2.61
C LYS C 61 -24.48 -31.26 2.76
N ASN C 62 -24.13 -29.98 2.85
CA ASN C 62 -25.16 -28.93 2.91
C ASN C 62 -25.46 -28.44 1.51
N PRO C 63 -26.71 -28.54 1.03
CA PRO C 63 -27.02 -28.01 -0.30
C PRO C 63 -26.59 -26.56 -0.46
N ALA C 64 -26.85 -25.73 0.56
CA ALA C 64 -26.47 -24.33 0.47
C ALA C 64 -24.96 -24.16 0.33
N SER C 65 -24.19 -24.99 1.05
CA SER C 65 -22.73 -24.88 1.00
C SER C 65 -22.21 -25.27 -0.37
N VAL C 66 -22.69 -26.40 -0.90
CA VAL C 66 -22.29 -26.82 -2.23
C VAL C 66 -22.65 -25.74 -3.25
N ILE C 67 -23.89 -25.27 -3.22
CA ILE C 67 -24.30 -24.22 -4.14
C ILE C 67 -23.39 -23.01 -4.03
N ARG C 68 -23.10 -22.55 -2.81
CA ARG C 68 -22.45 -21.24 -2.78
C ARG C 68 -20.96 -21.34 -3.08
N GLU C 69 -20.30 -22.43 -2.72
CA GLU C 69 -18.91 -22.58 -3.17
C GLU C 69 -18.83 -22.76 -4.68
N ALA C 70 -19.76 -23.53 -5.26
CA ALA C 70 -19.79 -23.65 -6.71
C ALA C 70 -20.04 -22.30 -7.36
N LEU C 71 -20.86 -21.47 -6.70
CA LEU C 71 -21.20 -20.14 -7.19
C LEU C 71 -19.98 -19.22 -7.17
N ALA C 72 -19.19 -19.26 -6.10
CA ALA C 72 -17.97 -18.46 -6.06
C ALA C 72 -17.01 -18.89 -7.17
N LYS C 73 -16.87 -20.19 -7.40
CA LYS C 73 -15.99 -20.63 -8.46
C LYS C 73 -16.52 -20.20 -9.83
N LEU C 74 -17.81 -20.41 -10.07
CA LEU C 74 -18.43 -20.08 -11.35
C LEU C 74 -18.36 -18.59 -11.64
N LEU C 75 -18.49 -17.75 -10.60
CA LEU C 75 -18.49 -16.32 -10.83
C LEU C 75 -17.14 -15.79 -11.29
N VAL C 76 -16.07 -16.57 -11.20
CA VAL C 76 -14.83 -16.13 -11.86
C VAL C 76 -15.05 -16.07 -13.37
N PHE C 77 -15.79 -17.05 -13.92
CA PHE C 77 -16.04 -17.05 -15.35
C PHE C 77 -17.14 -16.06 -15.73
N TYR C 78 -18.23 -16.05 -14.96
CA TYR C 78 -19.34 -15.13 -15.15
C TYR C 78 -19.22 -13.89 -14.29
N TYR C 79 -18.04 -13.30 -14.23
CA TYR C 79 -17.82 -12.19 -13.30
C TYR C 79 -18.76 -10.99 -13.49
N PRO C 80 -19.27 -10.65 -14.69
CA PRO C 80 -20.25 -9.54 -14.73
C PRO C 80 -21.49 -9.80 -13.90
N PHE C 81 -21.81 -11.06 -13.59
CA PHE C 81 -22.93 -11.35 -12.68
C PHE C 81 -22.64 -10.87 -11.26
N ALA C 82 -21.38 -10.66 -10.93
CA ALA C 82 -20.98 -10.17 -9.63
C ALA C 82 -20.90 -8.65 -9.58
N GLY C 83 -21.23 -7.98 -10.66
CA GLY C 83 -21.09 -6.55 -10.76
C GLY C 83 -22.33 -5.79 -10.33
N ARG C 84 -22.34 -4.50 -10.67
CA ARG C 84 -23.47 -3.61 -10.44
C ARG C 84 -23.79 -2.87 -11.73
N ILE C 85 -25.06 -2.75 -12.06
CA ILE C 85 -25.45 -2.11 -13.31
C ILE C 85 -25.54 -0.61 -13.07
N LYS C 86 -24.89 0.17 -13.93
CA LYS C 86 -24.96 1.62 -13.89
C LYS C 86 -25.57 2.14 -15.19
N GLU C 87 -25.97 3.41 -15.19
CA GLU C 87 -26.70 4.01 -16.30
C GLU C 87 -25.96 5.22 -16.84
N SER C 88 -25.66 5.21 -18.15
CA SER C 88 -24.97 6.31 -18.81
C SER C 88 -25.99 7.38 -19.26
N PRO C 89 -25.53 8.59 -19.61
CA PRO C 89 -26.49 9.68 -19.80
C PRO C 89 -27.47 9.46 -20.94
N VAL C 90 -27.06 8.77 -22.02
CA VAL C 90 -28.01 8.45 -23.07
C VAL C 90 -29.00 7.37 -22.64
N GLY C 91 -28.85 6.85 -21.42
CA GLY C 91 -29.74 5.81 -20.96
C GLY C 91 -29.28 4.40 -21.26
N LYS C 92 -28.08 4.24 -21.80
CA LYS C 92 -27.53 2.92 -22.02
C LYS C 92 -27.03 2.36 -20.71
N LEU C 93 -27.37 1.10 -20.44
CA LEU C 93 -26.97 0.43 -19.22
C LEU C 93 -25.64 -0.27 -19.40
N MET C 94 -24.78 -0.15 -18.40
CA MET C 94 -23.50 -0.83 -18.36
C MET C 94 -23.45 -1.70 -17.12
N VAL C 95 -22.61 -2.72 -17.16
CA VAL C 95 -22.29 -3.52 -15.99
C VAL C 95 -20.90 -3.12 -15.52
N ASP C 96 -20.77 -2.88 -14.25
CA ASP C 96 -19.51 -2.51 -13.62
C ASP C 96 -19.04 -3.72 -12.84
N CYS C 97 -18.06 -4.42 -13.39
CA CYS C 97 -17.56 -5.65 -12.79
C CYS C 97 -16.70 -5.27 -11.59
N THR C 98 -17.38 -4.98 -10.49
CA THR C 98 -16.73 -4.62 -9.23
C THR C 98 -16.54 -5.81 -8.31
N GLY C 99 -17.02 -7.00 -8.69
CA GLY C 99 -16.88 -8.15 -7.81
C GLY C 99 -17.63 -8.08 -6.49
N GLU C 100 -18.51 -7.09 -6.28
CA GLU C 100 -19.16 -6.95 -4.96
C GLU C 100 -20.12 -8.09 -4.62
N GLY C 101 -20.53 -8.91 -5.57
CA GLY C 101 -21.16 -10.13 -5.13
C GLY C 101 -22.61 -10.27 -5.55
N VAL C 102 -23.07 -11.54 -5.68
CA VAL C 102 -24.47 -11.88 -5.87
C VAL C 102 -25.09 -12.09 -4.49
N LEU C 103 -26.39 -11.86 -4.37
CA LEU C 103 -27.05 -12.07 -3.09
C LEU C 103 -27.31 -13.55 -2.84
N PHE C 104 -27.15 -13.99 -1.59
CA PHE C 104 -27.37 -15.39 -1.27
C PHE C 104 -28.05 -15.51 0.09
N ILE C 105 -29.08 -16.35 0.16
CA ILE C 105 -29.79 -16.58 1.41
C ILE C 105 -29.83 -18.09 1.64
N GLU C 106 -29.22 -18.54 2.74
CA GLU C 106 -29.41 -19.90 3.24
C GLU C 106 -30.55 -19.91 4.26
N ALA C 107 -31.48 -20.85 4.11
CA ALA C 107 -32.69 -20.84 4.92
C ALA C 107 -33.15 -22.26 5.21
N GLU C 108 -34.16 -22.38 6.08
CA GLU C 108 -34.79 -23.68 6.32
C GLU C 108 -36.27 -23.50 6.56
N ALA C 109 -37.02 -24.58 6.31
CA ALA C 109 -38.47 -24.54 6.46
C ALA C 109 -38.96 -25.86 7.04
N ASP C 110 -39.95 -25.76 7.95
CA ASP C 110 -40.51 -26.92 8.63
C ASP C 110 -41.59 -27.56 7.76
N VAL C 111 -41.13 -28.30 6.74
CA VAL C 111 -42.01 -28.77 5.67
C VAL C 111 -41.25 -29.79 4.83
N THR C 112 -41.92 -30.85 4.37
CA THR C 112 -41.25 -31.81 3.48
C THR C 112 -41.57 -31.50 2.02
N LEU C 113 -40.77 -32.09 1.12
CA LEU C 113 -41.07 -31.99 -0.30
C LEU C 113 -42.46 -32.57 -0.64
N SER C 114 -42.87 -33.63 0.07
CA SER C 114 -44.15 -34.29 -0.21
C SER C 114 -45.33 -33.33 -0.03
N GLN C 115 -45.30 -32.50 1.00
CA GLN C 115 -46.47 -31.68 1.32
C GLN C 115 -46.79 -30.65 0.23
N PHE C 116 -45.84 -30.34 -0.66
CA PHE C 116 -46.11 -29.46 -1.79
C PHE C 116 -46.94 -30.16 -2.85
N GLY C 117 -47.05 -31.47 -2.77
CA GLY C 117 -47.97 -32.22 -3.61
C GLY C 117 -47.24 -33.09 -4.63
N ASP C 118 -47.98 -34.05 -5.15
CA ASP C 118 -47.60 -35.00 -6.18
C ASP C 118 -48.79 -35.19 -7.12
N PRO C 119 -48.68 -34.77 -8.40
CA PRO C 119 -47.53 -34.06 -8.96
C PRO C 119 -47.47 -32.63 -8.45
N LEU C 120 -46.28 -32.09 -8.20
CA LEU C 120 -46.22 -30.76 -7.62
C LEU C 120 -46.17 -29.73 -8.73
N GLN C 121 -46.91 -28.65 -8.51
CA GLN C 121 -47.15 -27.67 -9.55
C GLN C 121 -47.53 -26.36 -8.87
N PRO C 122 -47.37 -25.24 -9.56
CA PRO C 122 -47.90 -23.97 -9.02
C PRO C 122 -49.39 -24.09 -8.74
N PRO C 123 -49.96 -23.23 -7.88
CA PRO C 123 -49.26 -22.18 -7.15
C PRO C 123 -48.42 -22.79 -6.06
N PHE C 124 -47.38 -22.09 -5.67
CA PHE C 124 -46.67 -22.53 -4.50
C PHE C 124 -46.96 -21.57 -3.36
N PRO C 125 -47.04 -22.07 -2.13
CA PRO C 125 -47.29 -21.21 -0.98
C PRO C 125 -46.01 -20.63 -0.42
N CYS C 126 -46.16 -19.48 0.24
CA CYS C 126 -45.06 -18.75 0.88
C CYS C 126 -43.85 -18.58 -0.03
N ILE C 127 -44.08 -18.20 -1.29
CA ILE C 127 -42.93 -17.92 -2.15
C ILE C 127 -42.27 -16.61 -1.79
N ASP C 128 -42.92 -15.77 -0.99
CA ASP C 128 -42.30 -14.56 -0.47
C ASP C 128 -41.35 -14.87 0.69
N GLU C 129 -41.49 -16.06 1.30
CA GLU C 129 -40.57 -16.56 2.32
C GLU C 129 -39.48 -17.43 1.74
N LEU C 130 -39.77 -18.10 0.62
CA LEU C 130 -38.79 -18.94 -0.04
C LEU C 130 -37.95 -18.21 -1.06
N LEU C 131 -38.19 -16.89 -1.27
CA LEU C 131 -37.36 -16.03 -2.11
C LEU C 131 -37.55 -14.60 -1.58
N TYR C 132 -36.80 -14.28 -0.51
CA TYR C 132 -36.99 -13.03 0.21
C TYR C 132 -36.52 -11.84 -0.63
N ASP C 133 -37.38 -10.84 -0.75
CA ASP C 133 -37.03 -9.60 -1.43
C ASP C 133 -36.35 -8.70 -0.40
N VAL C 134 -35.01 -8.79 -0.38
CA VAL C 134 -34.15 -8.03 0.53
C VAL C 134 -34.37 -6.54 0.31
N PRO C 135 -34.26 -5.70 1.33
CA PRO C 135 -34.37 -4.24 1.14
C PRO C 135 -33.37 -3.71 0.12
N GLY C 136 -33.87 -2.85 -0.78
CA GLY C 136 -33.03 -2.24 -1.79
C GLY C 136 -32.55 -3.14 -2.90
N SER C 137 -32.76 -4.47 -2.78
CA SER C 137 -32.40 -5.38 -3.86
C SER C 137 -33.32 -5.24 -5.07
N SER C 138 -34.51 -4.69 -4.89
CA SER C 138 -35.42 -4.57 -6.02
C SER C 138 -34.99 -3.52 -7.02
N ALA C 139 -33.90 -2.80 -6.77
CA ALA C 139 -33.44 -1.78 -7.69
C ALA C 139 -32.75 -2.40 -8.90
N ILE C 140 -32.80 -1.70 -10.02
CA ILE C 140 -32.12 -2.12 -11.25
C ILE C 140 -30.66 -1.70 -11.22
N LEU C 141 -30.40 -0.48 -10.76
CA LEU C 141 -29.05 0.09 -10.76
C LEU C 141 -28.40 -0.07 -9.40
N ASP C 142 -27.10 -0.38 -9.41
CA ASP C 142 -26.27 -0.40 -8.20
C ASP C 142 -26.85 -1.31 -7.13
N ALA C 143 -27.22 -2.52 -7.53
CA ALA C 143 -27.83 -3.49 -6.66
C ALA C 143 -27.39 -4.86 -7.12
N PRO C 144 -27.38 -5.84 -6.22
CA PRO C 144 -26.92 -7.18 -6.63
C PRO C 144 -27.77 -7.71 -7.77
N ILE C 145 -27.08 -8.14 -8.83
CA ILE C 145 -27.75 -8.43 -10.09
C ILE C 145 -28.55 -9.72 -10.01
N ILE C 146 -28.19 -10.63 -9.11
CA ILE C 146 -28.98 -11.83 -8.91
C ILE C 146 -28.99 -12.19 -7.43
N LEU C 147 -30.04 -12.90 -7.02
CA LEU C 147 -30.27 -13.33 -5.66
C LEU C 147 -30.62 -14.81 -5.67
N TYR C 148 -29.93 -15.59 -4.86
CA TYR C 148 -30.27 -16.99 -4.62
C TYR C 148 -30.87 -17.15 -3.24
N GLN C 149 -31.72 -18.15 -3.10
CA GLN C 149 -32.13 -18.61 -1.78
C GLN C 149 -32.27 -20.12 -1.84
N VAL C 150 -31.47 -20.80 -1.03
CA VAL C 150 -31.54 -22.24 -0.86
C VAL C 150 -32.21 -22.52 0.47
N THR C 151 -33.43 -23.08 0.42
CA THR C 151 -34.18 -23.44 1.62
C THR C 151 -34.10 -24.95 1.83
N ARG C 152 -33.57 -25.36 2.99
CA ARG C 152 -33.54 -26.78 3.37
C ARG C 152 -34.90 -27.27 3.89
N LEU C 153 -35.33 -28.42 3.38
CA LEU C 153 -36.58 -29.05 3.75
C LEU C 153 -36.33 -30.20 4.75
N SER C 154 -37.27 -30.36 5.69
CA SER C 154 -37.19 -31.40 6.73
C SER C 154 -36.79 -32.76 6.17
N CYS C 155 -37.47 -33.20 5.12
CA CYS C 155 -37.14 -34.46 4.48
C CYS C 155 -35.71 -34.52 3.92
N GLY C 156 -34.97 -33.41 3.93
CA GLY C 156 -33.60 -33.43 3.44
C GLY C 156 -33.41 -33.05 1.98
N GLY C 157 -34.46 -32.62 1.28
CA GLY C 157 -34.32 -31.94 0.01
C GLY C 157 -34.16 -30.44 0.20
N PHE C 158 -34.19 -29.72 -0.91
CA PHE C 158 -34.07 -28.27 -0.82
C PHE C 158 -34.76 -27.58 -1.99
N ILE C 159 -35.08 -26.31 -1.77
CA ILE C 159 -35.66 -25.43 -2.78
C ILE C 159 -34.60 -24.41 -3.13
N LEU C 160 -34.24 -24.37 -4.41
CA LEU C 160 -33.32 -23.39 -4.96
C LEU C 160 -34.15 -22.35 -5.70
N ALA C 161 -34.17 -21.10 -5.20
CA ALA C 161 -34.98 -20.04 -5.77
C ALA C 161 -34.07 -18.91 -6.26
N VAL C 162 -34.46 -18.23 -7.33
CA VAL C 162 -33.58 -17.27 -7.99
C VAL C 162 -34.39 -16.04 -8.37
N ARG C 163 -33.86 -14.86 -8.04
CA ARG C 163 -34.40 -13.60 -8.50
C ARG C 163 -33.31 -12.92 -9.31
N TYR C 164 -33.59 -12.65 -10.59
CA TYR C 164 -32.53 -12.07 -11.42
C TYR C 164 -32.99 -10.82 -12.16
N ASN C 165 -32.03 -9.93 -12.36
CA ASN C 165 -32.20 -8.65 -13.03
C ASN C 165 -32.31 -8.91 -14.52
N HIS C 166 -33.53 -8.75 -15.07
CA HIS C 166 -33.79 -9.18 -16.44
C HIS C 166 -32.96 -8.39 -17.45
N ALA C 167 -32.33 -7.28 -17.04
CA ALA C 167 -31.47 -6.57 -17.98
C ALA C 167 -30.19 -7.32 -18.25
N MET C 168 -29.78 -8.20 -17.33
CA MET C 168 -28.55 -8.96 -17.52
C MET C 168 -28.76 -10.17 -18.44
N THR C 169 -29.80 -10.95 -18.19
CA THR C 169 -30.00 -12.16 -18.97
C THR C 169 -31.50 -12.47 -19.08
N ASP C 170 -31.83 -13.33 -20.02
CA ASP C 170 -33.15 -13.92 -20.08
C ASP C 170 -33.10 -15.35 -19.52
N ALA C 171 -34.23 -16.04 -19.64
CA ALA C 171 -34.38 -17.36 -19.05
C ALA C 171 -33.35 -18.33 -19.61
N ALA C 172 -33.09 -18.23 -20.91
CA ALA C 172 -32.18 -19.15 -21.56
C ALA C 172 -30.76 -18.94 -21.08
N GLY C 173 -30.37 -17.68 -20.88
CA GLY C 173 -29.04 -17.39 -20.39
C GLY C 173 -28.86 -17.83 -18.95
N LEU C 174 -29.85 -17.52 -18.10
CA LEU C 174 -29.82 -18.01 -16.73
C LEU C 174 -29.70 -19.52 -16.69
N LEU C 175 -30.37 -20.19 -17.62
CA LEU C 175 -30.28 -21.65 -17.68
C LEU C 175 -28.89 -22.11 -18.13
N GLN C 176 -28.27 -21.38 -19.07
CA GLN C 176 -26.86 -21.64 -19.39
C GLN C 176 -25.99 -21.51 -18.15
N PHE C 177 -26.15 -20.41 -17.44
CA PHE C 177 -25.43 -20.15 -16.20
C PHE C 177 -25.67 -21.24 -15.17
N MET C 178 -26.94 -21.62 -14.97
CA MET C 178 -27.27 -22.58 -13.93
C MET C 178 -26.77 -23.97 -14.26
N SER C 179 -26.77 -24.32 -15.54
CA SER C 179 -26.21 -25.60 -15.95
C SER C 179 -24.70 -25.61 -15.74
N ALA C 180 -24.03 -24.49 -16.03
CA ALA C 180 -22.62 -24.35 -15.69
C ALA C 180 -22.41 -24.46 -14.18
N LEU C 181 -23.32 -23.88 -13.39
CA LEU C 181 -23.25 -23.99 -11.92
C LEU C 181 -23.33 -25.45 -11.48
N GLY C 182 -24.27 -26.20 -12.06
CA GLY C 182 -24.35 -27.62 -11.76
C GLY C 182 -23.09 -28.37 -12.16
N GLU C 183 -22.42 -27.93 -13.22
CA GLU C 183 -21.16 -28.56 -13.62
C GLU C 183 -20.05 -28.27 -12.61
N ILE C 184 -19.87 -27.00 -12.26
CA ILE C 184 -18.87 -26.65 -11.25
C ILE C 184 -19.14 -27.43 -9.96
N ALA C 185 -20.37 -27.36 -9.46
CA ALA C 185 -20.72 -28.12 -8.26
C ALA C 185 -20.50 -29.61 -8.46
N GLY C 186 -20.67 -30.11 -9.68
CA GLY C 186 -20.43 -31.51 -9.97
C GLY C 186 -18.98 -31.94 -10.03
N GLY C 187 -18.04 -31.06 -9.75
CA GLY C 187 -16.62 -31.39 -9.79
C GLY C 187 -15.85 -30.75 -10.91
N ALA C 188 -16.51 -30.23 -11.94
CA ALA C 188 -15.79 -29.56 -13.01
C ALA C 188 -15.08 -28.31 -12.50
N THR C 189 -14.03 -27.90 -13.23
CA THR C 189 -13.26 -26.70 -12.93
C THR C 189 -13.50 -25.58 -13.95
N SER C 190 -14.23 -25.83 -15.01
CA SER C 190 -14.64 -24.81 -15.95
C SER C 190 -16.04 -25.17 -16.43
N PRO C 191 -16.80 -24.20 -16.95
CA PRO C 191 -18.05 -24.57 -17.63
C PRO C 191 -17.75 -25.15 -19.00
N SER C 192 -18.61 -26.08 -19.43
CA SER C 192 -18.51 -26.60 -20.79
C SER C 192 -18.62 -25.47 -21.81
N ILE C 193 -19.54 -24.54 -21.59
CA ILE C 193 -19.68 -23.37 -22.45
C ILE C 193 -18.91 -22.25 -21.76
N MET C 194 -17.75 -21.90 -22.28
CA MET C 194 -17.08 -20.72 -21.77
C MET C 194 -17.91 -19.51 -22.14
N PRO C 195 -18.37 -18.71 -21.19
CA PRO C 195 -19.24 -17.59 -21.52
C PRO C 195 -18.47 -16.51 -22.25
N VAL C 196 -19.18 -15.71 -23.03
CA VAL C 196 -18.63 -14.52 -23.64
C VAL C 196 -19.59 -13.37 -23.42
N TRP C 197 -19.10 -12.16 -23.67
CA TRP C 197 -19.93 -10.96 -23.59
C TRP C 197 -20.47 -10.62 -24.97
N LYS C 198 -19.68 -9.91 -25.77
CA LYS C 198 -19.98 -9.57 -27.17
C LYS C 198 -21.30 -8.82 -27.34
N ARG C 199 -21.81 -8.19 -26.29
CA ARG C 199 -23.09 -7.48 -26.42
C ARG C 199 -23.05 -6.33 -27.41
N GLU C 200 -21.86 -5.85 -27.76
CA GLU C 200 -21.74 -4.83 -28.81
C GLU C 200 -22.38 -5.29 -30.11
N LEU C 201 -22.44 -6.61 -30.35
CA LEU C 201 -23.10 -7.13 -31.54
C LEU C 201 -24.56 -6.71 -31.62
N LEU C 202 -25.21 -6.50 -30.47
CA LEU C 202 -26.61 -6.04 -30.45
C LEU C 202 -26.74 -4.57 -30.05
N CYS C 203 -25.66 -3.81 -30.11
CA CYS C 203 -25.70 -2.37 -29.88
C CYS C 203 -25.85 -1.65 -31.22
N SER C 204 -26.54 -0.53 -31.20
CA SER C 204 -26.79 0.22 -32.42
C SER C 204 -25.94 1.48 -32.40
N SER C 205 -25.20 1.74 -33.45
CA SER C 205 -24.49 2.97 -33.51
C SER C 205 -25.53 4.06 -33.36
N ASP C 206 -26.60 3.92 -34.13
CA ASP C 206 -27.72 4.87 -34.20
C ASP C 206 -28.72 4.95 -33.07
N ARG C 207 -29.26 3.81 -32.67
CA ARG C 207 -30.28 3.79 -31.63
C ARG C 207 -29.75 4.11 -30.24
N GLU C 223 -54.87 -3.14 -1.45
CA GLU C 223 -56.15 -3.24 -2.13
C GLU C 223 -56.15 -4.35 -3.18
N THR C 224 -55.12 -5.20 -3.13
CA THR C 224 -54.77 -6.09 -4.23
C THR C 224 -54.91 -7.55 -3.80
N THR C 225 -55.46 -8.35 -4.70
CA THR C 225 -55.69 -9.77 -4.45
C THR C 225 -54.82 -10.56 -5.45
N GLN C 226 -54.37 -11.73 -5.01
CA GLN C 226 -53.30 -12.48 -5.69
C GLN C 226 -53.74 -13.94 -5.78
N LYS C 227 -54.17 -14.37 -6.96
CA LYS C 227 -54.82 -15.65 -7.10
C LYS C 227 -54.26 -16.38 -8.32
N SER C 228 -54.53 -17.68 -8.39
CA SER C 228 -54.23 -18.48 -9.56
C SER C 228 -55.53 -19.15 -10.00
N PHE C 229 -55.80 -19.15 -11.30
CA PHE C 229 -57.01 -19.74 -11.84
C PHE C 229 -56.65 -20.81 -12.85
N PHE C 230 -57.55 -21.76 -13.04
CA PHE C 230 -57.29 -22.96 -13.83
C PHE C 230 -58.33 -23.03 -14.95
N LEU C 231 -57.86 -23.16 -16.19
CA LEU C 231 -58.73 -23.37 -17.34
C LEU C 231 -58.34 -24.70 -17.99
N THR C 232 -59.30 -25.61 -18.10
CA THR C 232 -59.05 -26.91 -18.69
C THR C 232 -58.87 -26.76 -20.20
N THR C 233 -58.18 -27.74 -20.79
CA THR C 233 -57.94 -27.72 -22.23
C THR C 233 -59.22 -27.79 -23.03
N THR C 234 -60.28 -28.38 -22.46
CA THR C 234 -61.55 -28.49 -23.15
C THR C 234 -62.28 -27.14 -23.25
N GLU C 235 -62.25 -26.35 -22.18
CA GLU C 235 -62.79 -24.99 -22.27
C GLU C 235 -62.04 -24.16 -23.29
N ILE C 236 -60.73 -24.35 -23.41
CA ILE C 236 -59.96 -23.59 -24.39
C ILE C 236 -60.34 -23.99 -25.81
N SER C 237 -60.40 -25.30 -26.08
CA SER C 237 -60.79 -25.74 -27.42
C SER C 237 -62.22 -25.28 -27.73
N ALA C 238 -63.08 -25.26 -26.71
CA ALA C 238 -64.42 -24.72 -26.86
C ALA C 238 -64.38 -23.28 -27.35
N PHE C 239 -63.59 -22.45 -26.66
CA PHE C 239 -63.31 -21.11 -27.16
C PHE C 239 -62.96 -21.18 -28.64
N ARG C 240 -62.02 -22.09 -29.00
CA ARG C 240 -61.55 -22.11 -30.38
C ARG C 240 -62.68 -22.33 -31.36
N ARG C 241 -63.70 -23.06 -30.95
CA ARG C 241 -64.82 -23.21 -31.86
C ARG C 241 -65.83 -22.06 -31.76
N TYR C 242 -65.65 -21.13 -30.81
CA TYR C 242 -66.46 -19.91 -30.72
C TYR C 242 -65.74 -18.69 -31.34
N VAL C 243 -64.80 -18.93 -32.24
CA VAL C 243 -64.18 -17.85 -33.02
C VAL C 243 -64.54 -18.10 -34.48
N PRO C 244 -64.49 -17.07 -35.32
CA PRO C 244 -64.79 -17.27 -36.75
C PRO C 244 -63.80 -18.22 -37.42
N THR C 245 -64.31 -18.90 -38.46
CA THR C 245 -63.51 -19.91 -39.16
C THR C 245 -62.16 -19.37 -39.60
N HIS C 246 -62.12 -18.15 -40.14
CA HIS C 246 -60.81 -17.69 -40.60
C HIS C 246 -59.83 -17.45 -39.45
N LEU C 247 -60.25 -17.64 -38.19
CA LEU C 247 -59.36 -17.51 -37.05
C LEU C 247 -59.09 -18.84 -36.34
N GLN C 248 -59.75 -19.93 -36.77
CA GLN C 248 -59.59 -21.24 -36.12
C GLN C 248 -58.15 -21.72 -36.11
N SER C 249 -57.29 -21.13 -36.94
CA SER C 249 -55.86 -21.41 -36.92
C SER C 249 -55.21 -21.07 -35.58
N CYS C 250 -55.92 -20.43 -34.66
CA CYS C 250 -55.27 -19.85 -33.48
C CYS C 250 -54.62 -20.91 -32.60
N THR C 251 -53.57 -20.49 -31.91
CA THR C 251 -52.99 -21.27 -30.84
C THR C 251 -53.86 -21.22 -29.59
N THR C 252 -53.67 -22.23 -28.73
CA THR C 252 -54.07 -22.13 -27.33
C THR C 252 -53.56 -20.85 -26.73
N PHE C 253 -52.31 -20.52 -27.02
CA PHE C 253 -51.68 -19.33 -26.47
C PHE C 253 -52.34 -18.07 -27.01
N GLU C 254 -52.45 -17.97 -28.33
CA GLU C 254 -53.16 -16.86 -28.95
C GLU C 254 -54.56 -16.70 -28.36
N LEU C 255 -55.30 -17.81 -28.25
CA LEU C 255 -56.68 -17.78 -27.81
C LEU C 255 -56.79 -17.29 -26.37
N LEU C 256 -55.95 -17.83 -25.48
CA LEU C 256 -55.83 -17.36 -24.10
C LEU C 256 -55.50 -15.88 -24.04
N THR C 257 -54.56 -15.44 -24.87
CA THR C 257 -54.07 -14.08 -24.75
C THR C 257 -55.13 -13.09 -25.20
N ALA C 258 -55.91 -13.43 -26.21
CA ALA C 258 -57.01 -12.53 -26.59
C ALA C 258 -58.13 -12.55 -25.54
N CYS C 259 -58.42 -13.73 -24.96
CA CYS C 259 -59.41 -13.79 -23.91
C CYS C 259 -59.01 -12.90 -22.73
N ILE C 260 -57.74 -12.98 -22.30
CA ILE C 260 -57.30 -12.22 -21.14
C ILE C 260 -57.23 -10.74 -21.49
N TRP C 261 -56.68 -10.40 -22.64
CA TRP C 261 -56.64 -9.00 -23.09
C TRP C 261 -58.02 -8.34 -23.04
N ARG C 262 -58.99 -8.95 -23.71
CA ARG C 262 -60.34 -8.40 -23.77
C ARG C 262 -61.01 -8.36 -22.40
N CYS C 263 -60.96 -9.45 -21.62
CA CYS C 263 -61.61 -9.48 -20.31
C CYS C 263 -60.97 -8.49 -19.33
N HIS C 264 -59.65 -8.38 -19.34
CA HIS C 264 -58.98 -7.39 -18.50
C HIS C 264 -59.33 -5.97 -18.94
N THR C 265 -59.42 -5.72 -20.25
CA THR C 265 -59.73 -4.37 -20.70
C THR C 265 -61.13 -3.98 -20.27
N ILE C 266 -62.10 -4.87 -20.46
CA ILE C 266 -63.46 -4.62 -19.98
C ILE C 266 -63.49 -4.46 -18.46
N ALA C 267 -62.68 -5.24 -17.75
CA ALA C 267 -62.63 -5.11 -16.31
C ALA C 267 -62.11 -3.74 -15.90
N LEU C 268 -61.17 -3.19 -16.66
CA LEU C 268 -60.55 -1.91 -16.28
C LEU C 268 -61.48 -0.72 -16.50
N GLN C 269 -62.36 -0.79 -17.49
CA GLN C 269 -63.10 0.38 -17.95
C GLN C 269 -62.19 1.57 -18.30
N PRO C 270 -61.20 1.38 -19.17
CA PRO C 270 -60.35 2.51 -19.56
C PRO C 270 -61.15 3.55 -20.32
N ASP C 271 -60.55 4.73 -20.49
CA ASP C 271 -61.12 5.73 -21.38
C ASP C 271 -61.23 5.14 -22.79
N PRO C 272 -62.29 5.45 -23.54
CA PRO C 272 -62.50 4.76 -24.84
C PRO C 272 -61.35 4.97 -25.81
N GLU C 273 -60.77 6.17 -25.77
CA GLU C 273 -59.70 6.53 -26.69
C GLU C 273 -58.41 5.80 -26.40
N GLU C 274 -58.28 5.20 -25.21
CA GLU C 274 -56.97 4.80 -24.72
C GLU C 274 -56.44 3.58 -25.45
N GLU C 275 -55.12 3.59 -25.66
CA GLU C 275 -54.40 2.57 -26.45
C GLU C 275 -54.00 1.40 -25.56
N MET C 276 -54.73 0.29 -25.70
CA MET C 276 -54.52 -0.93 -24.95
C MET C 276 -53.51 -1.82 -25.68
N ASN C 277 -52.48 -2.26 -24.96
CA ASN C 277 -51.44 -3.09 -25.54
C ASN C 277 -51.33 -4.41 -24.78
N MET C 278 -51.22 -5.49 -25.54
CA MET C 278 -50.85 -6.79 -25.04
C MET C 278 -49.48 -7.15 -25.65
N ILE C 279 -48.50 -7.41 -24.80
CA ILE C 279 -47.13 -7.66 -25.21
C ILE C 279 -46.73 -9.07 -24.78
N TRP C 280 -45.82 -9.70 -25.52
CA TRP C 280 -45.30 -10.98 -25.05
C TRP C 280 -43.96 -11.29 -25.71
N PRO C 281 -43.09 -12.04 -25.02
CA PRO C 281 -41.78 -12.40 -25.56
C PRO C 281 -41.80 -13.64 -26.45
N VAL C 282 -40.84 -13.66 -27.37
CA VAL C 282 -40.60 -14.74 -28.31
C VAL C 282 -39.13 -15.08 -28.16
N ASN C 283 -38.83 -16.35 -28.00
CA ASN C 283 -37.43 -16.78 -28.05
C ASN C 283 -37.13 -17.04 -29.52
N VAL C 284 -36.14 -16.33 -30.05
CA VAL C 284 -35.85 -16.44 -31.48
C VAL C 284 -34.92 -17.59 -31.83
N ARG C 285 -34.26 -18.20 -30.83
CA ARG C 285 -33.27 -19.24 -31.08
C ARG C 285 -33.82 -20.36 -31.96
N ASN C 286 -35.07 -20.72 -31.72
CA ASN C 286 -35.69 -21.76 -32.51
C ASN C 286 -36.09 -21.30 -33.89
N LYS C 287 -36.00 -20.01 -34.18
CA LYS C 287 -36.72 -19.41 -35.30
C LYS C 287 -35.83 -18.70 -36.30
N PHE C 288 -34.86 -17.92 -35.85
CA PHE C 288 -33.99 -17.21 -36.76
C PHE C 288 -32.68 -17.97 -36.90
N LYS C 289 -32.12 -17.97 -38.10
CA LYS C 289 -30.78 -18.47 -38.33
C LYS C 289 -29.88 -17.27 -38.54
N PHE C 290 -28.96 -17.05 -37.61
CA PHE C 290 -28.16 -15.83 -37.60
C PHE C 290 -26.97 -15.95 -38.54
N ASP C 291 -26.60 -14.81 -39.14
CA ASP C 291 -25.60 -14.76 -40.20
C ASP C 291 -24.92 -13.39 -40.16
N PRO C 292 -23.74 -13.28 -39.52
CA PRO C 292 -22.92 -14.32 -38.85
C PRO C 292 -23.56 -14.97 -37.61
N PRO C 293 -23.22 -16.23 -37.34
CA PRO C 293 -23.84 -16.92 -36.20
C PRO C 293 -23.49 -16.23 -34.90
N LEU C 294 -24.35 -16.38 -33.90
CA LEU C 294 -24.06 -15.77 -32.63
C LEU C 294 -22.95 -16.56 -31.91
N PRO C 295 -22.03 -15.86 -31.23
CA PRO C 295 -21.01 -16.53 -30.43
C PRO C 295 -21.55 -17.55 -29.42
N ALA C 296 -20.72 -18.57 -29.15
CA ALA C 296 -21.13 -19.79 -28.43
C ALA C 296 -21.48 -19.56 -26.97
N GLY C 297 -20.85 -18.60 -26.29
CA GLY C 297 -21.17 -18.41 -24.89
C GLY C 297 -22.03 -17.20 -24.56
N TYR C 298 -22.73 -16.66 -25.56
CA TYR C 298 -23.58 -15.50 -25.35
C TYR C 298 -24.64 -15.78 -24.29
N TYR C 299 -24.84 -14.84 -23.38
CA TYR C 299 -25.86 -15.05 -22.36
C TYR C 299 -26.65 -13.78 -22.00
N GLY C 300 -26.66 -12.79 -22.87
CA GLY C 300 -27.59 -11.69 -22.72
C GLY C 300 -28.93 -11.98 -23.36
N ASN C 301 -29.83 -11.01 -23.26
CA ASN C 301 -31.18 -11.24 -23.70
C ASN C 301 -31.23 -11.46 -25.21
N LEU C 302 -32.01 -12.45 -25.62
CA LEU C 302 -32.30 -12.69 -27.04
C LEU C 302 -33.79 -12.90 -27.24
N LEU C 303 -34.59 -11.95 -26.75
CA LEU C 303 -36.04 -12.00 -26.85
C LEU C 303 -36.51 -10.99 -27.89
N ALA C 304 -37.40 -11.44 -28.77
CA ALA C 304 -38.19 -10.52 -29.58
C ALA C 304 -39.52 -10.28 -28.87
N PHE C 305 -40.16 -9.15 -29.14
CA PHE C 305 -41.38 -8.81 -28.41
C PHE C 305 -42.48 -8.49 -29.40
N SER C 306 -43.57 -9.22 -29.33
CA SER C 306 -44.67 -8.86 -30.20
C SER C 306 -45.71 -8.13 -29.37
N VAL C 307 -46.37 -7.20 -30.03
CA VAL C 307 -47.20 -6.17 -29.41
C VAL C 307 -48.48 -6.09 -30.20
N ALA C 308 -49.61 -6.37 -29.55
CA ALA C 308 -50.95 -6.17 -30.10
C ALA C 308 -51.54 -4.93 -29.47
N MET C 309 -52.20 -4.10 -30.30
CA MET C 309 -52.69 -2.82 -29.82
C MET C 309 -54.11 -2.57 -30.34
N SER C 310 -54.88 -1.83 -29.56
CA SER C 310 -56.24 -1.49 -29.92
C SER C 310 -56.71 -0.39 -29.00
N SER C 311 -57.63 0.43 -29.47
CA SER C 311 -58.31 1.34 -28.56
C SER C 311 -59.12 0.51 -27.57
N ALA C 312 -59.34 1.07 -26.36
CA ALA C 312 -60.22 0.40 -25.42
C ALA C 312 -61.57 0.14 -26.05
N ARG C 313 -62.12 1.19 -26.68
CA ARG C 313 -63.44 1.14 -27.27
C ARG C 313 -63.61 -0.01 -28.24
N ASP C 314 -62.63 -0.21 -29.13
CA ASP C 314 -62.72 -1.28 -30.14
C ASP C 314 -62.60 -2.66 -29.49
N LEU C 315 -61.67 -2.83 -28.54
CA LEU C 315 -61.58 -4.11 -27.83
C LEU C 315 -62.91 -4.47 -27.14
N CYS C 316 -63.56 -3.49 -26.48
CA CYS C 316 -64.73 -3.83 -25.68
C CYS C 316 -66.00 -3.97 -26.52
N SER C 317 -66.13 -3.23 -27.63
CA SER C 317 -67.36 -3.33 -28.42
C SER C 317 -67.35 -4.52 -29.35
N LYS C 318 -66.16 -4.99 -29.75
CA LYS C 318 -66.17 -5.96 -30.82
C LYS C 318 -65.99 -7.36 -30.24
N PRO C 319 -66.47 -8.39 -30.92
CA PRO C 319 -66.38 -9.74 -30.34
C PRO C 319 -64.95 -10.22 -30.16
N LEU C 320 -64.84 -11.42 -29.58
CA LEU C 320 -63.52 -11.96 -29.27
C LEU C 320 -62.66 -12.11 -30.53
N GLY C 321 -63.28 -12.38 -31.68
CA GLY C 321 -62.48 -12.60 -32.88
C GLY C 321 -61.71 -11.37 -33.30
N TYR C 322 -62.16 -10.19 -32.90
CA TYR C 322 -61.38 -8.97 -33.14
C TYR C 322 -60.06 -9.02 -32.39
N ALA C 323 -60.13 -9.16 -31.06
CA ALA C 323 -58.91 -9.32 -30.26
C ALA C 323 -58.06 -10.46 -30.80
N LEU C 324 -58.71 -11.55 -31.18
CA LEU C 324 -57.99 -12.76 -31.49
C LEU C 324 -57.17 -12.55 -32.76
N GLU C 325 -57.76 -11.95 -33.79
CA GLU C 325 -57.01 -11.65 -35.01
C GLU C 325 -55.85 -10.72 -34.71
N LEU C 326 -56.08 -9.69 -33.89
CA LEU C 326 -54.97 -8.79 -33.56
C LEU C 326 -53.82 -9.55 -32.91
N VAL C 327 -54.12 -10.52 -32.06
CA VAL C 327 -53.10 -11.23 -31.31
C VAL C 327 -52.36 -12.20 -32.23
N MET C 328 -53.10 -12.87 -33.10
CA MET C 328 -52.53 -13.80 -34.08
C MET C 328 -51.61 -13.07 -35.05
N LYS C 329 -52.04 -11.93 -35.61
CA LYS C 329 -51.22 -11.21 -36.57
C LYS C 329 -50.01 -10.56 -35.89
N ALA C 330 -50.20 -9.99 -34.69
CA ALA C 330 -49.04 -9.57 -33.92
C ALA C 330 -48.04 -10.70 -33.74
N ASN C 331 -48.53 -11.93 -33.61
CA ASN C 331 -47.66 -13.06 -33.31
C ASN C 331 -46.78 -13.43 -34.49
N HIS C 332 -47.05 -12.89 -35.68
CA HIS C 332 -46.20 -13.09 -36.85
C HIS C 332 -45.43 -11.84 -37.25
N ASP C 333 -45.77 -10.67 -36.71
CA ASP C 333 -44.95 -9.50 -37.03
C ASP C 333 -43.48 -9.67 -36.63
N VAL C 334 -43.16 -10.47 -35.61
CA VAL C 334 -41.76 -10.65 -35.22
C VAL C 334 -41.07 -11.79 -35.98
N THR C 335 -41.85 -12.71 -36.57
CA THR C 335 -41.36 -13.84 -37.34
C THR C 335 -41.10 -13.51 -38.81
N LYS C 336 -41.24 -12.24 -39.22
CA LYS C 336 -41.25 -11.86 -40.64
C LYS C 336 -39.86 -11.53 -41.21
N LYS C 337 -38.78 -11.73 -40.46
CA LYS C 337 -37.44 -11.42 -40.95
C LYS C 337 -36.64 -12.68 -41.25
N LYS C 338 -36.45 -13.56 -40.25
CA LYS C 338 -36.15 -14.98 -40.43
C LYS C 338 -34.68 -15.38 -40.63
N ILE C 339 -33.91 -14.71 -41.49
CA ILE C 339 -32.48 -15.03 -41.66
C ILE C 339 -31.67 -13.75 -41.78
N GLY C 340 -30.52 -13.69 -41.13
CA GLY C 340 -29.64 -12.53 -41.29
C GLY C 340 -28.86 -12.22 -40.02
N SER C 341 -28.38 -10.98 -39.98
CA SER C 341 -27.64 -10.46 -38.82
C SER C 341 -28.48 -10.55 -37.56
N VAL C 342 -27.79 -10.51 -36.41
CA VAL C 342 -28.48 -10.41 -35.13
C VAL C 342 -29.11 -9.03 -34.97
N SER C 343 -28.34 -7.98 -35.29
CA SER C 343 -28.82 -6.62 -35.05
C SER C 343 -29.90 -6.20 -36.04
N ASP C 344 -30.05 -6.93 -37.15
CA ASP C 344 -31.11 -6.69 -38.12
C ASP C 344 -32.31 -7.61 -37.93
N LEU C 345 -32.18 -8.68 -37.15
CA LEU C 345 -33.29 -9.57 -36.85
C LEU C 345 -33.91 -9.32 -35.48
N LEU C 346 -33.13 -8.81 -34.51
CA LEU C 346 -33.57 -8.57 -33.15
C LEU C 346 -33.56 -7.08 -32.85
N LYS C 347 -34.73 -6.56 -32.46
CA LYS C 347 -34.86 -5.15 -32.14
C LYS C 347 -35.48 -5.02 -30.76
N PRO C 348 -35.16 -3.97 -30.03
CA PRO C 348 -35.94 -3.64 -28.83
C PRO C 348 -37.34 -3.22 -29.22
N ILE C 349 -38.26 -3.18 -28.24
CA ILE C 349 -39.56 -2.61 -28.54
C ILE C 349 -39.37 -1.16 -28.97
N LYS C 350 -40.28 -0.72 -29.83
CA LYS C 350 -40.20 0.52 -30.60
C LYS C 350 -39.80 1.73 -29.76
N GLY C 351 -40.60 2.08 -28.75
CA GLY C 351 -40.34 3.31 -28.02
C GLY C 351 -40.47 3.19 -26.52
N PRO C 352 -41.06 4.21 -25.88
CA PRO C 352 -41.47 4.05 -24.48
C PRO C 352 -42.72 3.18 -24.39
N LEU C 353 -42.74 2.33 -23.38
CA LEU C 353 -43.83 1.38 -23.24
C LEU C 353 -45.12 2.14 -23.00
N PRO C 354 -46.21 1.77 -23.68
CA PRO C 354 -47.49 2.48 -23.53
C PRO C 354 -47.94 2.52 -22.08
N VAL C 355 -48.75 3.53 -21.75
CA VAL C 355 -49.36 3.63 -20.43
C VAL C 355 -50.14 2.34 -20.14
N ARG C 356 -51.00 1.93 -21.07
CA ARG C 356 -51.73 0.67 -20.97
C ARG C 356 -50.94 -0.43 -21.68
N HIS C 357 -50.31 -1.31 -20.91
CA HIS C 357 -49.72 -2.53 -21.50
C HIS C 357 -49.85 -3.71 -20.55
N ASP C 358 -50.40 -4.81 -21.05
CA ASP C 358 -50.33 -6.09 -20.37
C ASP C 358 -49.21 -6.94 -20.98
N ILE C 359 -48.71 -7.88 -20.16
CA ILE C 359 -47.60 -8.76 -20.51
C ILE C 359 -47.94 -10.19 -20.11
N VAL C 360 -47.67 -11.10 -21.01
CA VAL C 360 -48.04 -12.50 -20.92
C VAL C 360 -46.86 -13.31 -21.45
N SER C 361 -46.69 -14.51 -20.93
CA SER C 361 -45.49 -15.32 -21.16
C SER C 361 -45.92 -16.77 -21.27
N ASP C 362 -45.38 -17.49 -22.23
CA ASP C 362 -45.76 -18.88 -22.48
C ASP C 362 -44.69 -19.81 -21.91
N LEU C 363 -44.97 -20.38 -20.75
CA LEU C 363 -44.09 -21.29 -20.04
C LEU C 363 -44.61 -22.72 -19.99
N ILE C 364 -45.49 -23.03 -20.92
CA ILE C 364 -46.14 -24.30 -21.06
C ILE C 364 -45.22 -25.51 -21.33
N HIS C 365 -43.92 -25.29 -21.42
CA HIS C 365 -43.00 -26.36 -21.71
C HIS C 365 -41.85 -26.43 -20.71
N GLY C 367 -39.24 -30.27 -18.74
CA GLY C 367 -39.05 -28.85 -18.56
C GLY C 367 -37.86 -28.49 -17.71
N HIS C 368 -36.89 -27.83 -18.31
CA HIS C 368 -35.68 -27.37 -17.63
C HIS C 368 -35.15 -28.33 -16.57
N TYR C 369 -35.00 -29.60 -16.91
CA TYR C 369 -34.61 -30.61 -15.92
C TYR C 369 -33.16 -31.08 -16.09
N SER C 370 -32.30 -30.26 -16.69
CA SER C 370 -30.92 -30.70 -16.95
C SER C 370 -29.93 -30.30 -15.86
N MET C 371 -30.26 -29.31 -15.01
CA MET C 371 -29.42 -29.00 -13.87
C MET C 371 -29.40 -30.15 -12.87
N GLU C 372 -28.23 -30.38 -12.28
CA GLU C 372 -28.11 -31.23 -11.10
C GLU C 372 -26.96 -30.68 -10.27
N PHE C 373 -27.08 -30.75 -8.94
CA PHE C 373 -26.05 -30.23 -8.05
C PHE C 373 -25.54 -31.30 -7.07
N GLY C 374 -25.75 -32.57 -7.38
CA GLY C 374 -25.47 -33.65 -6.46
C GLY C 374 -26.70 -34.35 -5.94
N TRP C 375 -27.88 -33.74 -6.11
CA TRP C 375 -29.14 -34.32 -5.65
C TRP C 375 -30.02 -34.81 -6.79
N GLY C 376 -29.50 -34.88 -8.00
CA GLY C 376 -30.28 -35.27 -9.16
C GLY C 376 -30.86 -34.07 -9.89
N LYS C 377 -31.83 -34.36 -10.75
CA LYS C 377 -32.58 -33.33 -11.46
C LYS C 377 -33.72 -32.82 -10.59
N ALA C 378 -34.10 -31.55 -10.80
CA ALA C 378 -35.22 -30.98 -10.06
C ALA C 378 -36.49 -31.78 -10.30
N THR C 379 -37.31 -31.93 -9.26
CA THR C 379 -38.65 -32.47 -9.44
C THR C 379 -39.62 -31.45 -10.02
N TYR C 380 -39.22 -30.17 -10.05
CA TYR C 380 -39.93 -29.11 -10.74
C TYR C 380 -39.01 -27.92 -10.89
N THR C 381 -39.07 -27.31 -12.07
CA THR C 381 -38.38 -26.09 -12.44
C THR C 381 -39.39 -25.18 -13.11
N GLY C 382 -39.31 -23.90 -12.81
CA GLY C 382 -40.11 -22.94 -13.55
C GLY C 382 -40.33 -21.64 -12.81
N PRO C 383 -41.37 -20.93 -13.20
CA PRO C 383 -41.61 -19.59 -12.63
C PRO C 383 -42.19 -19.64 -11.23
N ALA C 384 -42.01 -18.52 -10.53
CA ALA C 384 -42.49 -18.35 -9.17
C ALA C 384 -43.30 -17.05 -9.07
N THR C 385 -43.98 -16.89 -7.94
CA THR C 385 -45.03 -15.87 -7.68
C THR C 385 -46.24 -16.02 -8.60
N ASN C 391 -45.84 -2.85 -15.51
CA ASN C 391 -45.84 -2.43 -14.10
C ASN C 391 -47.26 -2.29 -13.52
N PRO C 392 -48.07 -1.35 -14.03
CA PRO C 392 -49.41 -1.17 -13.44
C PRO C 392 -50.53 -1.93 -14.13
N GLY C 393 -50.20 -2.67 -15.19
CA GLY C 393 -51.16 -3.52 -15.87
C GLY C 393 -50.96 -4.99 -15.52
N LEU C 394 -51.71 -5.83 -16.21
CA LEU C 394 -51.76 -7.26 -15.95
C LEU C 394 -50.49 -7.95 -16.50
N THR C 395 -49.75 -8.63 -15.64
CA THR C 395 -48.54 -9.36 -16.02
C THR C 395 -48.73 -10.80 -15.55
N THR C 396 -48.83 -11.74 -16.48
CA THR C 396 -49.04 -13.13 -16.08
C THR C 396 -48.26 -14.04 -17.02
N TYR C 397 -48.52 -15.34 -16.88
CA TYR C 397 -47.89 -16.39 -17.66
C TYR C 397 -48.72 -17.66 -17.52
N TYR C 398 -48.53 -18.59 -18.45
CA TYR C 398 -49.35 -19.80 -18.52
C TYR C 398 -48.51 -21.00 -18.11
N VAL C 399 -48.89 -21.66 -17.03
CA VAL C 399 -48.14 -22.87 -16.63
C VAL C 399 -49.07 -24.08 -16.77
N PRO C 400 -48.60 -25.22 -17.24
CA PRO C 400 -49.50 -26.38 -17.33
C PRO C 400 -49.91 -26.88 -15.95
N TYR C 401 -51.04 -27.56 -15.92
CA TYR C 401 -51.65 -27.94 -14.66
C TYR C 401 -52.62 -29.09 -14.92
N THR C 402 -52.52 -30.14 -14.13
CA THR C 402 -53.46 -31.25 -14.18
C THR C 402 -54.18 -31.32 -12.85
N ASN C 403 -55.50 -31.36 -12.89
CA ASN C 403 -56.28 -31.20 -11.68
C ASN C 403 -56.48 -32.55 -11.00
N ASN C 404 -57.35 -32.58 -10.00
CA ASN C 404 -57.62 -33.76 -9.19
C ASN C 404 -58.07 -34.95 -10.05
N LYS C 405 -58.98 -34.72 -10.98
CA LYS C 405 -59.60 -35.79 -11.76
C LYS C 405 -58.82 -36.18 -13.00
N GLY C 406 -57.68 -35.55 -13.26
CA GLY C 406 -56.89 -35.84 -14.45
C GLY C 406 -57.10 -34.90 -15.60
N GLU C 407 -57.73 -33.75 -15.40
CA GLU C 407 -57.97 -32.79 -16.47
C GLU C 407 -56.78 -31.85 -16.58
N SER C 408 -56.08 -31.93 -17.71
CA SER C 408 -54.97 -31.03 -17.95
C SER C 408 -55.48 -29.71 -18.51
N GLY C 409 -54.65 -28.68 -18.34
CA GLY C 409 -54.99 -27.35 -18.78
C GLY C 409 -53.91 -26.38 -18.37
N VAL C 410 -54.30 -25.11 -18.27
CA VAL C 410 -53.38 -24.01 -18.00
C VAL C 410 -53.82 -23.30 -16.73
N VAL C 411 -52.88 -23.04 -15.84
CA VAL C 411 -53.08 -22.17 -14.70
C VAL C 411 -52.50 -20.82 -15.06
N VAL C 412 -53.27 -19.78 -14.76
CA VAL C 412 -52.98 -18.36 -14.99
C VAL C 412 -52.95 -17.68 -13.63
N PRO C 413 -51.81 -17.27 -13.13
CA PRO C 413 -51.77 -16.48 -11.89
C PRO C 413 -51.94 -14.99 -12.13
N LEU C 414 -52.82 -14.35 -11.39
CA LEU C 414 -53.09 -12.94 -11.54
C LEU C 414 -52.93 -12.25 -10.21
N LEU C 415 -52.31 -11.09 -10.26
CA LEU C 415 -52.24 -10.19 -9.13
C LEU C 415 -52.87 -8.86 -9.59
N LEU C 416 -54.09 -8.56 -9.11
CA LEU C 416 -54.78 -7.33 -9.49
C LEU C 416 -55.53 -6.77 -8.29
N ARG C 417 -55.75 -5.45 -8.32
CA ARG C 417 -56.68 -4.81 -7.39
C ARG C 417 -57.98 -5.61 -7.34
N SER C 418 -58.49 -5.82 -6.11
CA SER C 418 -59.58 -6.77 -5.88
C SER C 418 -60.75 -6.52 -6.81
N ALA C 419 -61.09 -5.25 -7.07
CA ALA C 419 -62.28 -4.98 -7.89
C ALA C 419 -62.02 -5.31 -9.35
N VAL C 420 -60.83 -4.96 -9.84
CA VAL C 420 -60.46 -5.34 -11.21
C VAL C 420 -60.37 -6.85 -11.33
N MET C 421 -59.79 -7.50 -10.32
CA MET C 421 -59.77 -8.96 -10.28
C MET C 421 -61.19 -9.56 -10.40
N THR C 422 -62.17 -9.09 -9.62
CA THR C 422 -63.45 -9.79 -9.73
C THR C 422 -64.18 -9.42 -11.00
N ARG C 423 -64.05 -8.19 -11.49
CA ARG C 423 -64.59 -7.92 -12.82
C ARG C 423 -63.91 -8.80 -13.88
N PHE C 424 -62.60 -9.05 -13.74
CA PHE C 424 -61.90 -9.87 -14.72
C PHE C 424 -62.46 -11.28 -14.73
N VAL C 425 -62.55 -11.90 -13.55
CA VAL C 425 -63.08 -13.26 -13.42
C VAL C 425 -64.53 -13.34 -13.91
N ASN C 426 -65.37 -12.36 -13.56
CA ASN C 426 -66.73 -12.37 -14.06
C ASN C 426 -66.75 -12.29 -15.59
N GLU C 427 -65.84 -11.52 -16.16
CA GLU C 427 -65.85 -11.41 -17.61
C GLU C 427 -65.48 -12.73 -18.27
N ILE C 428 -64.46 -13.41 -17.72
CA ILE C 428 -64.12 -14.68 -18.34
C ILE C 428 -65.20 -15.72 -18.06
N ASN C 429 -65.88 -15.65 -16.91
CA ASN C 429 -66.95 -16.61 -16.63
C ASN C 429 -68.15 -16.38 -17.53
N ASN C 430 -68.43 -15.12 -17.89
CA ASN C 430 -69.41 -14.83 -18.93
C ASN C 430 -69.01 -15.47 -20.25
N MET C 431 -67.74 -15.36 -20.63
CA MET C 431 -67.29 -16.01 -21.85
C MET C 431 -67.47 -17.53 -21.79
N LEU C 432 -67.14 -18.14 -20.65
CA LEU C 432 -67.38 -19.58 -20.50
C LEU C 432 -68.86 -19.90 -20.67
N ALA C 433 -69.74 -19.02 -20.15
CA ALA C 433 -71.17 -19.26 -20.28
C ALA C 433 -71.63 -19.13 -21.71
N GLN C 434 -71.07 -18.17 -22.46
CA GLN C 434 -71.39 -18.04 -23.88
C GLN C 434 -70.88 -19.25 -24.66
N VAL C 435 -69.65 -19.68 -24.40
CA VAL C 435 -69.13 -20.91 -25.00
C VAL C 435 -70.09 -22.07 -24.74
N GLN C 436 -70.66 -22.12 -23.54
CA GLN C 436 -71.55 -23.21 -23.20
C GLN C 436 -72.88 -23.11 -23.95
N ASN C 437 -73.45 -21.89 -24.03
CA ASN C 437 -74.75 -21.70 -24.68
C ASN C 437 -74.65 -21.89 -26.19
N ASN C 438 -73.58 -21.38 -26.81
CA ASN C 438 -73.41 -21.50 -28.25
C ASN C 438 -73.06 -22.92 -28.67
N GLU C 439 -72.61 -23.76 -27.74
CA GLU C 439 -72.37 -25.17 -28.02
C GLU C 439 -73.69 -25.90 -28.27
N MET D 1 -4.27 19.06 11.93
CA MET D 1 -2.80 19.00 12.00
C MET D 1 -2.37 18.68 13.41
N GLU D 2 -1.78 17.51 13.60
CA GLU D 2 -1.49 17.03 14.95
C GLU D 2 -0.34 17.83 15.53
N GLU D 3 -0.44 18.12 16.82
CA GLU D 3 0.67 18.67 17.60
C GLU D 3 1.34 17.56 18.39
N ILE D 4 2.68 17.59 18.43
CA ILE D 4 3.47 16.57 19.10
C ILE D 4 4.04 17.18 20.36
N ASN D 5 3.75 16.55 21.49
CA ASN D 5 4.27 17.03 22.75
C ASN D 5 5.09 15.96 23.44
N THR D 6 6.31 16.32 23.81
CA THR D 6 7.05 15.53 24.75
C THR D 6 6.44 15.74 26.13
N ARG D 7 6.25 14.66 26.88
CA ARG D 7 5.81 14.75 28.26
C ARG D 7 6.96 14.61 29.24
N LEU D 8 8.19 14.52 28.73
CA LEU D 8 9.34 14.18 29.57
C LEU D 8 9.95 15.44 30.13
N THR D 9 10.28 15.40 31.42
CA THR D 9 11.09 16.46 32.00
C THR D 9 12.08 15.84 32.97
N PHE D 10 13.17 16.58 33.22
CA PHE D 10 14.23 16.12 34.10
C PHE D 10 15.03 17.33 34.52
N THR D 11 15.81 17.18 35.60
CA THR D 11 16.68 18.25 36.05
C THR D 11 18.04 18.08 35.40
N VAL D 12 18.53 19.14 34.80
CA VAL D 12 19.89 19.22 34.29
C VAL D 12 20.65 20.08 35.28
N ARG D 13 21.85 19.65 35.67
CA ARG D 13 22.73 20.49 36.45
C ARG D 13 24.06 20.55 35.72
N ARG D 14 24.49 21.77 35.42
CA ARG D 14 25.68 21.96 34.65
C ARG D 14 26.71 22.69 35.49
N CYS D 15 27.97 22.40 35.20
CA CYS D 15 29.04 23.11 35.85
C CYS D 15 29.11 24.53 35.29
N ALA D 16 29.96 25.35 35.89
CA ALA D 16 30.18 26.66 35.32
C ALA D 16 30.75 26.51 33.91
N PRO D 17 30.30 27.34 32.95
CA PRO D 17 30.87 27.29 31.59
C PRO D 17 32.39 27.51 31.60
N GLU D 18 33.00 27.31 30.44
CA GLU D 18 34.36 26.83 30.48
C GLU D 18 35.00 27.09 29.12
N LEU D 19 36.18 27.68 29.11
CA LEU D 19 36.87 27.98 27.85
C LEU D 19 37.81 26.83 27.52
N ILE D 20 37.91 26.50 26.23
CA ILE D 20 38.78 25.43 25.76
C ILE D 20 39.66 26.03 24.67
N VAL D 21 40.95 26.13 24.94
CA VAL D 21 41.87 26.77 24.00
C VAL D 21 42.62 25.68 23.24
N PRO D 22 43.36 26.02 22.18
CA PRO D 22 44.20 25.01 21.53
C PRO D 22 45.24 24.45 22.49
N ALA D 23 45.55 23.17 22.32
CA ALA D 23 46.46 22.50 23.24
C ALA D 23 47.91 22.89 22.98
N GLU D 24 48.22 23.33 21.76
CA GLU D 24 49.51 23.84 21.34
C GLU D 24 49.35 25.28 20.89
N PRO D 25 50.38 26.12 21.03
CA PRO D 25 50.30 27.48 20.47
C PRO D 25 50.04 27.46 18.97
N THR D 26 49.21 28.39 18.53
CA THR D 26 48.68 28.48 17.17
C THR D 26 48.83 29.90 16.66
N PRO D 27 48.87 30.09 15.34
CA PRO D 27 49.15 31.42 14.77
C PRO D 27 48.10 32.45 15.17
N ARG D 28 48.58 33.62 15.59
CA ARG D 28 47.74 34.80 15.71
C ARG D 28 47.60 35.42 14.32
N GLU D 29 46.39 35.38 13.76
CA GLU D 29 46.15 35.89 12.42
C GLU D 29 44.87 36.70 12.42
N LEU D 30 44.54 37.26 11.25
CA LEU D 30 43.33 38.04 11.00
C LEU D 30 42.75 37.51 9.69
N LYS D 31 42.15 36.35 9.77
CA LYS D 31 41.76 35.68 8.54
C LYS D 31 40.43 36.24 8.01
N PRO D 32 40.30 36.45 6.71
CA PRO D 32 39.06 37.03 6.19
C PRO D 32 37.97 35.99 6.05
N LEU D 33 36.73 36.42 6.30
CA LEU D 33 35.57 35.60 6.03
C LEU D 33 35.01 35.94 4.66
N SER D 34 34.61 34.92 3.91
CA SER D 34 34.14 35.11 2.55
C SER D 34 32.78 35.82 2.56
N ASP D 35 32.42 36.38 1.41
CA ASP D 35 31.22 37.21 1.32
C ASP D 35 29.93 36.40 1.39
N ILE D 36 30.01 35.08 1.19
CA ILE D 36 28.91 34.20 1.58
C ILE D 36 28.82 34.15 3.10
N ASP D 37 29.93 33.85 3.75
CA ASP D 37 30.02 33.75 5.20
C ASP D 37 29.48 35.00 5.92
N ASP D 38 29.74 36.20 5.39
CA ASP D 38 29.49 37.42 6.13
C ASP D 38 28.22 38.17 5.72
N GLN D 39 27.37 37.58 4.87
CA GLN D 39 26.12 38.26 4.52
C GLN D 39 25.15 38.26 5.72
N GLU D 40 24.14 39.13 5.61
CA GLU D 40 23.30 39.42 6.78
C GLU D 40 22.51 38.21 7.25
N ILE D 41 22.07 37.35 6.33
CA ILE D 41 21.27 36.21 6.74
C ILE D 41 22.06 35.17 7.52
N LEU D 42 23.38 35.21 7.48
CA LEU D 42 24.17 34.26 8.23
C LEU D 42 24.71 34.75 9.55
N ARG D 43 24.34 35.95 9.94
CA ARG D 43 24.78 36.50 11.18
C ARG D 43 23.84 36.11 12.25
N CYS D 44 23.90 34.84 12.55
CA CYS D 44 23.03 34.19 13.50
C CYS D 44 23.74 32.96 14.06
N HIS D 45 23.11 32.33 15.05
CA HIS D 45 23.63 31.09 15.59
C HIS D 45 22.71 29.93 15.23
N GLN D 46 23.30 28.75 15.06
CA GLN D 46 22.56 27.55 14.71
C GLN D 46 22.86 26.46 15.74
N LYS D 47 21.89 25.58 15.97
CA LYS D 47 22.02 24.57 17.02
C LYS D 47 21.87 23.16 16.46
N ALA D 48 22.69 22.25 17.00
CA ALA D 48 22.69 20.85 16.60
C ALA D 48 22.93 19.99 17.83
N ILE D 49 22.55 18.72 17.74
CA ILE D 49 22.51 17.86 18.90
C ILE D 49 22.73 16.45 18.44
N GLN D 50 23.34 15.66 19.31
CA GLN D 50 23.71 14.27 19.08
C GLN D 50 23.47 13.52 20.37
N PHE D 51 23.02 12.28 20.23
CA PHE D 51 22.82 11.41 21.38
C PHE D 51 23.71 10.19 21.21
N PHE D 52 24.44 9.80 22.25
CA PHE D 52 25.30 8.62 22.19
C PHE D 52 24.93 7.64 23.29
N ARG D 53 24.64 6.40 22.89
CA ARG D 53 24.40 5.31 23.83
C ARG D 53 25.68 4.97 24.60
N ALA D 54 25.48 4.53 25.84
CA ALA D 54 26.59 4.02 26.64
C ALA D 54 27.32 2.92 25.88
N ASP D 55 28.65 2.97 25.90
CA ASP D 55 29.46 1.91 25.35
C ASP D 55 30.09 1.12 26.49
N PRO D 56 29.70 -0.15 26.70
CA PRO D 56 30.28 -0.94 27.81
C PRO D 56 31.80 -0.92 27.86
N LYS D 57 32.46 -0.63 26.73
CA LYS D 57 33.92 -0.65 26.70
C LYS D 57 34.50 0.54 27.45
N MET D 58 34.12 1.76 27.08
CA MET D 58 34.75 2.96 27.65
C MET D 58 34.09 3.38 28.96
N ARG D 59 34.03 2.44 29.91
CA ARG D 59 33.85 2.80 31.31
C ARG D 59 35.19 3.26 31.89
N HIS D 60 35.12 4.05 32.96
CA HIS D 60 36.23 4.79 33.57
C HIS D 60 36.70 5.94 32.69
N LYS D 61 36.03 6.18 31.56
CA LYS D 61 36.22 7.38 30.75
C LYS D 61 35.02 8.29 30.92
N ASN D 62 35.29 9.59 31.06
CA ASN D 62 34.23 10.59 31.13
C ASN D 62 34.05 11.20 29.75
N PRO D 63 32.84 11.12 29.17
CA PRO D 63 32.66 11.68 27.82
C PRO D 63 33.08 13.14 27.73
N ALA D 64 32.75 13.95 28.74
CA ALA D 64 33.11 15.37 28.69
C ALA D 64 34.63 15.54 28.64
N SER D 65 35.36 14.75 29.43
CA SER D 65 36.84 14.79 29.40
C SER D 65 37.37 14.40 28.03
N VAL D 66 36.96 13.23 27.54
CA VAL D 66 37.41 12.75 26.25
C VAL D 66 37.19 13.81 25.20
N ILE D 67 35.99 14.41 25.20
CA ILE D 67 35.62 15.33 24.14
C ILE D 67 36.39 16.63 24.26
N ARG D 68 36.55 17.17 25.47
CA ARG D 68 37.23 18.47 25.56
C ARG D 68 38.73 18.34 25.31
N GLU D 69 39.32 17.19 25.64
CA GLU D 69 40.72 16.93 25.26
C GLU D 69 40.88 16.77 23.75
N ALA D 70 40.00 15.96 23.12
CA ALA D 70 40.01 15.86 21.67
C ALA D 70 39.82 17.22 21.03
N LEU D 71 39.00 18.06 21.65
CA LEU D 71 38.71 19.37 21.10
C LEU D 71 39.93 20.26 21.14
N ALA D 72 40.64 20.27 22.27
CA ALA D 72 41.92 20.98 22.32
C ALA D 72 42.87 20.49 21.23
N LYS D 73 42.98 19.15 21.07
CA LYS D 73 43.91 18.61 20.09
C LYS D 73 43.50 18.94 18.65
N LEU D 74 42.20 19.00 18.38
CA LEU D 74 41.71 19.34 17.05
C LEU D 74 41.72 20.84 16.77
N LEU D 75 41.59 21.66 17.81
CA LEU D 75 41.50 23.09 17.63
C LEU D 75 42.83 23.72 17.27
N VAL D 76 43.94 22.98 17.41
CA VAL D 76 45.19 23.41 16.80
C VAL D 76 45.05 23.47 15.29
N PHE D 77 44.26 22.56 14.70
CA PHE D 77 44.01 22.51 13.26
C PHE D 77 42.92 23.49 12.80
N TYR D 78 41.78 23.49 13.48
CA TYR D 78 40.73 24.47 13.20
C TYR D 78 40.86 25.68 14.11
N TYR D 79 42.08 26.20 14.23
CA TYR D 79 42.34 27.24 15.21
C TYR D 79 41.48 28.50 15.02
N PRO D 80 41.07 28.89 13.81
CA PRO D 80 40.07 29.97 13.73
C PRO D 80 38.90 29.78 14.68
N PHE D 81 38.40 28.55 14.85
CA PHE D 81 37.24 28.34 15.72
C PHE D 81 37.47 28.89 17.12
N ALA D 82 38.72 28.90 17.57
CA ALA D 82 39.09 29.47 18.85
C ALA D 82 39.35 30.96 18.76
N GLY D 83 39.01 31.59 17.64
CA GLY D 83 39.20 33.01 17.48
C GLY D 83 38.03 33.82 18.00
N ARG D 84 37.97 35.08 17.56
CA ARG D 84 36.83 35.96 17.79
C ARG D 84 36.63 36.82 16.54
N ILE D 85 35.37 37.00 16.11
CA ILE D 85 35.06 37.71 14.86
C ILE D 85 35.00 39.22 15.10
N LYS D 86 35.51 39.99 14.14
CA LYS D 86 35.41 41.46 14.12
C LYS D 86 35.24 41.91 12.67
N GLU D 87 34.77 43.16 12.48
CA GLU D 87 34.34 43.54 11.14
C GLU D 87 35.04 44.77 10.58
N SER D 88 34.98 44.84 9.25
CA SER D 88 35.75 45.73 8.38
C SER D 88 35.09 47.11 8.29
N PRO D 89 35.78 48.10 7.66
CA PRO D 89 35.06 49.34 7.35
C PRO D 89 33.97 49.06 6.35
N VAL D 90 34.32 48.30 5.31
CA VAL D 90 33.35 47.94 4.27
C VAL D 90 32.28 47.04 4.89
N GLY D 91 32.49 46.65 6.13
CA GLY D 91 31.50 45.92 6.88
C GLY D 91 31.64 44.42 6.84
N LYS D 92 32.58 43.91 6.05
CA LYS D 92 32.82 42.47 5.98
C LYS D 92 33.44 41.98 7.29
N LEU D 93 33.44 40.67 7.47
CA LEU D 93 33.86 40.08 8.73
C LEU D 93 35.17 39.34 8.57
N MET D 94 35.83 39.12 9.71
CA MET D 94 37.10 38.43 9.77
C MET D 94 37.31 37.89 11.17
N VAL D 95 38.19 36.90 11.27
CA VAL D 95 38.44 36.16 12.50
C VAL D 95 39.81 36.57 13.01
N ASP D 96 39.87 37.11 14.23
CA ASP D 96 41.13 37.29 14.94
C ASP D 96 41.43 36.00 15.70
N CYS D 97 42.47 35.29 15.26
CA CYS D 97 42.79 33.97 15.80
C CYS D 97 43.56 34.13 17.11
N THR D 98 42.83 34.55 18.14
CA THR D 98 43.44 34.88 19.42
C THR D 98 43.65 33.66 20.32
N GLY D 99 43.12 32.49 19.95
CA GLY D 99 43.23 31.33 20.81
C GLY D 99 42.45 31.41 22.12
N GLU D 100 41.64 32.44 22.33
CA GLU D 100 40.93 32.63 23.59
C GLU D 100 39.94 31.51 23.88
N GLY D 101 39.50 30.78 22.86
CA GLY D 101 38.93 29.47 23.08
C GLY D 101 37.41 29.44 22.97
N VAL D 102 36.91 28.19 22.90
CA VAL D 102 35.50 27.93 22.65
C VAL D 102 34.80 27.60 23.97
N LEU D 103 33.50 27.87 24.01
CA LEU D 103 32.71 27.65 25.21
C LEU D 103 32.39 26.16 25.38
N PHE D 104 32.45 25.70 26.62
CA PHE D 104 32.27 24.28 26.92
C PHE D 104 31.54 24.17 28.26
N ILE D 105 30.53 23.31 28.31
CA ILE D 105 29.77 23.09 29.52
C ILE D 105 29.67 21.59 29.74
N GLU D 106 30.17 21.12 30.89
CA GLU D 106 29.89 19.79 31.38
C GLU D 106 28.63 19.83 32.23
N ALA D 107 27.71 18.91 31.99
CA ALA D 107 26.47 18.83 32.73
C ALA D 107 26.11 17.37 32.93
N GLU D 108 25.16 17.15 33.81
CA GLU D 108 24.56 15.85 33.99
C GLU D 108 23.06 16.01 34.09
N ALA D 109 22.35 14.94 33.72
CA ALA D 109 20.89 14.95 33.79
C ALA D 109 20.41 13.58 34.24
N ASP D 110 19.49 13.60 35.21
CA ASP D 110 18.89 12.37 35.73
C ASP D 110 17.83 11.88 34.75
N VAL D 111 18.32 11.32 33.65
CA VAL D 111 17.45 10.80 32.61
C VAL D 111 18.26 9.80 31.80
N THR D 112 17.62 8.70 31.42
CA THR D 112 18.26 7.70 30.57
C THR D 112 18.08 8.11 29.11
N LEU D 113 19.00 7.63 28.27
CA LEU D 113 18.80 7.71 26.83
C LEU D 113 17.47 7.09 26.41
N SER D 114 17.08 5.95 27.03
CA SER D 114 15.80 5.32 26.72
C SER D 114 14.66 6.31 26.73
N GLN D 115 14.64 7.19 27.73
CA GLN D 115 13.44 7.98 27.98
C GLN D 115 13.19 9.02 26.90
N PHE D 116 14.18 9.33 26.06
CA PHE D 116 13.95 10.23 24.93
C PHE D 116 13.15 9.54 23.84
N GLY D 117 12.95 8.25 23.97
CA GLY D 117 12.07 7.53 23.09
C GLY D 117 12.83 6.66 22.11
N ASP D 118 12.12 5.67 21.58
CA ASP D 118 12.62 4.77 20.56
C ASP D 118 11.49 4.51 19.57
N PRO D 119 11.64 4.94 18.31
CA PRO D 119 12.86 5.63 17.84
C PRO D 119 12.95 7.04 18.38
N LEU D 120 14.15 7.57 18.56
CA LEU D 120 14.25 8.90 19.14
C LEU D 120 14.27 9.94 18.04
N GLN D 121 13.47 10.99 18.25
CA GLN D 121 13.27 12.01 17.22
C GLN D 121 12.81 13.29 17.91
N PRO D 122 12.92 14.43 17.24
CA PRO D 122 12.36 15.68 17.78
C PRO D 122 10.86 15.55 18.00
N PRO D 123 10.26 16.41 18.84
CA PRO D 123 10.89 17.49 19.60
C PRO D 123 11.67 16.95 20.79
N PHE D 124 12.76 17.64 21.12
CA PHE D 124 13.37 17.16 22.34
C PHE D 124 13.02 18.11 23.48
N PRO D 125 12.82 17.58 24.68
CA PRO D 125 12.50 18.44 25.83
C PRO D 125 13.77 19.02 26.41
N CYS D 126 13.59 20.07 27.21
CA CYS D 126 14.67 20.67 27.98
C CYS D 126 15.87 21.06 27.12
N ILE D 127 15.64 21.40 25.83
CA ILE D 127 16.79 21.77 25.00
C ILE D 127 17.45 23.04 25.53
N ASP D 128 16.71 23.87 26.28
CA ASP D 128 17.29 25.10 26.82
C ASP D 128 18.21 24.83 28.01
N GLU D 129 18.00 23.71 28.70
CA GLU D 129 18.89 23.27 29.77
C GLU D 129 20.02 22.40 29.23
N LEU D 130 19.76 21.70 28.12
CA LEU D 130 20.75 20.83 27.50
C LEU D 130 21.78 21.56 26.68
N LEU D 131 21.55 22.85 26.37
CA LEU D 131 22.47 23.69 25.58
C LEU D 131 22.28 25.12 26.09
N TYR D 132 22.92 25.42 27.21
CA TYR D 132 22.69 26.67 27.93
C TYR D 132 23.16 27.87 27.12
N ASP D 133 22.31 28.88 27.01
CA ASP D 133 22.65 30.17 26.41
C ASP D 133 23.50 30.95 27.41
N VAL D 134 24.82 30.82 27.28
CA VAL D 134 25.73 31.58 28.15
C VAL D 134 25.62 33.06 27.83
N PRO D 135 25.47 33.94 28.82
CA PRO D 135 25.30 35.37 28.50
C PRO D 135 26.57 35.94 27.89
N GLY D 136 26.38 36.81 26.90
CA GLY D 136 27.48 37.35 26.14
C GLY D 136 27.93 36.50 24.98
N SER D 137 27.56 35.21 24.96
CA SER D 137 27.93 34.32 23.87
C SER D 137 27.08 34.53 22.62
N SER D 138 25.83 34.98 22.76
CA SER D 138 24.96 35.11 21.58
C SER D 138 25.43 36.20 20.62
N ALA D 139 26.47 36.95 20.97
CA ALA D 139 27.00 37.95 20.08
C ALA D 139 27.77 37.30 18.94
N ILE D 140 27.88 38.03 17.82
CA ILE D 140 28.57 37.57 16.63
C ILE D 140 30.00 38.10 16.56
N LEU D 141 30.29 39.21 17.24
CA LEU D 141 31.65 39.75 17.35
C LEU D 141 32.12 39.68 18.79
N ASP D 142 33.39 39.35 18.99
CA ASP D 142 34.05 39.26 20.29
C ASP D 142 33.45 38.17 21.18
N ALA D 143 32.60 37.33 20.65
CA ALA D 143 32.10 36.22 21.44
C ALA D 143 32.77 34.93 20.97
N PRO D 144 32.93 33.96 21.85
CA PRO D 144 33.38 32.64 21.39
C PRO D 144 32.51 32.20 20.23
N ILE D 145 33.17 31.67 19.20
CA ILE D 145 32.47 31.32 17.99
C ILE D 145 31.58 30.10 18.17
N ILE D 146 31.92 29.19 19.09
CA ILE D 146 31.18 27.93 19.22
C ILE D 146 31.08 27.52 20.68
N LEU D 147 29.99 26.81 20.99
CA LEU D 147 29.67 26.41 22.36
C LEU D 147 29.21 24.95 22.35
N TYR D 148 29.90 24.10 23.10
CA TYR D 148 29.47 22.73 23.29
C TYR D 148 28.93 22.52 24.69
N GLN D 149 27.91 21.69 24.80
CA GLN D 149 27.47 21.17 26.09
C GLN D 149 27.39 19.66 26.01
N VAL D 150 28.16 18.99 26.87
CA VAL D 150 28.09 17.54 27.01
C VAL D 150 27.29 17.24 28.27
N THR D 151 26.15 16.60 28.11
CA THR D 151 25.31 16.23 29.23
C THR D 151 25.34 14.71 29.38
N ARG D 152 26.02 14.23 30.43
CA ARG D 152 25.99 12.80 30.76
C ARG D 152 24.63 12.37 31.29
N LEU D 153 24.17 11.21 30.86
CA LEU D 153 22.88 10.67 31.25
C LEU D 153 23.03 9.53 32.25
N SER D 154 21.92 9.25 32.95
CA SER D 154 21.86 8.24 34.01
C SER D 154 22.41 6.90 33.54
N CYS D 155 22.22 6.58 32.27
CA CYS D 155 22.64 5.29 31.71
C CYS D 155 24.09 5.27 31.26
N GLY D 156 24.86 6.33 31.52
CA GLY D 156 26.18 6.40 30.94
C GLY D 156 26.25 6.79 29.48
N GLY D 157 25.12 7.00 28.82
CA GLY D 157 25.13 7.70 27.54
C GLY D 157 25.26 9.19 27.76
N PHE D 158 25.32 9.95 26.67
CA PHE D 158 25.51 11.38 26.82
C PHE D 158 25.01 12.13 25.59
N ILE D 159 24.65 13.38 25.82
CA ILE D 159 24.22 14.29 24.76
C ILE D 159 25.38 15.23 24.45
N LEU D 160 25.62 15.43 23.15
CA LEU D 160 26.61 16.38 22.66
C LEU D 160 25.83 17.45 21.91
N ALA D 161 25.72 18.64 22.49
CA ALA D 161 24.95 19.72 21.88
C ALA D 161 25.91 20.83 21.48
N VAL D 162 25.60 21.49 20.38
CA VAL D 162 26.50 22.48 19.80
C VAL D 162 25.68 23.68 19.33
N ARG D 163 26.10 24.88 19.74
CA ARG D 163 25.59 26.12 19.18
C ARG D 163 26.76 26.84 18.52
N TYR D 164 26.68 27.03 17.21
CA TYR D 164 27.80 27.65 16.52
C TYR D 164 27.40 28.94 15.81
N ASN D 165 28.38 29.83 15.67
CA ASN D 165 28.21 31.07 14.92
C ASN D 165 28.14 30.74 13.43
N HIS D 166 27.03 31.13 12.78
CA HIS D 166 26.80 30.68 11.43
C HIS D 166 27.66 31.42 10.42
N ALA D 167 28.05 32.67 10.73
CA ALA D 167 28.95 33.41 9.86
C ALA D 167 30.26 32.67 9.61
N MET D 168 30.63 31.74 10.49
CA MET D 168 31.88 31.01 10.40
C MET D 168 31.82 29.78 9.51
N THR D 169 30.77 28.97 9.64
CA THR D 169 30.63 27.74 8.87
C THR D 169 29.14 27.41 8.80
N ASP D 170 28.78 26.53 7.86
CA ASP D 170 27.43 26.01 7.76
C ASP D 170 27.39 24.60 8.37
N ALA D 171 26.34 23.84 8.03
CA ALA D 171 26.17 22.53 8.65
C ALA D 171 27.16 21.51 8.09
N ALA D 172 27.54 21.64 6.82
CA ALA D 172 28.49 20.70 6.23
C ALA D 172 29.89 20.94 6.75
N GLY D 173 30.29 22.20 6.91
CA GLY D 173 31.58 22.49 7.52
C GLY D 173 31.68 21.99 8.94
N LEU D 174 30.63 22.23 9.73
CA LEU D 174 30.56 21.68 11.08
C LEU D 174 30.56 20.15 11.06
N LEU D 175 29.93 19.52 10.07
CA LEU D 175 29.99 18.07 9.95
C LEU D 175 31.43 17.60 9.74
N GLN D 176 32.15 18.29 8.83
CA GLN D 176 33.57 18.02 8.63
C GLN D 176 34.34 18.18 9.94
N PHE D 177 34.07 19.27 10.65
CA PHE D 177 34.78 19.55 11.89
C PHE D 177 34.48 18.50 12.95
N MET D 178 33.22 18.13 13.08
CA MET D 178 32.83 17.16 14.11
C MET D 178 33.36 15.78 13.80
N SER D 179 33.43 15.42 12.51
CA SER D 179 33.98 14.12 12.14
C SER D 179 35.49 14.08 12.35
N ALA D 180 36.15 15.23 12.12
CA ALA D 180 37.55 15.37 12.51
C ALA D 180 37.72 15.20 14.02
N LEU D 181 36.82 15.82 14.79
CA LEU D 181 36.83 15.66 16.25
C LEU D 181 36.67 14.20 16.65
N GLY D 182 35.82 13.47 15.94
CA GLY D 182 35.68 12.04 16.21
C GLY D 182 36.97 11.29 15.99
N GLU D 183 37.63 11.55 14.85
CA GLU D 183 38.92 10.93 14.60
C GLU D 183 39.92 11.24 15.72
N ILE D 184 40.08 12.51 16.05
CA ILE D 184 41.04 12.93 17.07
C ILE D 184 40.73 12.26 18.41
N ALA D 185 39.46 12.13 18.75
CA ALA D 185 39.09 11.36 19.93
C ALA D 185 39.21 9.85 19.71
N GLY D 186 39.56 9.41 18.50
CA GLY D 186 39.76 8.02 18.20
C GLY D 186 41.19 7.61 17.95
N GLY D 187 42.16 8.45 18.28
CA GLY D 187 43.56 8.13 18.12
C GLY D 187 44.25 8.84 16.97
N ALA D 188 43.50 9.56 16.15
CA ALA D 188 44.11 10.36 15.10
C ALA D 188 45.02 11.42 15.74
N THR D 189 45.89 11.99 14.91
CA THR D 189 46.79 13.03 15.38
C THR D 189 46.65 14.24 14.47
N SER D 190 46.28 14.00 13.22
CA SER D 190 45.72 14.97 12.31
C SER D 190 44.36 14.43 11.86
N PRO D 191 43.45 15.29 11.41
CA PRO D 191 42.19 14.78 10.85
C PRO D 191 42.41 14.18 9.47
N SER D 192 41.40 13.43 9.00
CA SER D 192 41.38 12.91 7.63
C SER D 192 41.62 14.02 6.62
N ILE D 193 40.65 14.90 6.44
CA ILE D 193 40.84 16.07 5.59
C ILE D 193 41.57 17.13 6.41
N MET D 194 42.65 17.66 5.85
CA MET D 194 43.33 18.77 6.50
C MET D 194 42.52 20.04 6.26
N PRO D 195 42.13 20.78 7.30
CA PRO D 195 41.34 21.99 7.09
C PRO D 195 42.10 22.96 6.21
N VAL D 196 41.35 23.77 5.46
CA VAL D 196 41.93 24.88 4.72
C VAL D 196 41.00 26.08 4.85
N TRP D 197 41.60 27.27 4.81
CA TRP D 197 40.85 28.52 4.88
C TRP D 197 40.46 28.98 3.48
N LYS D 198 41.36 29.73 2.84
CA LYS D 198 41.18 30.20 1.46
C LYS D 198 39.81 30.86 1.27
N ARG D 199 39.43 31.66 2.23
CA ARG D 199 38.14 32.31 2.04
C ARG D 199 38.23 33.52 1.12
N GLU D 200 39.37 33.65 0.44
CA GLU D 200 39.51 34.66 -0.61
C GLU D 200 38.87 34.22 -1.92
N LEU D 201 38.68 32.91 -2.12
CA LEU D 201 38.07 32.44 -3.35
C LEU D 201 36.63 32.92 -3.47
N LEU D 202 35.98 33.21 -2.35
CA LEU D 202 34.64 33.79 -2.32
C LEU D 202 34.63 35.24 -1.86
N CYS D 203 35.79 35.88 -1.77
CA CYS D 203 35.89 37.31 -1.48
C CYS D 203 36.00 38.07 -2.79
N SER D 204 35.00 38.90 -3.08
CA SER D 204 34.96 39.72 -4.28
C SER D 204 34.84 41.18 -3.89
N SER D 205 35.29 42.06 -4.78
CA SER D 205 35.39 43.51 -4.52
C SER D 205 34.26 44.48 -4.90
N ASP D 206 33.54 44.23 -5.99
CA ASP D 206 32.43 45.09 -6.38
C ASP D 206 31.39 44.97 -5.28
N ARG D 207 31.21 43.73 -4.81
CA ARG D 207 30.24 43.45 -3.78
C ARG D 207 30.71 43.93 -2.41
N GLU D 223 5.14 37.00 24.81
CA GLU D 223 3.84 36.34 24.67
C GLU D 223 3.99 35.21 23.65
N THR D 224 5.07 34.47 23.76
CA THR D 224 5.57 33.70 22.62
C THR D 224 5.70 32.23 22.97
N THR D 225 5.18 31.35 22.10
CA THR D 225 5.14 29.92 22.41
C THR D 225 5.73 29.10 21.28
N GLN D 226 6.11 27.88 21.66
CA GLN D 226 6.83 26.94 20.83
C GLN D 226 6.02 25.66 20.73
N LYS D 227 5.92 25.13 19.52
CA LYS D 227 5.16 23.92 19.31
C LYS D 227 5.84 23.15 18.19
N SER D 228 5.47 21.90 18.06
CA SER D 228 5.93 21.09 16.94
C SER D 228 4.70 20.42 16.39
N PHE D 229 4.55 20.46 15.09
CA PHE D 229 3.38 19.92 14.45
C PHE D 229 3.79 18.83 13.48
N PHE D 230 2.87 17.90 13.28
CA PHE D 230 3.12 16.68 12.53
C PHE D 230 2.15 16.61 11.37
N LEU D 231 2.70 16.56 10.16
CA LEU D 231 1.90 16.38 8.95
C LEU D 231 2.31 15.06 8.33
N THR D 232 1.35 14.14 8.18
CA THR D 232 1.65 12.85 7.58
C THR D 232 1.85 13.00 6.08
N THR D 233 2.59 12.04 5.50
CA THR D 233 2.82 12.07 4.06
C THR D 233 1.52 11.87 3.28
N THR D 234 0.52 11.23 3.88
CA THR D 234 -0.79 11.17 3.24
C THR D 234 -1.44 12.54 3.18
N GLU D 235 -1.28 13.34 4.23
CA GLU D 235 -1.79 14.71 4.19
C GLU D 235 -1.06 15.56 3.16
N ILE D 236 0.27 15.39 3.07
CA ILE D 236 1.05 16.18 2.12
C ILE D 236 0.66 15.82 0.69
N SER D 237 0.49 14.53 0.42
CA SER D 237 0.15 14.14 -0.94
C SER D 237 -1.29 14.52 -1.25
N ALA D 238 -2.17 14.54 -0.23
CA ALA D 238 -3.51 15.08 -0.40
C ALA D 238 -3.46 16.53 -0.88
N PHE D 239 -2.65 17.35 -0.20
CA PHE D 239 -2.36 18.69 -0.70
C PHE D 239 -1.95 18.67 -2.17
N ARG D 240 -0.97 17.83 -2.52
CA ARG D 240 -0.49 17.77 -3.91
C ARG D 240 -1.63 17.46 -4.88
N ARG D 241 -2.64 16.70 -4.43
CA ARG D 241 -3.78 16.47 -5.30
C ARG D 241 -4.68 17.68 -5.41
N TYR D 242 -4.77 18.51 -4.36
CA TYR D 242 -5.70 19.63 -4.37
C TYR D 242 -5.18 20.86 -5.12
N VAL D 243 -3.93 20.83 -5.59
CA VAL D 243 -3.25 21.96 -6.20
C VAL D 243 -3.37 21.85 -7.72
N PRO D 244 -3.28 22.95 -8.49
CA PRO D 244 -3.40 22.85 -9.96
C PRO D 244 -2.51 21.76 -10.55
N THR D 245 -2.97 21.17 -11.66
CA THR D 245 -2.21 20.10 -12.28
C THR D 245 -0.83 20.56 -12.71
N HIS D 246 -0.73 21.77 -13.27
CA HIS D 246 0.57 22.20 -13.76
C HIS D 246 1.56 22.41 -12.63
N LEU D 247 1.11 22.36 -11.38
CA LEU D 247 1.99 22.52 -10.23
C LEU D 247 2.24 21.23 -9.48
N GLN D 248 1.79 20.08 -10.00
CA GLN D 248 1.89 18.84 -9.23
C GLN D 248 3.32 18.30 -9.12
N SER D 249 4.25 18.72 -9.96
CA SER D 249 5.62 18.26 -9.78
C SER D 249 6.25 18.82 -8.50
N CYS D 250 5.50 19.60 -7.71
CA CYS D 250 6.04 20.19 -6.49
C CYS D 250 6.65 19.14 -5.57
N THR D 251 7.80 19.50 -5.01
CA THR D 251 8.40 18.77 -3.93
C THR D 251 7.57 18.87 -2.66
N THR D 252 7.68 17.84 -1.82
CA THR D 252 7.17 17.91 -0.47
C THR D 252 7.68 19.18 0.19
N PHE D 253 8.94 19.49 -0.04
CA PHE D 253 9.53 20.71 0.50
C PHE D 253 8.81 21.94 -0.03
N GLU D 254 8.68 22.01 -1.35
CA GLU D 254 8.02 23.16 -1.97
C GLU D 254 6.60 23.31 -1.46
N LEU D 255 5.83 22.22 -1.44
CA LEU D 255 4.46 22.26 -0.95
C LEU D 255 4.37 22.74 0.51
N LEU D 256 5.20 22.16 1.40
CA LEU D 256 5.29 22.62 2.78
C LEU D 256 5.58 24.11 2.92
N THR D 257 6.62 24.54 2.24
CA THR D 257 7.03 25.94 2.25
C THR D 257 5.91 26.87 1.76
N ALA D 258 5.19 26.45 0.72
CA ALA D 258 4.09 27.27 0.22
C ALA D 258 2.98 27.36 1.28
N CYS D 259 2.61 26.21 1.86
CA CYS D 259 1.61 26.21 2.94
C CYS D 259 2.03 27.13 4.07
N ILE D 260 3.25 26.93 4.59
CA ILE D 260 3.69 27.73 5.72
C ILE D 260 3.71 29.20 5.35
N TRP D 261 4.31 29.54 4.21
CA TRP D 261 4.39 30.94 3.79
C TRP D 261 3.02 31.61 3.73
N ARG D 262 2.11 31.01 2.99
CA ARG D 262 0.74 31.49 2.91
C ARG D 262 0.09 31.62 4.28
N CYS D 263 0.05 30.53 5.06
CA CYS D 263 -0.66 30.52 6.33
C CYS D 263 -0.04 31.46 7.34
N HIS D 264 1.28 31.58 7.35
CA HIS D 264 1.94 32.55 8.20
C HIS D 264 1.57 33.97 7.84
N THR D 265 1.61 34.29 6.53
CA THR D 265 1.27 35.64 6.10
C THR D 265 -0.17 35.99 6.46
N ILE D 266 -1.11 35.07 6.23
CA ILE D 266 -2.51 35.31 6.62
C ILE D 266 -2.63 35.49 8.13
N ALA D 267 -1.86 34.71 8.89
CA ALA D 267 -1.96 34.80 10.33
C ALA D 267 -1.46 36.16 10.81
N LEU D 268 -0.38 36.66 10.20
CA LEU D 268 0.23 37.92 10.61
C LEU D 268 -0.61 39.13 10.22
N GLN D 269 -1.37 39.04 9.14
CA GLN D 269 -2.16 40.15 8.63
C GLN D 269 -1.30 41.39 8.34
N PRO D 270 -0.28 41.27 7.51
CA PRO D 270 0.56 42.43 7.23
C PRO D 270 -0.22 43.48 6.46
N ASP D 271 0.39 44.65 6.33
CA ASP D 271 -0.18 45.63 5.41
C ASP D 271 -0.17 45.04 3.99
N PRO D 272 -1.21 45.32 3.20
CA PRO D 272 -1.33 44.67 1.87
C PRO D 272 -0.16 44.96 0.96
N GLU D 273 0.42 46.15 1.08
CA GLU D 273 1.53 46.58 0.24
C GLU D 273 2.82 45.85 0.58
N GLU D 274 2.91 45.27 1.78
CA GLU D 274 4.18 44.78 2.27
C GLU D 274 4.65 43.60 1.44
N GLU D 275 5.95 43.58 1.17
CA GLU D 275 6.59 42.51 0.40
C GLU D 275 7.01 41.39 1.35
N MET D 276 6.36 40.24 1.23
CA MET D 276 6.59 39.07 2.03
C MET D 276 7.56 38.14 1.31
N ASN D 277 8.58 37.69 2.04
CA ASN D 277 9.68 36.90 1.49
C ASN D 277 9.75 35.55 2.20
N MET D 278 10.01 34.52 1.41
CA MET D 278 10.27 33.16 1.90
C MET D 278 11.60 32.73 1.33
N ILE D 279 12.56 32.47 2.21
CA ILE D 279 13.95 32.31 1.89
C ILE D 279 14.41 30.95 2.39
N TRP D 280 15.19 30.25 1.56
CA TRP D 280 15.70 28.99 2.06
C TRP D 280 17.05 28.70 1.44
N PRO D 281 17.91 27.97 2.16
CA PRO D 281 19.24 27.62 1.66
C PRO D 281 19.22 26.35 0.82
N VAL D 282 20.21 26.29 -0.07
CA VAL D 282 20.43 25.21 -1.02
C VAL D 282 21.89 24.82 -0.87
N ASN D 283 22.14 23.53 -0.64
CA ASN D 283 23.49 22.99 -0.68
C ASN D 283 23.89 22.80 -2.14
N VAL D 284 24.99 23.43 -2.54
CA VAL D 284 25.43 23.42 -3.93
C VAL D 284 26.38 22.27 -4.26
N ARG D 285 26.79 21.48 -3.27
CA ARG D 285 27.92 20.57 -3.43
C ARG D 285 27.65 19.53 -4.51
N ASN D 286 26.50 18.87 -4.46
CA ASN D 286 26.13 17.82 -5.40
C ASN D 286 25.27 18.36 -6.55
N LYS D 287 25.26 19.67 -6.75
CA LYS D 287 24.44 20.27 -7.78
C LYS D 287 25.22 21.01 -8.84
N PHE D 288 26.49 21.35 -8.61
CA PHE D 288 27.28 22.17 -9.50
C PHE D 288 28.62 21.50 -9.80
N LYS D 289 29.44 22.18 -10.59
CA LYS D 289 30.82 21.75 -10.86
C LYS D 289 31.69 22.99 -10.99
N PHE D 290 32.53 23.23 -9.99
CA PHE D 290 33.34 24.43 -9.96
C PHE D 290 34.59 24.25 -10.82
N ASP D 291 34.81 25.22 -11.73
CA ASP D 291 35.86 25.09 -12.73
C ASP D 291 37.22 25.08 -12.02
N PRO D 292 37.68 26.14 -11.35
CA PRO D 292 38.58 25.92 -10.20
C PRO D 292 37.84 25.19 -9.10
N PRO D 293 38.20 23.94 -8.82
CA PRO D 293 37.45 23.16 -7.82
C PRO D 293 37.89 23.54 -6.42
N LEU D 294 36.91 23.70 -5.54
CA LEU D 294 37.18 24.26 -4.22
C LEU D 294 38.06 23.29 -3.41
N PRO D 295 39.08 23.83 -2.68
CA PRO D 295 40.06 22.98 -1.98
C PRO D 295 39.46 21.86 -1.12
N ALA D 296 40.24 20.79 -0.91
CA ALA D 296 39.72 19.60 -0.25
C ALA D 296 39.12 19.91 1.12
N GLY D 297 39.70 20.87 1.84
CA GLY D 297 39.31 21.09 3.22
C GLY D 297 38.61 22.40 3.54
N TYR D 298 37.91 22.98 2.57
CA TYR D 298 37.18 24.22 2.84
C TYR D 298 36.03 23.95 3.79
N TYR D 299 35.86 24.82 4.77
CA TYR D 299 34.79 24.64 5.73
C TYR D 299 33.96 25.89 5.96
N GLY D 300 34.09 26.90 5.12
CA GLY D 300 33.24 28.06 5.24
C GLY D 300 31.84 27.75 4.80
N ASN D 301 31.08 28.82 4.56
CA ASN D 301 29.72 28.70 4.06
C ASN D 301 29.72 28.54 2.54
N LEU D 302 29.11 27.45 2.07
CA LEU D 302 28.82 27.33 0.65
C LEU D 302 27.33 27.15 0.37
N LEU D 303 26.49 27.97 0.99
CA LEU D 303 25.04 27.90 0.82
C LEU D 303 24.60 28.91 -0.23
N ALA D 304 23.78 28.47 -1.18
CA ALA D 304 23.06 29.41 -2.05
C ALA D 304 21.66 29.60 -1.50
N PHE D 305 21.13 30.81 -1.57
CA PHE D 305 19.79 31.05 -1.03
C PHE D 305 18.81 31.41 -2.14
N SER D 306 17.65 30.76 -2.12
CA SER D 306 16.63 31.15 -3.07
C SER D 306 15.51 31.83 -2.32
N VAL D 307 14.85 32.76 -3.00
CA VAL D 307 14.02 33.80 -2.39
C VAL D 307 12.75 33.93 -3.20
N ALA D 308 11.59 33.71 -2.56
CA ALA D 308 10.29 33.97 -3.14
C ALA D 308 9.71 35.21 -2.51
N MET D 309 9.23 36.16 -3.33
CA MET D 309 8.60 37.37 -2.81
C MET D 309 7.22 37.62 -3.43
N SER D 310 6.34 38.25 -2.64
CA SER D 310 4.99 38.58 -3.09
C SER D 310 4.41 39.64 -2.15
N SER D 311 3.52 40.46 -2.70
CA SER D 311 2.77 41.36 -1.83
C SER D 311 1.99 40.54 -0.81
N ALA D 312 1.80 41.13 0.36
CA ALA D 312 0.97 40.46 1.37
C ALA D 312 -0.43 40.23 0.83
N ARG D 313 -0.99 41.22 0.12
CA ARG D 313 -2.37 41.09 -0.32
C ARG D 313 -2.54 39.97 -1.33
N ASP D 314 -1.55 39.77 -2.22
CA ASP D 314 -1.60 38.68 -3.20
C ASP D 314 -1.47 37.31 -2.52
N LEU D 315 -0.54 37.18 -1.59
CA LEU D 315 -0.42 35.91 -0.87
C LEU D 315 -1.73 35.57 -0.16
N CYS D 316 -2.43 36.58 0.39
CA CYS D 316 -3.61 36.26 1.20
C CYS D 316 -4.86 36.05 0.35
N SER D 317 -4.96 36.68 -0.83
CA SER D 317 -6.18 36.63 -1.66
C SER D 317 -6.20 35.47 -2.61
N LYS D 318 -5.09 35.02 -3.00
CA LYS D 318 -5.07 33.99 -4.01
C LYS D 318 -4.87 32.62 -3.37
N PRO D 319 -5.32 31.56 -4.02
CA PRO D 319 -5.22 30.24 -3.39
C PRO D 319 -3.79 29.74 -3.29
N LEU D 320 -3.64 28.50 -2.81
CA LEU D 320 -2.33 27.93 -2.55
C LEU D 320 -1.51 27.76 -3.82
N GLY D 321 -2.15 27.53 -4.96
CA GLY D 321 -1.41 27.46 -6.21
C GLY D 321 -0.56 28.69 -6.47
N TYR D 322 -1.05 29.87 -6.07
CA TYR D 322 -0.27 31.10 -6.25
C TYR D 322 1.06 31.02 -5.50
N ALA D 323 0.98 30.86 -4.17
CA ALA D 323 2.20 30.74 -3.37
C ALA D 323 3.09 29.65 -3.90
N LEU D 324 2.51 28.53 -4.29
CA LEU D 324 3.30 27.34 -4.56
C LEU D 324 4.06 27.50 -5.87
N GLU D 325 3.40 28.06 -6.89
CA GLU D 325 4.12 28.38 -8.11
C GLU D 325 5.31 29.29 -7.82
N LEU D 326 5.10 30.33 -7.00
CA LEU D 326 6.25 31.19 -6.67
C LEU D 326 7.37 30.42 -5.94
N VAL D 327 7.01 29.44 -5.09
CA VAL D 327 8.03 28.72 -4.34
C VAL D 327 8.83 27.80 -5.27
N MET D 328 8.13 27.09 -6.16
CA MET D 328 8.75 26.21 -7.14
C MET D 328 9.68 26.98 -8.07
N LYS D 329 9.16 28.06 -8.65
CA LYS D 329 9.94 28.82 -9.61
C LYS D 329 11.13 29.47 -8.92
N ALA D 330 10.95 29.98 -7.70
CA ALA D 330 12.13 30.46 -6.97
C ALA D 330 13.13 29.34 -6.73
N ASN D 331 12.66 28.10 -6.62
CA ASN D 331 13.58 27.03 -6.28
C ASN D 331 14.50 26.69 -7.44
N HIS D 332 14.05 26.84 -8.67
CA HIS D 332 14.97 26.46 -9.73
C HIS D 332 15.71 27.64 -10.39
N ASP D 333 15.63 28.87 -9.85
CA ASP D 333 16.51 29.93 -10.38
C ASP D 333 17.94 29.82 -9.86
N VAL D 334 18.11 29.53 -8.58
CA VAL D 334 19.46 29.47 -7.99
C VAL D 334 20.32 28.43 -8.69
N THR D 335 19.70 27.44 -9.34
CA THR D 335 20.40 26.33 -9.95
C THR D 335 20.53 26.46 -11.47
N LYS D 336 20.31 27.67 -12.02
CA LYS D 336 20.33 27.87 -13.47
C LYS D 336 21.74 27.68 -14.03
N LYS D 337 22.67 28.56 -13.64
CA LYS D 337 24.05 28.37 -14.06
C LYS D 337 24.56 27.04 -13.51
N LYS D 338 25.38 26.33 -14.29
CA LYS D 338 25.68 24.95 -13.94
C LYS D 338 27.14 24.61 -13.75
N ILE D 339 28.08 25.38 -14.32
CA ILE D 339 29.50 25.05 -14.19
C ILE D 339 30.32 26.34 -14.33
N GLY D 340 31.24 26.57 -13.40
CA GLY D 340 32.02 27.78 -13.41
C GLY D 340 32.68 28.00 -12.06
N SER D 341 33.16 29.23 -11.84
CA SER D 341 33.92 29.54 -10.65
C SER D 341 33.00 29.66 -9.43
N VAL D 342 33.60 29.69 -8.24
CA VAL D 342 32.83 29.73 -7.01
C VAL D 342 32.23 31.11 -6.77
N SER D 343 33.04 32.16 -6.92
CA SER D 343 32.49 33.50 -6.80
C SER D 343 31.63 33.89 -7.99
N ASP D 344 31.55 33.03 -9.01
CA ASP D 344 30.70 33.22 -10.17
C ASP D 344 29.56 32.21 -10.23
N LEU D 345 29.48 31.29 -9.27
CA LEU D 345 28.35 30.37 -9.13
C LEU D 345 27.67 30.47 -7.77
N LEU D 346 28.22 31.25 -6.85
CA LEU D 346 27.68 31.39 -5.50
C LEU D 346 27.75 32.86 -5.13
N LYS D 347 26.61 33.51 -5.14
CA LYS D 347 26.51 34.91 -4.78
C LYS D 347 25.84 35.01 -3.43
N PRO D 348 26.02 36.11 -2.72
CA PRO D 348 25.24 36.30 -1.50
C PRO D 348 23.83 36.68 -1.90
N ILE D 349 22.90 36.77 -0.96
CA ILE D 349 21.71 37.55 -1.22
C ILE D 349 22.16 38.99 -1.46
N LYS D 350 21.48 39.69 -2.37
CA LYS D 350 21.95 41.03 -2.76
C LYS D 350 21.59 42.08 -1.71
N GLY D 351 20.33 42.47 -1.64
CA GLY D 351 19.98 43.61 -0.85
C GLY D 351 20.14 43.35 0.65
N PRO D 352 19.80 44.36 1.45
CA PRO D 352 19.52 44.10 2.86
C PRO D 352 18.40 43.08 2.94
N LEU D 353 18.43 42.25 3.97
CA LEU D 353 17.34 41.31 4.14
C LEU D 353 16.04 42.10 4.27
N PRO D 354 15.02 41.79 3.47
CA PRO D 354 13.77 42.56 3.54
C PRO D 354 13.17 42.50 4.93
N VAL D 355 12.38 43.54 5.25
CA VAL D 355 11.74 43.64 6.57
C VAL D 355 10.98 42.35 6.89
N ARG D 356 10.11 41.94 5.96
CA ARG D 356 9.35 40.71 6.08
C ARG D 356 10.10 39.59 5.36
N HIS D 357 10.57 38.59 6.11
CA HIS D 357 11.17 37.42 5.49
C HIS D 357 11.10 36.24 6.47
N ASP D 358 10.51 35.14 6.00
CA ASP D 358 10.60 33.86 6.68
C ASP D 358 11.75 33.04 6.09
N ILE D 359 12.39 32.23 6.94
CA ILE D 359 13.46 31.34 6.52
C ILE D 359 13.06 29.91 6.85
N VAL D 360 13.27 29.02 5.90
CA VAL D 360 12.85 27.63 6.02
C VAL D 360 14.03 26.74 5.59
N SER D 361 14.22 25.60 6.24
CA SER D 361 15.39 24.78 5.96
C SER D 361 14.99 23.32 5.85
N ASP D 362 15.56 22.60 4.89
CA ASP D 362 15.20 21.20 4.69
C ASP D 362 16.25 20.27 5.32
N LEU D 363 15.85 19.58 6.39
CA LEU D 363 16.69 18.67 7.15
C LEU D 363 16.17 17.25 7.08
N ILE D 364 15.29 16.97 6.12
CA ILE D 364 14.54 15.71 6.10
C ILE D 364 15.46 14.48 5.94
N HIS D 365 16.68 14.67 5.43
CA HIS D 365 17.63 13.55 5.31
C HIS D 365 19.02 13.99 5.74
N GLY D 367 20.18 10.58 7.32
CA GLY D 367 21.12 10.30 8.40
C GLY D 367 22.48 10.94 8.29
N HIS D 368 23.00 11.38 9.42
CA HIS D 368 24.31 12.01 9.53
C HIS D 368 25.02 11.05 10.44
N TYR D 369 25.39 9.89 9.93
CA TYR D 369 25.88 8.80 10.81
C TYR D 369 27.39 8.80 11.11
N SER D 370 28.23 9.49 10.34
CA SER D 370 29.66 9.14 10.27
C SER D 370 30.49 9.43 11.53
N MET D 371 29.93 10.07 12.57
CA MET D 371 30.74 10.40 13.75
C MET D 371 31.05 9.16 14.59
N GLU D 372 32.10 9.26 15.41
CA GLU D 372 32.46 8.23 16.38
C GLU D 372 33.44 8.83 17.38
N PHE D 373 33.00 8.97 18.64
CA PHE D 373 33.84 9.51 19.72
C PHE D 373 34.22 8.43 20.73
N GLY D 374 34.31 7.17 20.29
CA GLY D 374 34.52 6.08 21.21
C GLY D 374 33.24 5.29 21.45
N TRP D 375 32.11 6.00 21.62
CA TRP D 375 30.83 5.37 21.87
C TRP D 375 30.08 5.02 20.59
N GLY D 376 30.78 4.91 19.48
CA GLY D 376 30.15 4.57 18.21
C GLY D 376 29.48 5.76 17.56
N LYS D 377 28.53 5.44 16.69
CA LYS D 377 27.80 6.45 15.95
C LYS D 377 26.60 6.94 16.76
N ALA D 378 26.28 8.21 16.59
CA ALA D 378 25.14 8.79 17.27
C ALA D 378 23.87 8.00 16.97
N THR D 379 23.02 7.84 17.98
CA THR D 379 21.70 7.28 17.75
C THR D 379 20.79 8.31 17.08
N TYR D 380 21.15 9.58 17.19
CA TYR D 380 20.51 10.67 16.47
C TYR D 380 21.49 11.82 16.38
N THR D 381 21.50 12.45 15.21
CA THR D 381 22.25 13.67 14.91
C THR D 381 21.31 14.57 14.14
N GLY D 382 20.99 15.74 14.70
CA GLY D 382 20.08 16.64 14.04
C GLY D 382 20.07 18.03 14.60
N PRO D 383 19.12 18.85 14.13
CA PRO D 383 18.98 20.21 14.65
C PRO D 383 18.21 20.23 15.97
N ALA D 384 18.17 21.42 16.58
CA ALA D 384 17.62 21.58 17.92
C ALA D 384 16.92 22.93 18.05
N THR D 385 16.12 23.04 19.11
CA THR D 385 15.17 24.14 19.36
C THR D 385 14.08 24.17 18.30
N ASN D 391 15.69 36.97 14.23
CA ASN D 391 14.89 37.27 13.04
C ASN D 391 13.44 37.52 13.43
N PRO D 392 12.95 38.74 13.17
CA PRO D 392 11.57 39.09 13.53
C PRO D 392 10.50 38.31 12.77
N GLY D 393 10.86 37.48 11.80
CA GLY D 393 9.94 36.59 11.14
C GLY D 393 10.18 35.12 11.46
N LEU D 394 9.37 34.29 10.81
CA LEU D 394 9.31 32.86 11.10
C LEU D 394 10.56 32.14 10.56
N THR D 395 11.24 31.40 11.43
CA THR D 395 12.30 30.51 11.01
C THR D 395 11.94 29.10 11.46
N THR D 396 12.11 28.12 10.58
CA THR D 396 11.78 26.75 10.92
C THR D 396 12.51 25.80 9.98
N TYR D 397 12.33 24.51 10.20
CA TYR D 397 12.91 23.46 9.39
C TYR D 397 11.98 22.25 9.43
N TYR D 398 12.24 21.31 8.54
CA TYR D 398 11.44 20.11 8.40
C TYR D 398 12.26 18.91 8.89
N VAL D 399 11.69 18.09 9.77
CA VAL D 399 12.42 16.87 10.11
C VAL D 399 11.55 15.64 9.87
N PRO D 400 12.11 14.52 9.47
CA PRO D 400 11.28 13.32 9.30
C PRO D 400 10.78 12.82 10.64
N TYR D 401 9.59 12.23 10.61
CA TYR D 401 8.98 11.78 11.84
C TYR D 401 8.08 10.60 11.52
N THR D 402 8.15 9.57 12.34
CA THR D 402 7.30 8.40 12.20
C THR D 402 6.57 8.23 13.52
N ASN D 403 5.25 8.09 13.44
CA ASN D 403 4.50 8.08 14.67
C ASN D 403 4.29 6.65 15.15
N ASN D 404 3.75 6.56 16.36
CA ASN D 404 3.32 5.37 17.09
C ASN D 404 2.67 4.29 16.23
N LYS D 405 1.89 4.69 15.22
CA LYS D 405 1.10 3.78 14.40
C LYS D 405 1.80 3.40 13.10
N GLY D 406 2.98 3.96 12.82
CA GLY D 406 3.68 3.70 11.59
C GLY D 406 3.62 4.81 10.54
N GLU D 407 2.90 5.89 10.76
CA GLU D 407 2.75 6.91 9.71
C GLU D 407 3.97 7.81 9.65
N SER D 408 4.61 7.86 8.49
CA SER D 408 5.70 8.79 8.31
C SER D 408 5.17 10.16 7.90
N GLY D 409 6.04 11.16 8.07
CA GLY D 409 5.72 12.50 7.62
C GLY D 409 6.76 13.48 8.11
N VAL D 410 6.33 14.73 8.23
CA VAL D 410 7.22 15.83 8.54
C VAL D 410 6.77 16.48 9.85
N VAL D 411 7.74 16.84 10.67
CA VAL D 411 7.52 17.64 11.85
C VAL D 411 8.10 19.02 11.62
N VAL D 412 7.33 20.03 12.00
CA VAL D 412 7.57 21.45 11.79
C VAL D 412 7.53 22.10 13.15
N PRO D 413 8.68 22.47 13.73
CA PRO D 413 8.67 23.25 14.97
C PRO D 413 8.49 24.72 14.67
N LEU D 414 7.56 25.36 15.37
CA LEU D 414 7.26 26.76 15.16
C LEU D 414 7.36 27.52 16.47
N LEU D 415 7.91 28.71 16.40
CA LEU D 415 7.97 29.59 17.56
C LEU D 415 7.33 30.92 17.14
N LEU D 416 6.11 31.18 17.62
CA LEU D 416 5.36 32.38 17.27
C LEU D 416 4.67 32.95 18.52
N ARG D 417 4.39 34.27 18.48
CA ARG D 417 3.39 34.82 19.38
C ARG D 417 2.16 33.94 19.33
N SER D 418 1.60 33.65 20.52
CA SER D 418 0.47 32.73 20.69
C SER D 418 -0.67 33.03 19.72
N ALA D 419 -1.02 34.30 19.53
CA ALA D 419 -2.13 34.63 18.63
C ALA D 419 -1.78 34.32 17.18
N VAL D 420 -0.60 34.76 16.72
CA VAL D 420 -0.12 34.40 15.39
C VAL D 420 -0.10 32.89 15.24
N MET D 421 0.38 32.20 16.27
CA MET D 421 0.41 30.74 16.29
C MET D 421 -0.98 30.13 16.06
N THR D 422 -2.02 30.60 16.78
CA THR D 422 -3.27 29.88 16.58
C THR D 422 -3.94 30.30 15.27
N ARG D 423 -3.82 31.56 14.85
CA ARG D 423 -4.24 31.85 13.49
C ARG D 423 -3.48 31.01 12.46
N PHE D 424 -2.17 30.80 12.64
CA PHE D 424 -1.42 29.96 11.72
C PHE D 424 -2.01 28.54 11.68
N VAL D 425 -2.25 27.96 12.86
CA VAL D 425 -2.72 26.57 12.87
C VAL D 425 -4.12 26.48 12.30
N ASN D 426 -4.97 27.44 12.64
CA ASN D 426 -6.33 27.46 12.10
C ASN D 426 -6.31 27.54 10.59
N GLU D 427 -5.45 28.39 10.03
CA GLU D 427 -5.39 28.46 8.59
C GLU D 427 -4.91 27.15 7.98
N ILE D 428 -3.94 26.48 8.59
CA ILE D 428 -3.51 25.25 7.93
C ILE D 428 -4.56 24.14 8.11
N ASN D 429 -5.30 24.17 9.22
CA ASN D 429 -6.41 23.22 9.38
C ASN D 429 -7.56 23.51 8.43
N ASN D 430 -7.80 24.79 8.08
CA ASN D 430 -8.78 25.10 7.04
C ASN D 430 -8.35 24.52 5.71
N MET D 431 -7.08 24.74 5.34
CA MET D 431 -6.54 24.12 4.13
C MET D 431 -6.79 22.62 4.16
N LEU D 432 -6.45 21.96 5.26
CA LEU D 432 -6.72 20.53 5.37
C LEU D 432 -8.19 20.19 5.15
N ALA D 433 -9.11 21.01 5.67
CA ALA D 433 -10.53 20.71 5.51
C ALA D 433 -10.94 20.77 4.05
N GLN D 434 -10.56 21.82 3.35
CA GLN D 434 -10.72 21.86 1.89
C GLN D 434 -10.15 20.61 1.25
N VAL D 435 -8.94 20.22 1.65
CA VAL D 435 -8.27 19.09 1.02
C VAL D 435 -9.10 17.83 1.20
N GLN D 436 -9.58 17.60 2.42
CA GLN D 436 -10.44 16.45 2.67
C GLN D 436 -11.79 16.57 1.99
N ASN D 437 -12.13 17.78 1.53
CA ASN D 437 -13.37 17.97 0.77
C ASN D 437 -13.19 17.59 -0.69
N ASN D 438 -12.08 17.99 -1.30
CA ASN D 438 -11.71 17.51 -2.64
C ASN D 438 -11.78 15.99 -2.70
N GLU D 439 -11.06 15.32 -1.81
CA GLU D 439 -11.03 13.86 -1.77
C GLU D 439 -12.25 13.30 -1.06
#